data_1BOS
#
_entry.id   1BOS
#
_cell.length_a   127.500
_cell.length_b   97.700
_cell.length_c   164.200
_cell.angle_alpha   90.00
_cell.angle_beta   90.00
_cell.angle_gamma   90.00
#
_symmetry.space_group_name_H-M   'P 21 21 21'
#
loop_
_entity.id
_entity.type
_entity.pdbx_description
1 polymer 'SHIGA-LIKE TOXIN I B SUBUNIT'
2 branched alpha-D-galactopyranose-(1-4)-beta-D-galactopyranose-(1-4)-beta-D-glucopyranose
3 branched alpha-D-galactopyranose-(1-4)-beta-D-galactopyranose
4 non-polymer beta-D-galactopyranose
5 water water
#
_entity_poly.entity_id   1
_entity_poly.type   'polypeptide(L)'
_entity_poly.pdbx_seq_one_letter_code
;TPDCVTGKVEYTKYNDDDTFTVKVGDKELFTNRWNLQSLLLSAQITGMTVTIKTNACHNGGGFSEVIFR
;
_entity_poly.pdbx_strand_id   A,B,C,D,E,F,G,H,I,J,K,L,M,N,O,P,Q,R,S,T
#
loop_
_chem_comp.id
_chem_comp.type
_chem_comp.name
_chem_comp.formula
BGC D-saccharide, beta linking beta-D-glucopyranose 'C6 H12 O6'
GAL D-saccharide, beta linking beta-D-galactopyranose 'C6 H12 O6'
GLA D-saccharide, alpha linking alpha-D-galactopyranose 'C6 H12 O6'
#
# COMPACT_ATOMS: atom_id res chain seq x y z
N THR A 1 -5.29 8.79 42.81
CA THR A 1 -5.77 7.71 43.65
C THR A 1 -4.92 6.45 43.43
N PRO A 2 -4.41 5.77 44.48
CA PRO A 2 -3.52 4.62 44.29
C PRO A 2 -4.15 3.39 43.60
N ASP A 3 -3.32 2.64 42.89
CA ASP A 3 -3.75 1.36 42.34
C ASP A 3 -4.12 0.43 43.46
N CYS A 4 -5.11 -0.43 43.28
CA CYS A 4 -5.50 -1.35 44.33
C CYS A 4 -5.40 -2.76 43.76
N VAL A 5 -5.98 -3.17 42.60
CA VAL A 5 -5.86 -4.54 42.06
C VAL A 5 -5.86 -4.41 40.57
N THR A 6 -5.18 -5.33 39.89
CA THR A 6 -5.17 -5.40 38.42
C THR A 6 -5.39 -6.85 38.09
N GLY A 7 -6.25 -7.20 37.14
CA GLY A 7 -6.48 -8.59 36.80
C GLY A 7 -7.67 -8.67 35.87
N LYS A 8 -8.10 -9.86 35.56
CA LYS A 8 -9.29 -10.03 34.76
C LYS A 8 -10.47 -10.05 35.77
N VAL A 9 -11.68 -9.71 35.37
CA VAL A 9 -12.84 -9.78 36.25
C VAL A 9 -13.20 -11.22 36.47
N GLU A 10 -13.20 -11.61 37.72
CA GLU A 10 -13.59 -12.98 38.03
C GLU A 10 -15.11 -13.30 38.05
N TYR A 11 -15.92 -12.38 38.57
CA TYR A 11 -17.39 -12.38 38.50
C TYR A 11 -17.84 -10.95 38.84
N THR A 12 -19.07 -10.64 38.47
CA THR A 12 -19.73 -9.42 38.84
C THR A 12 -21.03 -9.77 39.56
N LYS A 13 -21.62 -8.90 40.36
CA LYS A 13 -22.88 -9.19 41.04
C LYS A 13 -23.75 -7.93 41.08
N TYR A 14 -25.04 -8.05 40.81
CA TYR A 14 -25.97 -6.94 40.86
C TYR A 14 -26.56 -7.00 42.24
N ASN A 15 -26.59 -5.89 42.99
CA ASN A 15 -26.94 -5.89 44.40
C ASN A 15 -28.33 -5.35 44.59
N ASP A 16 -28.95 -5.63 45.73
CA ASP A 16 -30.31 -5.25 45.98
C ASP A 16 -30.59 -3.74 46.01
N ASP A 17 -29.58 -2.91 46.24
CA ASP A 17 -29.73 -1.47 46.28
C ASP A 17 -29.22 -0.84 45.02
N ASP A 18 -29.13 -1.59 43.89
CA ASP A 18 -28.62 -1.14 42.58
C ASP A 18 -27.16 -0.75 42.54
N THR A 19 -26.35 -1.18 43.50
CA THR A 19 -24.89 -0.98 43.33
C THR A 19 -24.39 -2.24 42.61
N PHE A 20 -23.12 -2.29 42.25
CA PHE A 20 -22.61 -3.42 41.45
C PHE A 20 -21.30 -3.87 42.06
N THR A 21 -21.12 -5.16 42.35
CA THR A 21 -19.89 -5.71 42.93
C THR A 21 -19.07 -6.40 41.86
N VAL A 22 -17.73 -6.33 41.98
CA VAL A 22 -16.80 -6.91 41.06
C VAL A 22 -15.72 -7.67 41.83
N LYS A 23 -15.16 -8.78 41.38
CA LYS A 23 -14.06 -9.46 42.09
C LYS A 23 -12.91 -9.47 41.09
N VAL A 24 -11.83 -8.80 41.42
CA VAL A 24 -10.68 -8.67 40.54
C VAL A 24 -9.53 -9.02 41.46
N GLY A 25 -8.66 -9.94 41.05
CA GLY A 25 -7.54 -10.33 41.89
C GLY A 25 -8.11 -11.04 43.09
N ASP A 26 -7.74 -10.53 44.26
CA ASP A 26 -8.14 -11.12 45.54
C ASP A 26 -9.10 -10.24 46.33
N LYS A 27 -9.56 -9.12 45.75
CA LYS A 27 -10.44 -8.19 46.44
C LYS A 27 -11.85 -8.24 45.85
N GLU A 28 -12.88 -8.04 46.64
CA GLU A 28 -14.24 -7.96 46.17
C GLU A 28 -14.61 -6.50 46.46
N LEU A 29 -14.96 -5.65 45.46
CA LEU A 29 -15.21 -4.24 45.69
C LEU A 29 -16.58 -3.84 45.11
N PHE A 30 -17.21 -2.70 45.39
CA PHE A 30 -18.47 -2.35 44.77
C PHE A 30 -18.41 -0.92 44.23
N THR A 31 -19.30 -0.51 43.32
CA THR A 31 -19.34 0.88 42.89
C THR A 31 -20.83 1.20 42.85
N ASN A 32 -21.12 2.47 43.11
CA ASN A 32 -22.49 2.95 43.05
C ASN A 32 -22.73 3.70 41.73
N ARG A 33 -21.77 3.83 40.79
CA ARG A 33 -21.94 4.56 39.55
C ARG A 33 -22.68 3.67 38.55
N TRP A 34 -23.93 3.91 38.19
CA TRP A 34 -24.66 3.08 37.26
C TRP A 34 -23.97 3.03 35.90
N ASN A 35 -23.30 4.04 35.41
CA ASN A 35 -22.59 3.98 34.13
C ASN A 35 -21.56 2.89 34.07
N LEU A 36 -20.97 2.44 35.17
CA LEU A 36 -19.93 1.41 35.11
C LEU A 36 -20.49 -0.02 34.96
N GLN A 37 -21.78 -0.31 35.13
CA GLN A 37 -22.31 -1.65 35.12
C GLN A 37 -22.16 -2.28 33.79
N SER A 38 -22.63 -1.76 32.65
CA SER A 38 -22.38 -2.43 31.38
C SER A 38 -20.89 -2.38 30.92
N LEU A 39 -20.10 -1.35 31.26
CA LEU A 39 -18.73 -1.28 30.90
C LEU A 39 -17.99 -2.44 31.59
N LEU A 40 -18.19 -2.67 32.89
CA LEU A 40 -17.53 -3.79 33.56
C LEU A 40 -18.09 -5.13 33.07
N LEU A 41 -19.38 -5.37 32.75
CA LEU A 41 -19.77 -6.67 32.25
C LEU A 41 -19.14 -6.86 30.86
N SER A 42 -19.00 -5.84 29.98
CA SER A 42 -18.29 -6.00 28.70
C SER A 42 -16.83 -6.35 28.90
N ALA A 43 -16.16 -5.74 29.88
CA ALA A 43 -14.78 -6.11 30.20
C ALA A 43 -14.70 -7.58 30.68
N GLN A 44 -15.72 -8.06 31.42
CA GLN A 44 -15.73 -9.43 31.87
C GLN A 44 -15.91 -10.39 30.70
N ILE A 45 -16.93 -10.19 29.88
CA ILE A 45 -17.23 -11.02 28.72
C ILE A 45 -16.06 -11.06 27.75
N THR A 46 -15.35 -9.97 27.42
CA THR A 46 -14.30 -10.03 26.44
C THR A 46 -12.95 -10.28 27.07
N GLY A 47 -12.80 -10.55 28.37
CA GLY A 47 -11.50 -10.87 28.95
C GLY A 47 -10.54 -9.69 29.04
N MET A 48 -10.96 -8.43 29.20
CA MET A 48 -10.01 -7.32 29.33
C MET A 48 -9.35 -7.39 30.72
N THR A 49 -8.22 -6.72 30.84
CA THR A 49 -7.51 -6.61 32.12
C THR A 49 -7.93 -5.27 32.69
N VAL A 50 -8.40 -5.16 33.94
CA VAL A 50 -8.80 -3.86 34.49
C VAL A 50 -7.91 -3.55 35.71
N THR A 51 -7.64 -2.26 35.97
CA THR A 51 -6.98 -1.80 37.17
C THR A 51 -7.98 -0.93 37.93
N ILE A 52 -8.25 -1.27 39.19
CA ILE A 52 -9.14 -0.46 40.02
C ILE A 52 -8.29 0.38 40.98
N LYS A 53 -8.55 1.68 41.01
CA LYS A 53 -7.85 2.66 41.83
C LYS A 53 -8.81 3.07 42.94
N THR A 54 -8.41 2.92 44.21
CA THR A 54 -9.24 3.28 45.35
C THR A 54 -8.40 3.28 46.62
N ASN A 55 -8.78 4.21 47.53
CA ASN A 55 -8.18 4.26 48.86
C ASN A 55 -8.82 3.22 49.77
N ALA A 56 -10.03 2.69 49.48
CA ALA A 56 -10.66 1.67 50.28
C ALA A 56 -10.25 0.34 49.68
N CYS A 57 -8.93 0.00 49.63
CA CYS A 57 -8.50 -1.25 49.03
C CYS A 57 -8.57 -2.43 49.98
N HIS A 58 -9.78 -2.94 50.26
CA HIS A 58 -10.02 -4.05 51.15
C HIS A 58 -11.31 -4.71 50.76
N ASN A 59 -11.66 -5.93 51.13
CA ASN A 59 -12.96 -6.48 50.73
C ASN A 59 -14.12 -5.62 51.24
N GLY A 60 -15.06 -5.28 50.36
CA GLY A 60 -16.19 -4.48 50.74
C GLY A 60 -15.95 -3.03 50.46
N GLY A 61 -14.73 -2.68 50.03
CA GLY A 61 -14.43 -1.29 49.72
C GLY A 61 -15.12 -0.77 48.45
N GLY A 62 -15.36 0.55 48.36
CA GLY A 62 -15.98 1.13 47.18
C GLY A 62 -14.94 1.69 46.23
N PHE A 63 -15.30 1.88 44.94
CA PHE A 63 -14.39 2.49 43.97
C PHE A 63 -15.22 3.24 42.94
N SER A 64 -14.54 4.06 42.16
CA SER A 64 -15.19 4.68 41.00
C SER A 64 -14.20 4.77 39.83
N GLU A 65 -12.87 4.64 40.02
CA GLU A 65 -11.91 4.76 38.96
C GLU A 65 -11.47 3.41 38.46
N VAL A 66 -11.60 3.15 37.16
CA VAL A 66 -11.24 1.87 36.55
C VAL A 66 -10.45 2.16 35.28
N ILE A 67 -9.32 1.49 34.99
CA ILE A 67 -8.64 1.60 33.73
C ILE A 67 -8.93 0.32 32.95
N PHE A 68 -9.30 0.39 31.66
CA PHE A 68 -9.60 -0.79 30.84
C PHE A 68 -8.50 -0.95 29.77
N ARG A 69 -7.74 -2.06 29.84
CA ARG A 69 -6.64 -2.48 28.98
C ARG A 69 -7.03 -3.77 28.23
N THR B 1 -13.12 21.91 13.53
CA THR B 1 -12.16 21.71 14.61
C THR B 1 -10.97 20.91 14.12
N PRO B 2 -9.74 21.25 14.37
CA PRO B 2 -8.61 20.51 13.83
C PRO B 2 -8.42 19.06 14.31
N ASP B 3 -7.90 18.18 13.47
CA ASP B 3 -7.52 16.84 13.92
C ASP B 3 -6.45 16.97 15.00
N CYS B 4 -6.40 16.06 15.95
CA CYS B 4 -5.41 16.07 16.98
C CYS B 4 -4.66 14.74 16.99
N VAL B 5 -5.27 13.56 17.03
CA VAL B 5 -4.56 12.27 17.02
C VAL B 5 -5.47 11.31 16.30
N THR B 6 -4.85 10.31 15.64
CA THR B 6 -5.58 9.23 14.97
C THR B 6 -4.89 7.96 15.37
N GLY B 7 -5.60 6.90 15.72
CA GLY B 7 -4.93 5.66 16.09
C GLY B 7 -5.93 4.73 16.72
N LYS B 8 -5.47 3.63 17.24
CA LYS B 8 -6.35 2.70 17.93
C LYS B 8 -6.38 3.17 19.40
N VAL B 9 -7.43 2.84 20.19
CA VAL B 9 -7.52 3.22 21.58
C VAL B 9 -6.58 2.30 22.34
N GLU B 10 -5.57 2.83 23.05
CA GLU B 10 -4.66 2.02 23.82
C GLU B 10 -5.35 1.56 25.16
N TYR B 11 -5.96 2.51 25.94
CA TYR B 11 -6.77 2.23 27.12
C TYR B 11 -7.79 3.35 27.30
N THR B 12 -8.83 3.05 28.09
CA THR B 12 -9.80 4.02 28.50
C THR B 12 -9.83 4.06 30.02
N LYS B 13 -10.28 5.12 30.71
CA LYS B 13 -10.35 5.17 32.15
C LYS B 13 -11.62 5.87 32.61
N TYR B 14 -12.37 5.35 33.58
CA TYR B 14 -13.58 5.98 34.11
C TYR B 14 -13.06 6.80 35.28
N ASN B 15 -13.44 8.08 35.31
CA ASN B 15 -12.91 9.03 36.30
C ASN B 15 -13.83 9.28 37.46
N ASP B 16 -13.31 9.73 38.61
CA ASP B 16 -14.12 9.94 39.80
C ASP B 16 -15.29 10.91 39.68
N ASP B 17 -15.24 11.83 38.70
CA ASP B 17 -16.31 12.81 38.46
C ASP B 17 -17.17 12.45 37.25
N ASP B 18 -17.20 11.15 36.87
CA ASP B 18 -17.95 10.61 35.74
C ASP B 18 -17.50 11.12 34.38
N THR B 19 -16.32 11.71 34.24
CA THR B 19 -15.81 11.98 32.90
C THR B 19 -15.05 10.70 32.45
N PHE B 20 -14.59 10.58 31.19
CA PHE B 20 -13.98 9.36 30.65
C PHE B 20 -12.71 9.74 29.96
N THR B 21 -11.60 9.09 30.24
CA THR B 21 -10.31 9.41 29.61
C THR B 21 -9.96 8.34 28.58
N VAL B 22 -9.26 8.74 27.52
CA VAL B 22 -8.92 7.85 26.44
C VAL B 22 -7.44 8.10 26.06
N LYS B 23 -6.64 7.10 25.69
CA LYS B 23 -5.27 7.34 25.23
C LYS B 23 -5.25 6.85 23.80
N VAL B 24 -4.97 7.76 22.86
CA VAL B 24 -4.95 7.43 21.44
C VAL B 24 -3.64 8.07 20.98
N GLY B 25 -2.79 7.34 20.27
CA GLY B 25 -1.55 7.95 19.83
C GLY B 25 -0.70 8.18 21.07
N ASP B 26 -0.22 9.40 21.16
CA ASP B 26 0.65 9.81 22.25
C ASP B 26 -0.01 10.80 23.21
N LYS B 27 -1.33 11.05 23.11
CA LYS B 27 -2.04 12.03 23.92
C LYS B 27 -3.04 11.28 24.79
N GLU B 28 -3.26 11.77 26.00
CA GLU B 28 -4.27 11.25 26.90
C GLU B 28 -5.27 12.41 26.97
N LEU B 29 -6.53 12.22 26.63
CA LEU B 29 -7.53 13.28 26.57
C LEU B 29 -8.78 12.86 27.31
N PHE B 30 -9.73 13.72 27.73
CA PHE B 30 -10.93 13.27 28.45
C PHE B 30 -12.20 13.86 27.80
N THR B 31 -13.39 13.26 27.95
CA THR B 31 -14.58 13.88 27.48
C THR B 31 -15.59 13.87 28.63
N ASN B 32 -16.48 14.88 28.65
CA ASN B 32 -17.51 14.91 29.67
C ASN B 32 -18.85 14.47 29.07
N ARG B 33 -18.92 14.03 27.81
CA ARG B 33 -20.19 13.61 27.22
C ARG B 33 -20.46 12.17 27.57
N TRP B 34 -21.48 11.84 28.37
CA TRP B 34 -21.72 10.49 28.80
C TRP B 34 -22.06 9.61 27.62
N ASN B 35 -22.72 10.06 26.58
CA ASN B 35 -22.98 9.25 25.38
C ASN B 35 -21.73 8.62 24.74
N LEU B 36 -20.55 9.24 24.86
CA LEU B 36 -19.36 8.70 24.27
C LEU B 36 -18.72 7.51 25.01
N GLN B 37 -19.09 7.20 26.24
CA GLN B 37 -18.42 6.18 27.03
C GLN B 37 -18.60 4.80 26.41
N SER B 38 -19.79 4.33 26.08
CA SER B 38 -19.88 3.00 25.51
C SER B 38 -19.44 2.98 24.04
N LEU B 39 -19.61 4.10 23.30
CA LEU B 39 -19.12 4.17 21.96
C LEU B 39 -17.60 3.99 21.96
N LEU B 40 -16.87 4.71 22.81
CA LEU B 40 -15.41 4.53 22.81
C LEU B 40 -14.99 3.16 23.36
N LEU B 41 -15.66 2.53 24.34
CA LEU B 41 -15.24 1.20 24.77
C LEU B 41 -15.51 0.19 23.66
N SER B 42 -16.56 0.28 22.86
CA SER B 42 -16.79 -0.62 21.71
C SER B 42 -15.72 -0.43 20.67
N ALA B 43 -15.29 0.81 20.42
CA ALA B 43 -14.21 1.05 19.47
C ALA B 43 -12.92 0.38 20.01
N GLN B 44 -12.71 0.40 21.30
CA GLN B 44 -11.52 -0.19 21.87
C GLN B 44 -11.55 -1.70 21.71
N ILE B 45 -12.60 -2.31 22.23
CA ILE B 45 -12.81 -3.75 22.11
C ILE B 45 -12.72 -4.22 20.65
N THR B 46 -13.35 -3.61 19.61
CA THR B 46 -13.26 -4.14 18.26
C THR B 46 -12.07 -3.59 17.47
N GLY B 47 -11.11 -2.82 18.05
CA GLY B 47 -9.96 -2.34 17.34
C GLY B 47 -10.24 -1.32 16.24
N MET B 48 -11.24 -0.46 16.34
CA MET B 48 -11.47 0.58 15.34
C MET B 48 -10.38 1.63 15.42
N THR B 49 -10.20 2.39 14.35
CA THR B 49 -9.23 3.48 14.33
C THR B 49 -10.06 4.72 14.60
N VAL B 50 -9.72 5.62 15.55
CA VAL B 50 -10.55 6.79 15.82
C VAL B 50 -9.71 8.02 15.54
N THR B 51 -10.33 9.12 15.15
CA THR B 51 -9.62 10.42 15.02
C THR B 51 -10.31 11.36 15.98
N ILE B 52 -9.55 11.98 16.90
CA ILE B 52 -10.14 12.94 17.84
C ILE B 52 -9.81 14.36 17.39
N LYS B 53 -10.82 15.21 17.32
CA LYS B 53 -10.67 16.57 16.86
C LYS B 53 -10.85 17.47 18.06
N THR B 54 -9.88 18.34 18.35
CA THR B 54 -9.94 19.25 19.49
C THR B 54 -8.85 20.32 19.37
N ASN B 55 -9.17 21.48 19.94
CA ASN B 55 -8.24 22.59 20.02
C ASN B 55 -7.36 22.41 21.21
N ALA B 56 -7.76 21.66 22.24
CA ALA B 56 -6.89 21.44 23.38
C ALA B 56 -6.07 20.16 23.10
N CYS B 57 -5.22 20.18 22.06
CA CYS B 57 -4.48 18.99 21.72
C CYS B 57 -3.19 18.81 22.52
N HIS B 58 -3.32 18.43 23.79
CA HIS B 58 -2.19 18.25 24.69
C HIS B 58 -2.63 17.27 25.77
N ASN B 59 -1.71 16.65 26.54
CA ASN B 59 -2.20 15.76 27.62
C ASN B 59 -3.11 16.47 28.60
N GLY B 60 -4.25 15.87 28.90
CA GLY B 60 -5.19 16.46 29.83
C GLY B 60 -6.23 17.30 29.15
N GLY B 61 -6.11 17.48 27.83
CA GLY B 61 -7.08 18.27 27.06
C GLY B 61 -8.45 17.58 26.96
N GLY B 62 -9.50 18.37 26.76
CA GLY B 62 -10.81 17.81 26.59
C GLY B 62 -11.18 17.71 25.11
N PHE B 63 -12.16 16.88 24.78
CA PHE B 63 -12.68 16.77 23.43
C PHE B 63 -14.16 16.40 23.42
N SER B 64 -14.80 16.49 22.27
CA SER B 64 -16.12 15.98 22.09
C SER B 64 -16.31 15.41 20.71
N GLU B 65 -15.45 15.71 19.75
CA GLU B 65 -15.62 15.23 18.39
C GLU B 65 -14.76 14.03 18.12
N VAL B 66 -15.33 12.91 17.66
CA VAL B 66 -14.59 11.69 17.41
C VAL B 66 -15.07 11.13 16.10
N ILE B 67 -14.21 10.67 15.19
CA ILE B 67 -14.61 9.96 13.96
C ILE B 67 -14.27 8.47 14.18
N PHE B 68 -15.21 7.55 13.89
CA PHE B 68 -14.99 6.14 14.04
C PHE B 68 -14.88 5.46 12.67
N ARG B 69 -13.69 4.95 12.30
CA ARG B 69 -13.43 4.24 11.04
C ARG B 69 -13.23 2.72 11.31
N THR C 1 -41.73 8.57 3.44
CA THR C 1 -40.55 9.35 3.17
C THR C 1 -39.67 8.62 2.13
N PRO C 2 -39.15 9.27 1.09
CA PRO C 2 -38.40 8.56 0.05
C PRO C 2 -37.05 8.00 0.48
N ASP C 3 -36.66 6.88 -0.12
CA ASP C 3 -35.33 6.33 0.11
C ASP C 3 -34.29 7.38 -0.32
N CYS C 4 -33.14 7.46 0.29
CA CYS C 4 -32.12 8.38 -0.13
C CYS C 4 -30.84 7.60 -0.40
N VAL C 5 -30.24 6.77 0.49
CA VAL C 5 -29.05 5.97 0.21
C VAL C 5 -29.20 4.63 0.86
N THR C 6 -28.61 3.58 0.29
CA THR C 6 -28.58 2.24 0.86
C THR C 6 -27.14 1.81 0.75
N GLY C 7 -26.55 1.20 1.77
CA GLY C 7 -25.17 0.76 1.69
C GLY C 7 -24.67 0.39 3.08
N LYS C 8 -23.40 0.10 3.21
CA LYS C 8 -22.83 -0.21 4.52
C LYS C 8 -22.36 1.11 5.07
N VAL C 9 -22.32 1.28 6.39
CA VAL C 9 -21.84 2.51 6.98
C VAL C 9 -20.35 2.60 6.75
N GLU C 10 -19.86 3.61 6.06
CA GLU C 10 -18.42 3.81 5.88
C GLU C 10 -17.72 4.40 7.09
N TYR C 11 -18.23 5.44 7.79
CA TYR C 11 -17.76 5.95 9.09
C TYR C 11 -18.91 6.64 9.79
N THR C 12 -18.77 6.82 11.10
CA THR C 12 -19.73 7.61 11.90
C THR C 12 -18.95 8.72 12.60
N LYS C 13 -19.55 9.83 13.02
CA LYS C 13 -18.81 10.90 13.70
C LYS C 13 -19.69 11.50 14.82
N TYR C 14 -19.17 11.64 16.05
CA TYR C 14 -19.87 12.27 17.15
C TYR C 14 -19.55 13.78 17.02
N ASN C 15 -20.61 14.61 17.05
CA ASN C 15 -20.48 16.01 16.78
C ASN C 15 -20.47 16.84 18.02
N ASP C 16 -19.89 18.05 17.99
CA ASP C 16 -19.80 18.91 19.18
C ASP C 16 -21.13 19.29 19.85
N ASP C 17 -22.26 19.24 19.13
CA ASP C 17 -23.58 19.52 19.69
C ASP C 17 -24.40 18.26 19.98
N ASP C 18 -23.72 17.11 20.19
CA ASP C 18 -24.33 15.82 20.46
C ASP C 18 -25.21 15.29 19.35
N THR C 19 -25.10 15.75 18.10
CA THR C 19 -25.79 15.06 16.99
C THR C 19 -24.78 14.02 16.48
N PHE C 20 -25.20 13.15 15.56
CA PHE C 20 -24.30 12.08 15.10
C PHE C 20 -24.29 12.06 13.57
N THR C 21 -23.17 12.04 12.89
CA THR C 21 -23.09 12.00 11.44
C THR C 21 -22.79 10.56 10.98
N VAL C 22 -23.27 10.18 9.82
CA VAL C 22 -23.07 8.86 9.22
C VAL C 22 -22.72 9.02 7.72
N LYS C 23 -21.83 8.23 7.13
CA LYS C 23 -21.56 8.31 5.70
C LYS C 23 -22.00 6.97 5.11
N VAL C 24 -23.01 6.95 4.24
CA VAL C 24 -23.53 5.74 3.67
C VAL C 24 -23.59 6.08 2.20
N GLY C 25 -23.08 5.22 1.35
CA GLY C 25 -23.09 5.54 -0.06
C GLY C 25 -22.18 6.72 -0.31
N ASP C 26 -22.78 7.72 -0.95
CA ASP C 26 -22.01 8.92 -1.34
C ASP C 26 -22.48 10.16 -0.58
N LYS C 27 -23.38 9.98 0.41
CA LYS C 27 -23.94 11.12 1.14
C LYS C 27 -23.44 11.08 2.59
N GLU C 28 -23.19 12.25 3.16
CA GLU C 28 -22.86 12.39 4.57
C GLU C 28 -24.11 13.06 5.22
N LEU C 29 -24.83 12.43 6.15
CA LEU C 29 -26.07 12.92 6.73
C LEU C 29 -25.99 12.93 8.25
N PHE C 30 -26.84 13.61 9.01
CA PHE C 30 -26.70 13.63 10.47
C PHE C 30 -28.07 13.35 11.09
N THR C 31 -28.18 12.93 12.35
CA THR C 31 -29.47 12.81 12.99
C THR C 31 -29.28 13.42 14.38
N ASN C 32 -30.37 13.96 14.89
CA ASN C 32 -30.35 14.50 16.24
C ASN C 32 -31.00 13.55 17.24
N ARG C 33 -31.42 12.35 16.86
CA ARG C 33 -32.07 11.42 17.78
C ARG C 33 -31.02 10.63 18.55
N TRP C 34 -30.89 10.82 19.87
CA TRP C 34 -29.83 10.14 20.59
C TRP C 34 -29.99 8.63 20.56
N ASN C 35 -31.19 8.09 20.50
CA ASN C 35 -31.43 6.66 20.43
C ASN C 35 -30.74 6.00 19.25
N LEU C 36 -30.54 6.70 18.12
CA LEU C 36 -29.90 6.08 16.94
C LEU C 36 -28.35 5.92 17.06
N GLN C 37 -27.65 6.57 17.98
CA GLN C 37 -26.20 6.54 18.03
C GLN C 37 -25.70 5.12 18.26
N SER C 38 -26.07 4.36 19.29
CA SER C 38 -25.54 3.02 19.41
C SER C 38 -26.11 2.04 18.40
N LEU C 39 -27.34 2.24 17.90
CA LEU C 39 -27.90 1.37 16.84
C LEU C 39 -27.04 1.51 15.57
N LEU C 40 -26.70 2.73 15.13
CA LEU C 40 -25.85 2.92 13.94
C LEU C 40 -24.43 2.44 14.19
N LEU C 41 -23.76 2.63 15.34
CA LEU C 41 -22.43 2.08 15.52
C LEU C 41 -22.49 0.53 15.53
N SER C 42 -23.53 -0.12 16.06
CA SER C 42 -23.64 -1.57 15.98
C SER C 42 -23.82 -2.02 14.53
N ALA C 43 -24.59 -1.29 13.73
CA ALA C 43 -24.72 -1.58 12.34
C ALA C 43 -23.36 -1.44 11.64
N GLN C 44 -22.56 -0.44 12.00
CA GLN C 44 -21.26 -0.25 11.37
C GLN C 44 -20.31 -1.38 11.76
N ILE C 45 -20.10 -1.66 13.05
CA ILE C 45 -19.28 -2.76 13.51
C ILE C 45 -19.72 -4.10 12.88
N THR C 46 -21.00 -4.50 12.79
CA THR C 46 -21.32 -5.82 12.29
C THR C 46 -21.54 -5.85 10.76
N GLY C 47 -21.29 -4.73 10.03
CA GLY C 47 -21.43 -4.71 8.58
C GLY C 47 -22.86 -4.83 8.07
N MET C 48 -23.89 -4.32 8.76
CA MET C 48 -25.26 -4.38 8.26
C MET C 48 -25.41 -3.42 7.07
N THR C 49 -26.46 -3.60 6.26
CA THR C 49 -26.75 -2.74 5.12
C THR C 49 -27.85 -1.87 5.64
N VAL C 50 -27.78 -0.55 5.58
CA VAL C 50 -28.85 0.33 6.09
C VAL C 50 -29.41 1.17 4.95
N THR C 51 -30.71 1.51 5.01
CA THR C 51 -31.34 2.39 4.03
C THR C 51 -31.79 3.60 4.81
N ILE C 52 -31.33 4.80 4.42
CA ILE C 52 -31.77 6.02 5.08
C ILE C 52 -32.85 6.71 4.25
N LYS C 53 -34.00 7.03 4.86
CA LYS C 53 -35.10 7.70 4.21
C LYS C 53 -35.14 9.15 4.65
N THR C 54 -35.09 10.11 3.74
CA THR C 54 -35.13 11.52 4.08
C THR C 54 -35.40 12.36 2.84
N ASN C 55 -36.09 13.49 3.05
CA ASN C 55 -36.33 14.47 2.00
C ASN C 55 -35.13 15.35 1.85
N ALA C 56 -34.28 15.51 2.86
CA ALA C 56 -33.06 16.31 2.71
C ALA C 56 -31.94 15.37 2.18
N CYS C 57 -32.11 14.77 1.01
CA CYS C 57 -31.11 13.86 0.50
C CYS C 57 -29.92 14.53 -0.18
N HIS C 58 -29.01 15.14 0.59
CA HIS C 58 -27.88 15.86 0.06
C HIS C 58 -26.83 15.90 1.16
N ASN C 59 -25.54 16.21 0.92
CA ASN C 59 -24.57 16.28 2.02
C ASN C 59 -25.01 17.31 3.06
N GLY C 60 -24.98 16.93 4.32
CA GLY C 60 -25.32 17.83 5.40
C GLY C 60 -26.80 17.68 5.77
N GLY C 61 -27.60 16.88 5.04
CA GLY C 61 -29.00 16.71 5.28
C GLY C 61 -29.26 15.93 6.54
N GLY C 62 -30.41 16.11 7.18
CA GLY C 62 -30.73 15.42 8.40
C GLY C 62 -31.64 14.27 8.10
N PHE C 63 -31.75 13.32 9.02
CA PHE C 63 -32.63 12.17 8.84
C PHE C 63 -33.10 11.65 10.22
N SER C 64 -34.15 10.81 10.21
CA SER C 64 -34.52 10.11 11.39
C SER C 64 -34.97 8.69 11.05
N GLU C 65 -35.25 8.35 9.80
CA GLU C 65 -35.75 7.02 9.49
C GLU C 65 -34.63 6.17 8.93
N VAL C 66 -34.37 4.98 9.49
CA VAL C 66 -33.31 4.09 9.05
C VAL C 66 -33.89 2.68 8.98
N ILE C 67 -33.64 1.85 7.96
CA ILE C 67 -34.02 0.45 7.95
C ILE C 67 -32.77 -0.34 8.12
N PHE C 68 -32.73 -1.36 8.99
CA PHE C 68 -31.53 -2.12 9.22
C PHE C 68 -31.74 -3.53 8.70
N ARG C 69 -31.06 -3.99 7.64
CA ARG C 69 -31.07 -5.45 7.38
C ARG C 69 -29.68 -6.04 7.47
N THR D 1 -51.43 -12.91 27.03
CA THR D 1 -51.59 -12.33 25.70
C THR D 1 -51.23 -13.40 24.64
N PRO D 2 -52.02 -13.63 23.57
CA PRO D 2 -51.74 -14.68 22.61
C PRO D 2 -50.46 -14.51 21.76
N ASP D 3 -49.83 -15.63 21.41
CA ASP D 3 -48.73 -15.58 20.45
C ASP D 3 -49.21 -14.99 19.12
N CYS D 4 -48.37 -14.26 18.41
CA CYS D 4 -48.74 -13.72 17.12
C CYS D 4 -47.78 -14.22 16.04
N VAL D 5 -46.46 -14.09 16.15
CA VAL D 5 -45.54 -14.58 15.14
C VAL D 5 -44.31 -15.05 15.86
N THR D 6 -43.59 -16.04 15.30
CA THR D 6 -42.33 -16.52 15.85
C THR D 6 -41.41 -16.63 14.63
N GLY D 7 -40.14 -16.24 14.71
CA GLY D 7 -39.25 -16.33 13.58
C GLY D 7 -38.02 -15.50 13.84
N LYS D 8 -37.15 -15.37 12.87
CA LYS D 8 -35.97 -14.55 13.02
C LYS D 8 -36.34 -13.15 12.60
N VAL D 9 -35.68 -12.09 13.07
CA VAL D 9 -36.05 -10.72 12.66
C VAL D 9 -35.59 -10.48 11.19
N GLU D 10 -36.51 -10.26 10.21
CA GLU D 10 -36.08 -9.96 8.84
C GLU D 10 -35.43 -8.56 8.68
N TYR D 11 -36.01 -7.47 9.25
CA TYR D 11 -35.44 -6.13 9.33
C TYR D 11 -36.09 -5.38 10.50
N THR D 12 -35.44 -4.29 10.94
CA THR D 12 -35.99 -3.39 11.91
C THR D 12 -36.00 -1.99 11.29
N LYS D 13 -36.83 -1.04 11.74
CA LYS D 13 -36.86 0.31 11.18
C LYS D 13 -37.06 1.34 12.30
N TYR D 14 -36.27 2.43 12.33
CA TYR D 14 -36.44 3.50 13.30
C TYR D 14 -37.44 4.50 12.63
N ASN D 15 -38.49 4.89 13.34
CA ASN D 15 -39.55 5.67 12.77
C ASN D 15 -39.43 7.13 13.20
N ASP D 16 -40.06 8.04 12.44
CA ASP D 16 -39.94 9.46 12.68
C ASP D 16 -40.45 9.93 14.05
N ASP D 17 -41.36 9.22 14.70
CA ASP D 17 -41.86 9.58 16.05
C ASP D 17 -41.17 8.78 17.17
N ASP D 18 -39.94 8.29 16.97
CA ASP D 18 -39.21 7.43 17.87
C ASP D 18 -39.85 6.08 18.23
N THR D 19 -40.87 5.56 17.52
CA THR D 19 -41.26 4.17 17.74
C THR D 19 -40.34 3.26 16.88
N PHE D 20 -40.43 1.93 17.00
CA PHE D 20 -39.50 1.07 16.28
C PHE D 20 -40.33 -0.05 15.62
N THR D 21 -40.15 -0.32 14.33
CA THR D 21 -40.87 -1.35 13.60
C THR D 21 -39.99 -2.59 13.43
N VAL D 22 -40.60 -3.79 13.43
CA VAL D 22 -39.88 -5.03 13.28
C VAL D 22 -40.66 -5.89 12.27
N LYS D 23 -40.03 -6.73 11.44
CA LYS D 23 -40.76 -7.65 10.59
C LYS D 23 -40.30 -9.03 11.02
N VAL D 24 -41.22 -9.86 11.49
CA VAL D 24 -40.91 -11.19 11.93
C VAL D 24 -41.96 -12.01 11.25
N GLY D 25 -41.57 -13.11 10.58
CA GLY D 25 -42.57 -13.94 9.92
C GLY D 25 -43.15 -13.13 8.77
N ASP D 26 -44.47 -13.03 8.77
CA ASP D 26 -45.20 -12.34 7.70
C ASP D 26 -45.90 -11.07 8.19
N LYS D 27 -45.63 -10.62 9.44
CA LYS D 27 -46.25 -9.44 9.99
C LYS D 27 -45.22 -8.34 10.20
N GLU D 28 -45.62 -7.09 10.02
CA GLU D 28 -44.78 -5.94 10.31
C GLU D 28 -45.45 -5.27 11.50
N LEU D 29 -44.83 -5.12 12.66
CA LEU D 29 -45.46 -4.61 13.86
C LEU D 29 -44.57 -3.50 14.45
N PHE D 30 -45.03 -2.67 15.39
CA PHE D 30 -44.21 -1.61 15.94
C PHE D 30 -44.30 -1.62 17.48
N THR D 31 -43.34 -1.02 18.22
CA THR D 31 -43.48 -0.90 19.65
C THR D 31 -43.07 0.51 19.97
N ASN D 32 -43.70 1.06 21.01
CA ASN D 32 -43.35 2.36 21.47
C ASN D 32 -42.44 2.31 22.71
N ARG D 33 -42.02 1.11 23.16
CA ARG D 33 -41.15 1.01 24.35
C ARG D 33 -39.69 1.25 23.99
N TRP D 34 -39.03 2.33 24.38
CA TRP D 34 -37.67 2.61 23.95
C TRP D 34 -36.68 1.56 24.41
N ASN D 35 -36.84 0.94 25.57
CA ASN D 35 -36.04 -0.16 26.04
C ASN D 35 -35.94 -1.32 25.05
N LEU D 36 -36.99 -1.64 24.25
CA LEU D 36 -36.88 -2.72 23.30
C LEU D 36 -36.03 -2.48 22.03
N GLN D 37 -35.66 -1.25 21.68
CA GLN D 37 -34.89 -0.96 20.49
C GLN D 37 -33.53 -1.69 20.49
N SER D 38 -32.58 -1.53 21.41
CA SER D 38 -31.36 -2.26 21.31
C SER D 38 -31.50 -3.76 21.58
N LEU D 39 -32.51 -4.19 22.32
CA LEU D 39 -32.69 -5.62 22.58
C LEU D 39 -33.10 -6.27 21.26
N LEU D 40 -34.03 -5.66 20.47
CA LEU D 40 -34.42 -6.23 19.19
C LEU D 40 -33.28 -6.12 18.17
N LEU D 41 -32.43 -5.07 18.12
CA LEU D 41 -31.38 -5.04 17.15
C LEU D 41 -30.38 -6.11 17.53
N SER D 42 -30.13 -6.38 18.83
CA SER D 42 -29.17 -7.46 19.20
C SER D 42 -29.68 -8.82 18.82
N ALA D 43 -30.98 -9.02 18.92
CA ALA D 43 -31.61 -10.26 18.49
C ALA D 43 -31.48 -10.39 16.98
N GLN D 44 -31.58 -9.26 16.21
CA GLN D 44 -31.49 -9.38 14.76
C GLN D 44 -30.03 -9.73 14.40
N ILE D 45 -29.03 -8.97 14.86
CA ILE D 45 -27.64 -9.19 14.59
C ILE D 45 -27.25 -10.59 14.98
N THR D 46 -27.65 -11.15 16.12
CA THR D 46 -27.14 -12.49 16.46
C THR D 46 -28.02 -13.62 15.96
N GLY D 47 -29.06 -13.37 15.19
CA GLY D 47 -29.91 -14.44 14.68
C GLY D 47 -30.77 -15.13 15.73
N MET D 48 -31.25 -14.49 16.79
CA MET D 48 -32.10 -15.18 17.75
C MET D 48 -33.50 -15.37 17.14
N THR D 49 -34.27 -16.29 17.72
CA THR D 49 -35.64 -16.53 17.30
C THR D 49 -36.51 -15.75 18.27
N VAL D 50 -37.45 -14.89 17.87
CA VAL D 50 -38.26 -14.16 18.82
C VAL D 50 -39.74 -14.55 18.65
N THR D 51 -40.53 -14.52 19.73
CA THR D 51 -41.98 -14.70 19.66
C THR D 51 -42.62 -13.40 20.10
N ILE D 52 -43.47 -12.79 19.31
CA ILE D 52 -44.15 -11.55 19.69
C ILE D 52 -45.60 -11.86 20.07
N LYS D 53 -45.99 -11.43 21.27
CA LYS D 53 -47.33 -11.68 21.77
C LYS D 53 -48.09 -10.37 21.69
N THR D 54 -49.26 -10.38 21.01
CA THR D 54 -50.11 -9.18 20.88
C THR D 54 -51.48 -9.54 20.39
N ASN D 55 -52.46 -8.76 20.84
CA ASN D 55 -53.84 -8.90 20.36
C ASN D 55 -54.02 -8.20 19.04
N ALA D 56 -53.15 -7.22 18.69
CA ALA D 56 -53.24 -6.53 17.39
C ALA D 56 -52.33 -7.32 16.42
N CYS D 57 -52.63 -8.59 16.15
CA CYS D 57 -51.80 -9.38 15.28
C CYS D 57 -52.12 -9.19 13.78
N HIS D 58 -51.74 -8.07 13.21
CA HIS D 58 -52.00 -7.72 11.83
C HIS D 58 -50.92 -6.73 11.43
N ASN D 59 -50.67 -6.46 10.13
CA ASN D 59 -49.67 -5.45 9.74
C ASN D 59 -50.02 -4.08 10.32
N GLY D 60 -49.02 -3.42 10.92
CA GLY D 60 -49.29 -2.13 11.54
C GLY D 60 -49.69 -2.24 13.00
N GLY D 61 -49.85 -3.44 13.55
CA GLY D 61 -50.25 -3.64 14.93
C GLY D 61 -49.12 -3.31 15.88
N GLY D 62 -49.46 -2.90 17.12
CA GLY D 62 -48.44 -2.61 18.13
C GLY D 62 -48.24 -3.80 19.06
N PHE D 63 -47.11 -3.83 19.78
CA PHE D 63 -46.81 -4.92 20.70
C PHE D 63 -45.90 -4.36 21.79
N SER D 64 -45.82 -5.13 22.90
CA SER D 64 -44.82 -4.85 23.92
C SER D 64 -44.21 -6.12 24.48
N GLU D 65 -44.79 -7.30 24.26
CA GLU D 65 -44.27 -8.51 24.83
C GLU D 65 -43.48 -9.31 23.82
N VAL D 66 -42.24 -9.67 24.09
CA VAL D 66 -41.37 -10.37 23.16
C VAL D 66 -40.67 -11.44 23.98
N ILE D 67 -40.51 -12.69 23.50
CA ILE D 67 -39.71 -13.72 24.13
C ILE D 67 -38.48 -13.90 23.27
N PHE D 68 -37.28 -13.93 23.85
CA PHE D 68 -36.03 -14.09 23.12
C PHE D 68 -35.47 -15.49 23.41
N ARG D 69 -35.50 -16.44 22.46
CA ARG D 69 -34.94 -17.80 22.50
C ARG D 69 -33.57 -17.92 21.79
N THR E 1 -28.97 -13.11 50.95
CA THR E 1 -30.14 -13.70 50.30
C THR E 1 -29.80 -15.08 49.78
N PRO E 2 -30.61 -16.12 49.93
CA PRO E 2 -30.24 -17.47 49.48
C PRO E 2 -30.15 -17.68 47.98
N ASP E 3 -29.24 -18.56 47.53
CA ASP E 3 -29.19 -18.94 46.12
C ASP E 3 -30.54 -19.57 45.78
N CYS E 4 -31.01 -19.41 44.56
CA CYS E 4 -32.22 -20.04 44.14
C CYS E 4 -31.96 -20.94 42.94
N VAL E 5 -31.38 -20.47 41.81
CA VAL E 5 -31.06 -21.32 40.62
C VAL E 5 -29.75 -20.84 40.04
N THR E 6 -28.98 -21.76 39.46
CA THR E 6 -27.75 -21.46 38.77
C THR E 6 -27.82 -22.17 37.42
N GLY E 7 -27.44 -21.56 36.30
CA GLY E 7 -27.52 -22.23 35.02
C GLY E 7 -27.33 -21.20 33.91
N LYS E 8 -27.52 -21.61 32.66
CA LYS E 8 -27.43 -20.68 31.54
C LYS E 8 -28.84 -20.15 31.33
N VAL E 9 -28.99 -18.93 30.77
CA VAL E 9 -30.33 -18.37 30.56
C VAL E 9 -30.96 -19.10 29.40
N GLU E 10 -32.10 -19.73 29.62
CA GLU E 10 -32.80 -20.37 28.56
C GLU E 10 -33.52 -19.43 27.61
N TYR E 11 -34.29 -18.49 28.13
CA TYR E 11 -34.93 -17.43 27.35
C TYR E 11 -35.21 -16.27 28.29
N THR E 12 -35.44 -15.09 27.70
CA THR E 12 -35.80 -13.91 28.45
C THR E 12 -37.11 -13.41 27.83
N LYS E 13 -37.94 -12.61 28.50
CA LYS E 13 -39.16 -12.10 27.95
C LYS E 13 -39.34 -10.65 28.42
N TYR E 14 -39.77 -9.71 27.54
CA TYR E 14 -40.07 -8.33 27.90
C TYR E 14 -41.55 -8.35 28.17
N ASN E 15 -41.95 -7.80 29.31
CA ASN E 15 -43.38 -7.89 29.74
C ASN E 15 -44.13 -6.62 29.52
N ASP E 16 -45.45 -6.68 29.47
CA ASP E 16 -46.28 -5.50 29.14
C ASP E 16 -46.18 -4.33 30.09
N ASP E 17 -45.74 -4.57 31.33
CA ASP E 17 -45.53 -3.50 32.33
C ASP E 17 -44.07 -3.11 32.50
N ASP E 18 -43.22 -3.29 31.47
CA ASP E 18 -41.80 -3.06 31.52
C ASP E 18 -40.97 -3.83 32.56
N THR E 19 -41.46 -4.93 33.15
CA THR E 19 -40.58 -5.82 33.91
C THR E 19 -39.96 -6.82 32.91
N PHE E 20 -39.00 -7.65 33.35
CA PHE E 20 -38.30 -8.57 32.46
C PHE E 20 -38.30 -9.96 33.06
N THR E 21 -38.73 -11.00 32.38
CA THR E 21 -38.71 -12.38 32.87
C THR E 21 -37.49 -13.19 32.35
N VAL E 22 -36.98 -14.14 33.12
CA VAL E 22 -35.84 -14.92 32.75
C VAL E 22 -36.16 -16.36 33.13
N LYS E 23 -35.70 -17.37 32.38
CA LYS E 23 -35.89 -18.75 32.76
C LYS E 23 -34.48 -19.31 32.91
N VAL E 24 -34.11 -19.70 34.14
CA VAL E 24 -32.78 -20.25 34.42
C VAL E 24 -33.09 -21.52 35.19
N GLY E 25 -32.49 -22.65 34.80
CA GLY E 25 -32.77 -23.88 35.49
C GLY E 25 -34.21 -24.27 35.18
N ASP E 26 -34.96 -24.51 36.25
CA ASP E 26 -36.34 -24.94 36.16
C ASP E 26 -37.33 -23.89 36.70
N LYS E 27 -36.85 -22.64 36.97
CA LYS E 27 -37.67 -21.59 37.52
C LYS E 27 -37.81 -20.47 36.51
N GLU E 28 -38.97 -19.85 36.42
CA GLU E 28 -39.18 -18.67 35.62
C GLU E 28 -39.35 -17.53 36.61
N LEU E 29 -38.52 -16.50 36.60
CA LEU E 29 -38.59 -15.42 37.61
C LEU E 29 -38.64 -14.06 36.94
N PHE E 30 -38.96 -12.95 37.55
CA PHE E 30 -39.00 -11.65 36.88
C PHE E 30 -38.25 -10.58 37.68
N THR E 31 -37.80 -9.48 37.13
CA THR E 31 -37.21 -8.42 37.92
C THR E 31 -37.84 -7.12 37.39
N ASN E 32 -37.95 -6.14 38.26
CA ASN E 32 -38.47 -4.87 37.90
C ASN E 32 -37.33 -3.86 37.76
N ARG E 33 -36.05 -4.24 37.93
CA ARG E 33 -34.94 -3.30 37.79
C ARG E 33 -34.59 -3.10 36.31
N TRP E 34 -34.81 -1.96 35.69
CA TRP E 34 -34.52 -1.75 34.27
C TRP E 34 -33.05 -1.93 33.98
N ASN E 35 -32.10 -1.60 34.86
CA ASN E 35 -30.69 -1.83 34.59
C ASN E 35 -30.35 -3.28 34.28
N LEU E 36 -31.11 -4.27 34.78
CA LEU E 36 -30.76 -5.65 34.53
C LEU E 36 -31.14 -6.19 33.15
N GLN E 37 -32.00 -5.51 32.37
CA GLN E 37 -32.45 -5.99 31.09
C GLN E 37 -31.33 -6.22 30.08
N SER E 38 -30.48 -5.25 29.75
CA SER E 38 -29.38 -5.55 28.83
C SER E 38 -28.30 -6.43 29.42
N LEU E 39 -28.02 -6.36 30.74
CA LEU E 39 -27.02 -7.23 31.36
C LEU E 39 -27.47 -8.69 31.22
N LEU E 40 -28.76 -9.01 31.46
CA LEU E 40 -29.22 -10.37 31.30
C LEU E 40 -29.28 -10.76 29.83
N LEU E 41 -29.71 -9.96 28.86
CA LEU E 41 -29.67 -10.41 27.47
C LEU E 41 -28.18 -10.60 27.03
N SER E 42 -27.19 -9.78 27.43
CA SER E 42 -25.82 -10.07 27.12
C SER E 42 -25.38 -11.43 27.69
N ALA E 43 -25.78 -11.75 28.93
CA ALA E 43 -25.42 -13.02 29.54
C ALA E 43 -26.04 -14.14 28.71
N GLN E 44 -27.26 -13.93 28.17
CA GLN E 44 -27.90 -14.97 27.39
C GLN E 44 -27.14 -15.18 26.09
N ILE E 45 -26.93 -14.14 25.31
CA ILE E 45 -26.23 -14.20 24.04
C ILE E 45 -24.84 -14.76 24.25
N THR E 46 -24.04 -14.41 25.25
CA THR E 46 -22.68 -14.97 25.33
C THR E 46 -22.58 -16.25 26.14
N GLY E 47 -23.67 -16.89 26.55
CA GLY E 47 -23.64 -18.15 27.26
C GLY E 47 -23.05 -18.09 28.66
N MET E 48 -23.15 -17.00 29.44
CA MET E 48 -22.62 -16.96 30.80
C MET E 48 -23.51 -17.81 31.69
N THR E 49 -22.96 -18.21 32.83
CA THR E 49 -23.67 -18.98 33.84
C THR E 49 -24.12 -17.96 34.89
N VAL E 50 -25.40 -17.86 35.25
CA VAL E 50 -25.82 -16.85 36.22
C VAL E 50 -26.37 -17.57 37.46
N THR E 51 -26.26 -16.96 38.64
CA THR E 51 -26.88 -17.48 39.86
C THR E 51 -27.86 -16.39 40.32
N ILE E 52 -29.15 -16.74 40.46
CA ILE E 52 -30.11 -15.78 40.98
C ILE E 52 -30.37 -16.05 42.48
N LYS E 53 -30.29 -15.02 43.28
CA LYS E 53 -30.51 -15.11 44.71
C LYS E 53 -31.85 -14.46 45.01
N THR E 54 -32.77 -15.12 45.68
CA THR E 54 -34.07 -14.58 46.01
C THR E 54 -34.77 -15.48 47.04
N ASN E 55 -35.57 -14.84 47.88
CA ASN E 55 -36.41 -15.57 48.83
C ASN E 55 -37.68 -16.07 48.15
N ALA E 56 -38.08 -15.48 46.99
CA ALA E 56 -39.28 -15.94 46.34
C ALA E 56 -38.83 -16.96 45.29
N CYS E 57 -38.23 -18.07 45.70
CA CYS E 57 -37.71 -19.03 44.76
C CYS E 57 -38.77 -20.01 44.28
N HIS E 58 -39.69 -19.54 43.43
CA HIS E 58 -40.76 -20.35 42.87
C HIS E 58 -41.14 -19.72 41.53
N ASN E 59 -41.85 -20.40 40.61
CA ASN E 59 -42.26 -19.77 39.36
C ASN E 59 -43.07 -18.50 39.60
N GLY E 60 -42.69 -17.42 38.94
CA GLY E 60 -43.40 -16.17 39.10
C GLY E 60 -42.78 -15.28 40.16
N GLY E 61 -41.78 -15.80 40.89
CA GLY E 61 -41.12 -15.05 41.96
C GLY E 61 -40.30 -13.88 41.42
N GLY E 62 -40.12 -12.81 42.20
CA GLY E 62 -39.28 -11.73 41.77
C GLY E 62 -37.85 -11.85 42.26
N PHE E 63 -36.91 -11.12 41.69
CA PHE E 63 -35.53 -11.11 42.13
C PHE E 63 -34.85 -9.77 41.80
N SER E 64 -33.68 -9.50 42.40
CA SER E 64 -32.91 -8.38 42.01
C SER E 64 -31.43 -8.70 42.07
N GLU E 65 -31.01 -9.79 42.74
CA GLU E 65 -29.59 -10.11 42.89
C GLU E 65 -29.22 -11.19 41.90
N VAL E 66 -28.16 -10.97 41.09
CA VAL E 66 -27.72 -11.91 40.08
C VAL E 66 -26.21 -11.92 40.17
N ILE E 67 -25.54 -13.07 40.10
CA ILE E 67 -24.09 -13.15 39.96
C ILE E 67 -23.82 -13.63 38.52
N PHE E 68 -22.86 -12.98 37.82
CA PHE E 68 -22.53 -13.33 36.45
C PHE E 68 -21.14 -13.95 36.45
N ARG E 69 -20.99 -15.20 36.05
CA ARG E 69 -19.68 -15.80 35.96
C ARG E 69 -19.16 -16.08 34.53
N THR F 1 -38.00 -20.36 -6.47
CA THR F 1 -37.55 -19.06 -5.97
C THR F 1 -38.20 -17.93 -6.77
N PRO F 2 -38.82 -16.92 -6.14
CA PRO F 2 -39.53 -15.87 -6.88
C PRO F 2 -38.69 -14.95 -7.78
N ASP F 3 -39.31 -14.46 -8.87
CA ASP F 3 -38.63 -13.50 -9.71
C ASP F 3 -38.37 -12.26 -8.91
N CYS F 4 -37.27 -11.56 -9.14
CA CYS F 4 -37.03 -10.32 -8.45
C CYS F 4 -36.90 -9.14 -9.41
N VAL F 5 -36.01 -9.18 -10.43
CA VAL F 5 -35.91 -8.10 -11.42
C VAL F 5 -35.63 -8.72 -12.75
N THR F 6 -36.07 -8.09 -13.85
CA THR F 6 -35.78 -8.53 -15.23
C THR F 6 -35.33 -7.28 -15.95
N GLY F 7 -34.29 -7.32 -16.76
CA GLY F 7 -33.86 -6.17 -17.49
C GLY F 7 -32.49 -6.41 -18.06
N LYS F 8 -31.87 -5.38 -18.61
CA LYS F 8 -30.55 -5.50 -19.16
C LYS F 8 -29.62 -5.16 -18.03
N VAL F 9 -28.39 -5.68 -18.01
CA VAL F 9 -27.41 -5.34 -16.99
C VAL F 9 -26.93 -3.93 -17.17
N GLU F 10 -27.12 -3.10 -16.17
CA GLU F 10 -26.71 -1.71 -16.24
C GLU F 10 -25.19 -1.55 -15.92
N TYR F 11 -24.61 -2.22 -14.94
CA TYR F 11 -23.18 -2.27 -14.70
C TYR F 11 -22.95 -3.48 -13.81
N THR F 12 -21.68 -3.88 -13.75
CA THR F 12 -21.27 -4.99 -12.91
C THR F 12 -20.07 -4.46 -12.11
N LYS F 13 -19.76 -5.05 -10.93
CA LYS F 13 -18.64 -4.55 -10.14
C LYS F 13 -17.93 -5.73 -9.51
N TYR F 14 -16.59 -5.75 -9.53
CA TYR F 14 -15.81 -6.83 -8.89
C TYR F 14 -15.49 -6.31 -7.50
N ASN F 15 -15.76 -7.11 -6.48
CA ASN F 15 -15.71 -6.63 -5.09
C ASN F 15 -14.44 -7.09 -4.40
N ASP F 16 -14.00 -6.39 -3.35
CA ASP F 16 -12.74 -6.74 -2.70
C ASP F 16 -12.63 -8.16 -2.12
N ASP F 17 -13.78 -8.85 -1.86
CA ASP F 17 -13.79 -10.22 -1.32
C ASP F 17 -14.10 -11.26 -2.39
N ASP F 18 -13.87 -10.90 -3.67
CA ASP F 18 -14.13 -11.75 -4.84
C ASP F 18 -15.61 -12.10 -5.06
N THR F 19 -16.58 -11.36 -4.48
CA THR F 19 -17.97 -11.53 -4.90
C THR F 19 -18.22 -10.57 -6.08
N PHE F 20 -19.35 -10.61 -6.74
CA PHE F 20 -19.56 -9.81 -7.92
C PHE F 20 -20.93 -9.11 -7.78
N THR F 21 -21.02 -7.80 -8.00
CA THR F 21 -22.25 -7.08 -7.93
C THR F 21 -22.80 -6.78 -9.31
N VAL F 22 -24.12 -6.75 -9.49
CA VAL F 22 -24.79 -6.50 -10.73
C VAL F 22 -25.95 -5.49 -10.46
N LYS F 23 -26.29 -4.59 -11.40
CA LYS F 23 -27.45 -3.69 -11.21
C LYS F 23 -28.33 -4.03 -12.38
N VAL F 24 -29.51 -4.50 -12.11
CA VAL F 24 -30.47 -4.87 -13.14
C VAL F 24 -31.77 -4.20 -12.67
N GLY F 25 -32.42 -3.44 -13.53
CA GLY F 25 -33.64 -2.79 -13.11
C GLY F 25 -33.27 -1.70 -12.10
N ASP F 26 -33.95 -1.76 -10.95
CA ASP F 26 -33.73 -0.78 -9.90
C ASP F 26 -33.02 -1.40 -8.66
N LYS F 27 -32.56 -2.65 -8.74
CA LYS F 27 -31.95 -3.30 -7.59
C LYS F 27 -30.45 -3.55 -7.86
N GLU F 28 -29.61 -3.49 -6.84
CA GLU F 28 -28.21 -3.74 -6.94
C GLU F 28 -28.04 -5.01 -6.10
N LEU F 29 -27.61 -6.16 -6.65
CA LEU F 29 -27.56 -7.41 -5.92
C LEU F 29 -26.16 -8.01 -6.05
N PHE F 30 -25.71 -9.03 -5.28
CA PHE F 30 -24.38 -9.60 -5.45
C PHE F 30 -24.47 -11.12 -5.53
N THR F 31 -23.48 -11.82 -6.05
CA THR F 31 -23.49 -13.28 -5.98
C THR F 31 -22.07 -13.68 -5.57
N ASN F 32 -21.98 -14.77 -4.83
CA ASN F 32 -20.68 -15.27 -4.43
C ASN F 32 -20.24 -16.44 -5.33
N ARG F 33 -21.00 -16.81 -6.37
CA ARG F 33 -20.68 -17.93 -7.23
C ARG F 33 -19.68 -17.48 -8.30
N TRP F 34 -18.39 -17.94 -8.27
CA TRP F 34 -17.39 -17.47 -9.21
C TRP F 34 -17.74 -17.82 -10.64
N ASN F 35 -18.43 -18.93 -10.92
CA ASN F 35 -18.87 -19.29 -12.26
C ASN F 35 -19.75 -18.19 -12.90
N LEU F 36 -20.53 -17.39 -12.17
CA LEU F 36 -21.39 -16.41 -12.78
C LEU F 36 -20.68 -15.18 -13.22
N GLN F 37 -19.45 -14.91 -12.86
CA GLN F 37 -18.79 -13.65 -13.22
C GLN F 37 -18.64 -13.49 -14.72
N SER F 38 -18.03 -14.40 -15.50
CA SER F 38 -17.92 -14.17 -16.93
C SER F 38 -19.25 -14.35 -17.61
N LEU F 39 -20.18 -15.19 -17.12
CA LEU F 39 -21.48 -15.33 -17.74
C LEU F 39 -22.21 -14.00 -17.67
N LEU F 40 -22.25 -13.31 -16.53
CA LEU F 40 -22.91 -11.99 -16.42
C LEU F 40 -22.15 -10.91 -17.18
N LEU F 41 -20.82 -10.83 -17.22
CA LEU F 41 -20.19 -9.83 -18.09
C LEU F 41 -20.51 -10.09 -19.57
N SER F 42 -20.58 -11.34 -20.07
CA SER F 42 -20.99 -11.61 -21.44
C SER F 42 -22.40 -11.15 -21.67
N ALA F 43 -23.33 -11.38 -20.76
CA ALA F 43 -24.72 -10.92 -20.92
C ALA F 43 -24.71 -9.38 -20.98
N GLN F 44 -23.85 -8.66 -20.26
CA GLN F 44 -23.82 -7.23 -20.24
C GLN F 44 -23.30 -6.75 -21.56
N ILE F 45 -22.12 -7.22 -22.02
CA ILE F 45 -21.53 -6.81 -23.30
C ILE F 45 -22.53 -7.10 -24.43
N THR F 46 -23.26 -8.22 -24.50
CA THR F 46 -24.07 -8.50 -25.69
C THR F 46 -25.47 -8.02 -25.51
N GLY F 47 -25.82 -7.35 -24.45
CA GLY F 47 -27.17 -6.83 -24.31
C GLY F 47 -28.24 -7.90 -24.09
N MET F 48 -27.99 -9.02 -23.45
CA MET F 48 -29.05 -9.96 -23.13
C MET F 48 -29.96 -9.41 -22.01
N THR F 49 -31.17 -9.96 -21.90
CA THR F 49 -32.11 -9.59 -20.88
C THR F 49 -31.95 -10.67 -19.82
N VAL F 50 -31.74 -10.36 -18.52
CA VAL F 50 -31.60 -11.39 -17.53
C VAL F 50 -32.74 -11.27 -16.50
N THR F 51 -33.18 -12.38 -15.89
CA THR F 51 -34.11 -12.37 -14.80
C THR F 51 -33.39 -12.95 -13.56
N ILE F 52 -33.32 -12.21 -12.46
CA ILE F 52 -32.69 -12.75 -11.29
C ILE F 52 -33.78 -13.19 -10.32
N LYS F 53 -33.66 -14.41 -9.80
CA LYS F 53 -34.62 -14.98 -8.87
C LYS F 53 -33.97 -15.04 -7.51
N THR F 54 -34.61 -14.44 -6.47
CA THR F 54 -34.07 -14.39 -5.11
C THR F 54 -35.11 -13.96 -4.10
N ASN F 55 -34.99 -14.53 -2.91
CA ASN F 55 -35.85 -14.10 -1.81
C ASN F 55 -35.33 -12.81 -1.18
N ALA F 56 -34.07 -12.44 -1.33
CA ALA F 56 -33.52 -11.23 -0.75
C ALA F 56 -33.65 -10.16 -1.84
N CYS F 57 -34.86 -9.92 -2.29
CA CYS F 57 -35.04 -8.92 -3.35
C CYS F 57 -35.02 -7.44 -2.87
N HIS F 58 -33.86 -6.89 -2.57
CA HIS F 58 -33.72 -5.56 -2.03
C HIS F 58 -32.29 -5.15 -2.30
N ASN F 59 -31.91 -3.85 -2.28
CA ASN F 59 -30.49 -3.51 -2.54
C ASN F 59 -29.58 -4.19 -1.56
N GLY F 60 -28.49 -4.80 -2.02
CA GLY F 60 -27.50 -5.47 -1.20
C GLY F 60 -27.88 -6.92 -1.01
N GLY F 61 -28.98 -7.41 -1.55
CA GLY F 61 -29.39 -8.80 -1.44
C GLY F 61 -28.51 -9.72 -2.26
N GLY F 62 -28.39 -11.00 -1.86
CA GLY F 62 -27.62 -11.94 -2.66
C GLY F 62 -28.51 -12.75 -3.59
N PHE F 63 -27.90 -13.39 -4.59
CA PHE F 63 -28.65 -14.28 -5.50
C PHE F 63 -27.75 -15.36 -6.03
N SER F 64 -28.38 -16.42 -6.56
CA SER F 64 -27.59 -17.38 -7.32
C SER F 64 -28.30 -17.87 -8.58
N GLU F 65 -29.62 -17.64 -8.71
CA GLU F 65 -30.36 -18.06 -9.87
C GLU F 65 -30.52 -16.95 -10.91
N VAL F 66 -30.16 -17.16 -12.19
CA VAL F 66 -30.25 -16.15 -13.21
C VAL F 66 -30.79 -16.84 -14.43
N ILE F 67 -31.72 -16.25 -15.20
CA ILE F 67 -32.17 -16.78 -16.51
C ILE F 67 -31.61 -15.86 -17.55
N PHE F 68 -30.98 -16.35 -18.63
CA PHE F 68 -30.39 -15.51 -19.67
C PHE F 68 -31.23 -15.70 -20.94
N ARG F 69 -31.93 -14.68 -21.39
CA ARG F 69 -32.76 -14.67 -22.59
C ARG F 69 -32.13 -13.69 -23.59
N THR G 1 -25.24 -42.69 -27.62
CA THR G 1 -26.39 -42.15 -26.89
C THR G 1 -27.40 -41.52 -27.87
N PRO G 2 -28.70 -41.74 -27.81
CA PRO G 2 -29.64 -41.27 -28.83
C PRO G 2 -29.82 -39.76 -28.85
N ASP G 3 -30.10 -39.22 -30.03
CA ASP G 3 -30.44 -37.79 -30.13
C ASP G 3 -31.69 -37.52 -29.33
N CYS G 4 -31.84 -36.36 -28.70
CA CYS G 4 -33.04 -36.02 -27.99
C CYS G 4 -33.68 -34.78 -28.58
N VAL G 5 -33.03 -33.64 -28.77
CA VAL G 5 -33.62 -32.43 -29.35
C VAL G 5 -32.54 -31.74 -30.12
N THR G 6 -32.92 -31.02 -31.17
CA THR G 6 -31.98 -30.23 -31.98
C THR G 6 -32.69 -28.89 -32.15
N GLY G 7 -32.01 -27.75 -32.03
CA GLY G 7 -32.63 -26.48 -32.24
C GLY G 7 -31.72 -25.38 -31.71
N LYS G 8 -32.21 -24.15 -31.70
CA LYS G 8 -31.43 -23.08 -31.15
C LYS G 8 -31.72 -23.03 -29.65
N VAL G 9 -30.83 -22.51 -28.80
CA VAL G 9 -31.06 -22.41 -27.36
C VAL G 9 -32.06 -21.29 -27.08
N GLU G 10 -33.19 -21.51 -26.42
CA GLU G 10 -34.14 -20.41 -26.14
C GLU G 10 -33.70 -19.54 -24.98
N TYR G 11 -33.37 -20.28 -23.88
CA TYR G 11 -32.85 -19.64 -22.69
C TYR G 11 -32.01 -20.65 -21.96
N THR G 12 -31.16 -20.11 -21.09
CA THR G 12 -30.34 -20.92 -20.21
C THR G 12 -30.66 -20.44 -18.78
N LYS G 13 -30.45 -21.22 -17.70
CA LYS G 13 -30.68 -20.79 -16.33
C LYS G 13 -29.57 -21.34 -15.42
N TYR G 14 -29.00 -20.51 -14.53
CA TYR G 14 -27.99 -20.93 -13.58
C TYR G 14 -28.80 -21.33 -12.35
N ASN G 15 -28.55 -22.56 -11.84
CA ASN G 15 -29.36 -23.09 -10.75
C ASN G 15 -28.68 -22.92 -9.40
N ASP G 16 -29.46 -23.01 -8.31
CA ASP G 16 -28.91 -22.83 -6.97
C ASP G 16 -27.82 -23.82 -6.53
N ASP G 17 -27.72 -24.98 -7.14
CA ASP G 17 -26.71 -25.99 -6.81
C ASP G 17 -25.60 -26.03 -7.85
N ASP G 18 -25.39 -24.94 -8.60
CA ASP G 18 -24.38 -24.79 -9.65
C ASP G 18 -24.57 -25.73 -10.83
N THR G 19 -25.72 -26.38 -11.05
CA THR G 19 -25.95 -27.02 -12.33
C THR G 19 -26.46 -25.98 -13.32
N PHE G 20 -26.67 -26.30 -14.60
CA PHE G 20 -27.07 -25.31 -15.58
C PHE G 20 -28.21 -25.88 -16.40
N THR G 21 -29.32 -25.18 -16.62
CA THR G 21 -30.48 -25.65 -17.37
C THR G 21 -30.54 -24.98 -18.71
N VAL G 22 -31.02 -25.66 -19.73
CA VAL G 22 -31.06 -25.18 -21.10
C VAL G 22 -32.43 -25.56 -21.69
N LYS G 23 -33.02 -24.75 -22.59
CA LYS G 23 -34.32 -25.11 -23.19
C LYS G 23 -34.05 -25.13 -24.67
N VAL G 24 -34.16 -26.30 -25.30
CA VAL G 24 -33.85 -26.48 -26.72
C VAL G 24 -35.03 -27.23 -27.23
N GLY G 25 -35.65 -26.73 -28.31
CA GLY G 25 -36.82 -27.42 -28.81
C GLY G 25 -37.96 -27.28 -27.79
N ASP G 26 -38.50 -28.41 -27.39
CA ASP G 26 -39.62 -28.44 -26.45
C ASP G 26 -39.25 -29.07 -25.12
N LYS G 27 -37.94 -29.33 -24.86
CA LYS G 27 -37.52 -29.98 -23.64
C LYS G 27 -36.66 -29.02 -22.83
N GLU G 28 -36.77 -29.08 -21.49
CA GLU G 28 -35.94 -28.29 -20.60
C GLU G 28 -35.03 -29.31 -19.94
N LEU G 29 -33.72 -29.27 -20.03
CA LEU G 29 -32.83 -30.31 -19.55
C LEU G 29 -31.71 -29.66 -18.72
N PHE G 30 -30.92 -30.34 -17.87
CA PHE G 30 -29.87 -29.68 -17.11
C PHE G 30 -28.55 -30.45 -17.25
N THR G 31 -27.40 -29.86 -17.01
CA THR G 31 -26.18 -30.62 -16.97
C THR G 31 -25.44 -30.17 -15.67
N ASN G 32 -24.65 -31.09 -15.11
CA ASN G 32 -23.86 -30.82 -13.95
C ASN G 32 -22.40 -30.61 -14.37
N ARG G 33 -22.05 -30.60 -15.65
CA ARG G 33 -20.65 -30.40 -16.08
C ARG G 33 -20.33 -28.91 -16.09
N TRP G 34 -19.50 -28.37 -15.24
CA TRP G 34 -19.22 -26.93 -15.24
C TRP G 34 -18.57 -26.45 -16.50
N ASN G 35 -17.82 -27.30 -17.22
CA ASN G 35 -17.22 -26.90 -18.50
C ASN G 35 -18.26 -26.51 -19.54
N LEU G 36 -19.46 -27.08 -19.55
CA LEU G 36 -20.45 -26.72 -20.57
C LEU G 36 -21.13 -25.38 -20.35
N GLN G 37 -21.04 -24.69 -19.22
CA GLN G 37 -21.77 -23.45 -18.97
C GLN G 37 -21.36 -22.37 -19.93
N SER G 38 -20.12 -21.96 -20.09
CA SER G 38 -19.80 -20.91 -21.06
C SER G 38 -19.92 -21.37 -22.51
N LEU G 39 -19.73 -22.66 -22.83
CA LEU G 39 -19.88 -23.14 -24.19
C LEU G 39 -21.35 -23.02 -24.57
N LEU G 40 -22.31 -23.41 -23.70
CA LEU G 40 -23.72 -23.25 -24.06
C LEU G 40 -24.11 -21.76 -24.11
N LEU G 41 -23.60 -20.84 -23.24
CA LEU G 41 -24.00 -19.47 -23.36
C LEU G 41 -23.45 -18.89 -24.65
N SER G 42 -22.25 -19.27 -25.08
CA SER G 42 -21.75 -18.80 -26.37
C SER G 42 -22.59 -19.29 -27.55
N ALA G 43 -23.03 -20.53 -27.54
CA ALA G 43 -23.94 -21.06 -28.53
C ALA G 43 -25.22 -20.25 -28.51
N GLN G 44 -25.76 -19.86 -27.36
CA GLN G 44 -26.99 -19.12 -27.29
C GLN G 44 -26.81 -17.73 -27.93
N ILE G 45 -25.80 -16.96 -27.43
CA ILE G 45 -25.48 -15.63 -27.93
C ILE G 45 -25.24 -15.65 -29.44
N THR G 46 -24.47 -16.55 -30.03
CA THR G 46 -24.21 -16.50 -31.47
C THR G 46 -25.26 -17.29 -32.29
N GLY G 47 -26.34 -17.83 -31.73
CA GLY G 47 -27.35 -18.49 -32.52
C GLY G 47 -26.92 -19.82 -33.15
N MET G 48 -26.06 -20.62 -32.52
CA MET G 48 -25.72 -21.92 -33.07
C MET G 48 -26.86 -22.88 -32.94
N THR G 49 -26.87 -23.94 -33.73
CA THR G 49 -27.87 -24.99 -33.60
C THR G 49 -27.22 -26.09 -32.77
N VAL G 50 -27.80 -26.61 -31.67
CA VAL G 50 -27.16 -27.64 -30.86
C VAL G 50 -28.04 -28.89 -30.89
N THR G 51 -27.42 -30.09 -30.84
CA THR G 51 -28.14 -31.34 -30.67
C THR G 51 -27.74 -31.92 -29.31
N ILE G 52 -28.69 -32.19 -28.43
CA ILE G 52 -28.40 -32.82 -27.15
C ILE G 52 -28.76 -34.30 -27.24
N LYS G 53 -27.79 -35.16 -26.88
CA LYS G 53 -27.94 -36.61 -26.83
C LYS G 53 -28.09 -37.03 -25.39
N THR G 54 -29.16 -37.73 -25.03
CA THR G 54 -29.42 -38.23 -23.68
C THR G 54 -30.52 -39.29 -23.68
N ASN G 55 -30.37 -40.23 -22.73
CA ASN G 55 -31.41 -41.24 -22.52
C ASN G 55 -32.52 -40.69 -21.66
N ALA G 56 -32.28 -39.61 -20.88
CA ALA G 56 -33.33 -39.02 -20.09
C ALA G 56 -33.97 -37.92 -20.92
N CYS G 57 -34.60 -38.25 -22.03
CA CYS G 57 -35.15 -37.22 -22.91
C CYS G 57 -36.54 -36.84 -22.49
N HIS G 58 -36.65 -36.09 -21.41
CA HIS G 58 -37.95 -35.63 -20.90
C HIS G 58 -37.71 -34.35 -20.10
N ASN G 59 -38.71 -33.50 -19.82
CA ASN G 59 -38.43 -32.31 -18.99
C ASN G 59 -37.81 -32.62 -17.65
N GLY G 60 -36.74 -31.93 -17.27
CA GLY G 60 -36.03 -32.23 -16.04
C GLY G 60 -34.91 -33.25 -16.21
N GLY G 61 -34.72 -33.82 -17.43
CA GLY G 61 -33.72 -34.86 -17.69
C GLY G 61 -32.32 -34.26 -17.68
N GLY G 62 -31.32 -35.07 -17.36
CA GLY G 62 -29.93 -34.60 -17.38
C GLY G 62 -29.25 -34.97 -18.67
N PHE G 63 -28.16 -34.27 -19.02
CA PHE G 63 -27.39 -34.60 -20.24
C PHE G 63 -25.92 -34.23 -20.05
N SER G 64 -25.04 -34.80 -20.89
CA SER G 64 -23.67 -34.31 -20.92
C SER G 64 -23.17 -34.22 -22.36
N GLU G 65 -23.88 -34.86 -23.34
CA GLU G 65 -23.34 -34.80 -24.68
C GLU G 65 -24.06 -33.76 -25.53
N VAL G 66 -23.35 -32.85 -26.21
CA VAL G 66 -23.93 -31.78 -26.97
C VAL G 66 -23.10 -31.71 -28.25
N ILE G 67 -23.72 -31.51 -29.44
CA ILE G 67 -23.01 -31.24 -30.68
C ILE G 67 -23.30 -29.80 -31.01
N PHE G 68 -22.30 -29.03 -31.37
CA PHE G 68 -22.42 -27.61 -31.73
C PHE G 68 -22.16 -27.43 -33.21
N ARG G 69 -23.21 -27.02 -33.95
CA ARG G 69 -23.08 -26.69 -35.38
C ARG G 69 -23.37 -25.21 -35.57
N THR H 1 5.45 -33.85 -35.23
CA THR H 1 4.26 -34.67 -35.45
C THR H 1 3.68 -34.33 -36.84
N PRO H 2 3.34 -35.27 -37.71
CA PRO H 2 2.83 -34.94 -39.03
C PRO H 2 1.49 -34.23 -39.09
N ASP H 3 1.30 -33.37 -40.11
CA ASP H 3 -0.01 -32.77 -40.35
C ASP H 3 -1.03 -33.88 -40.62
N CYS H 4 -2.28 -33.73 -40.24
CA CYS H 4 -3.29 -34.72 -40.51
C CYS H 4 -4.41 -34.06 -41.32
N VAL H 5 -5.09 -32.95 -40.90
CA VAL H 5 -6.16 -32.30 -41.66
C VAL H 5 -6.02 -30.82 -41.44
N THR H 6 -6.39 -30.02 -42.43
CA THR H 6 -6.43 -28.58 -42.34
C THR H 6 -7.79 -28.14 -42.88
N GLY H 7 -8.49 -27.20 -42.26
CA GLY H 7 -9.79 -26.79 -42.74
C GLY H 7 -10.50 -25.98 -41.68
N LYS H 8 -11.76 -25.66 -41.89
CA LYS H 8 -12.50 -24.91 -40.90
C LYS H 8 -13.15 -25.97 -40.04
N VAL H 9 -13.49 -25.67 -38.78
CA VAL H 9 -14.22 -26.64 -37.95
C VAL H 9 -15.67 -26.84 -38.43
N GLU H 10 -16.24 -27.97 -38.82
CA GLU H 10 -17.70 -27.98 -39.13
C GLU H 10 -18.62 -28.23 -37.96
N TYR H 11 -18.11 -28.96 -36.93
CA TYR H 11 -18.81 -29.10 -35.66
C TYR H 11 -17.88 -29.57 -34.56
N THR H 12 -18.31 -29.30 -33.31
CA THR H 12 -17.58 -29.77 -32.14
C THR H 12 -18.56 -30.55 -31.28
N LYS H 13 -18.12 -31.49 -30.44
CA LYS H 13 -19.05 -32.25 -29.61
C LYS H 13 -18.48 -32.42 -28.20
N TYR H 14 -19.26 -32.18 -27.12
CA TYR H 14 -18.79 -32.40 -25.76
C TYR H 14 -19.18 -33.84 -25.43
N ASN H 15 -18.21 -34.64 -24.95
CA ASN H 15 -18.41 -36.08 -24.74
C ASN H 15 -18.69 -36.43 -23.31
N ASP H 16 -19.34 -37.58 -23.08
CA ASP H 16 -19.74 -37.95 -21.72
C ASP H 16 -18.60 -38.10 -20.70
N ASP H 17 -17.38 -38.31 -21.13
CA ASP H 17 -16.20 -38.45 -20.27
C ASP H 17 -15.34 -37.17 -20.22
N ASP H 18 -15.96 -36.00 -20.57
CA ASP H 18 -15.30 -34.69 -20.64
C ASP H 18 -14.20 -34.57 -21.66
N THR H 19 -14.10 -35.44 -22.68
CA THR H 19 -13.16 -35.18 -23.80
C THR H 19 -13.99 -34.34 -24.80
N PHE H 20 -13.34 -33.83 -25.86
CA PHE H 20 -14.02 -32.96 -26.83
C PHE H 20 -13.75 -33.48 -28.24
N THR H 21 -14.72 -33.71 -29.10
CA THR H 21 -14.55 -34.12 -30.46
C THR H 21 -14.65 -32.93 -31.41
N VAL H 22 -13.93 -33.01 -32.56
CA VAL H 22 -13.93 -31.96 -33.55
C VAL H 22 -14.04 -32.62 -34.93
N LYS H 23 -14.66 -32.07 -35.95
CA LYS H 23 -14.67 -32.61 -37.31
C LYS H 23 -14.04 -31.52 -38.17
N VAL H 24 -12.90 -31.81 -38.77
CA VAL H 24 -12.16 -30.84 -39.59
C VAL H 24 -11.85 -31.63 -40.83
N GLY H 25 -12.17 -31.10 -42.01
CA GLY H 25 -11.91 -31.89 -43.21
C GLY H 25 -12.85 -33.09 -43.24
N ASP H 26 -12.23 -34.24 -43.39
CA ASP H 26 -12.99 -35.49 -43.52
C ASP H 26 -12.76 -36.43 -42.34
N LYS H 27 -12.07 -35.95 -41.27
CA LYS H 27 -11.74 -36.76 -40.10
C LYS H 27 -12.48 -36.23 -38.87
N GLU H 28 -12.93 -37.13 -38.00
CA GLU H 28 -13.55 -36.77 -36.73
C GLU H 28 -12.52 -37.21 -35.68
N LEU H 29 -11.98 -36.30 -34.86
CA LEU H 29 -10.90 -36.60 -33.93
C LEU H 29 -11.28 -36.12 -32.53
N PHE H 30 -10.67 -36.53 -31.40
CA PHE H 30 -11.00 -36.04 -30.07
C PHE H 30 -9.74 -35.59 -29.35
N THR H 31 -9.85 -34.74 -28.32
CA THR H 31 -8.69 -34.42 -27.49
C THR H 31 -9.18 -34.52 -26.05
N ASN H 32 -8.26 -34.89 -25.18
CA ASN H 32 -8.57 -34.99 -23.77
C ASN H 32 -7.98 -33.77 -23.05
N ARG H 33 -7.35 -32.78 -23.72
CA ARG H 33 -6.85 -31.60 -23.06
C ARG H 33 -8.01 -30.60 -22.78
N TRP H 34 -8.41 -30.34 -21.53
CA TRP H 34 -9.50 -29.40 -21.28
C TRP H 34 -9.20 -27.98 -21.78
N ASN H 35 -7.94 -27.51 -21.75
CA ASN H 35 -7.60 -26.19 -22.24
C ASN H 35 -7.98 -26.00 -23.68
N LEU H 36 -8.02 -27.04 -24.54
CA LEU H 36 -8.40 -26.83 -25.94
C LEU H 36 -9.93 -26.63 -26.19
N GLN H 37 -10.85 -26.87 -25.23
CA GLN H 37 -12.27 -26.79 -25.50
C GLN H 37 -12.74 -25.39 -25.89
N SER H 38 -12.45 -24.34 -25.15
CA SER H 38 -12.89 -23.02 -25.56
C SER H 38 -12.07 -22.46 -26.70
N LEU H 39 -10.79 -22.86 -26.84
CA LEU H 39 -9.97 -22.39 -27.97
C LEU H 39 -10.58 -22.92 -29.29
N LEU H 40 -10.93 -24.20 -29.38
CA LEU H 40 -11.56 -24.75 -30.55
C LEU H 40 -12.95 -24.20 -30.78
N LEU H 41 -13.85 -23.98 -29.81
CA LEU H 41 -15.16 -23.40 -30.07
C LEU H 41 -14.96 -21.94 -30.51
N SER H 42 -13.98 -21.14 -30.03
CA SER H 42 -13.75 -19.82 -30.59
C SER H 42 -13.30 -19.88 -32.03
N ALA H 43 -12.43 -20.81 -32.40
CA ALA H 43 -12.00 -21.01 -33.79
C ALA H 43 -13.23 -21.37 -34.63
N GLN H 44 -14.15 -22.21 -34.14
CA GLN H 44 -15.34 -22.57 -34.89
C GLN H 44 -16.24 -21.35 -35.12
N ILE H 45 -16.64 -20.64 -34.05
CA ILE H 45 -17.45 -19.43 -34.14
C ILE H 45 -16.82 -18.39 -35.07
N THR H 46 -15.52 -18.07 -35.03
CA THR H 46 -14.99 -17.02 -35.87
C THR H 46 -14.51 -17.51 -37.23
N GLY H 47 -14.70 -18.76 -37.62
CA GLY H 47 -14.27 -19.26 -38.92
C GLY H 47 -12.76 -19.33 -39.14
N MET H 48 -11.92 -19.62 -38.15
CA MET H 48 -10.48 -19.75 -38.35
C MET H 48 -10.21 -21.07 -39.07
N THR H 49 -9.05 -21.17 -39.70
CA THR H 49 -8.63 -22.40 -40.39
C THR H 49 -7.70 -23.07 -39.37
N VAL H 50 -7.87 -24.36 -39.03
CA VAL H 50 -7.00 -25.02 -38.06
C VAL H 50 -6.28 -26.17 -38.74
N THR H 51 -5.08 -26.51 -38.29
CA THR H 51 -4.36 -27.68 -38.79
C THR H 51 -4.17 -28.55 -37.56
N ILE H 52 -4.64 -29.78 -37.60
CA ILE H 52 -4.39 -30.73 -36.51
C ILE H 52 -3.21 -31.68 -36.89
N LYS H 53 -2.26 -31.80 -35.98
CA LYS H 53 -1.10 -32.66 -36.14
C LYS H 53 -1.28 -33.88 -35.24
N THR H 54 -1.26 -35.09 -35.78
CA THR H 54 -1.38 -36.31 -35.01
C THR H 54 -0.91 -37.53 -35.81
N ASN H 55 -0.37 -38.52 -35.09
CA ASN H 55 -0.03 -39.80 -35.71
C ASN H 55 -1.27 -40.67 -35.80
N ALA H 56 -2.35 -40.43 -35.06
CA ALA H 56 -3.56 -41.26 -35.18
C ALA H 56 -4.49 -40.57 -36.15
N CYS H 57 -4.03 -40.35 -37.38
CA CYS H 57 -4.85 -39.64 -38.35
C CYS H 57 -5.95 -40.50 -39.02
N HIS H 58 -6.99 -40.84 -38.27
CA HIS H 58 -8.06 -41.67 -38.78
C HIS H 58 -9.30 -41.30 -37.95
N ASN H 59 -10.54 -41.68 -38.31
CA ASN H 59 -11.69 -41.33 -37.48
C ASN H 59 -11.59 -41.97 -36.11
N GLY H 60 -11.83 -41.18 -35.07
CA GLY H 60 -11.75 -41.66 -33.70
C GLY H 60 -10.37 -41.43 -33.13
N GLY H 61 -9.41 -40.93 -33.89
CA GLY H 61 -8.07 -40.72 -33.43
C GLY H 61 -7.96 -39.58 -32.43
N GLY H 62 -6.94 -39.58 -31.55
CA GLY H 62 -6.77 -38.49 -30.61
C GLY H 62 -5.75 -37.50 -31.09
N PHE H 63 -5.72 -36.28 -30.55
CA PHE H 63 -4.72 -35.29 -30.91
C PHE H 63 -4.49 -34.37 -29.73
N SER H 64 -3.45 -33.57 -29.81
CA SER H 64 -3.24 -32.51 -28.86
C SER H 64 -2.63 -31.28 -29.51
N GLU H 65 -2.02 -31.38 -30.70
CA GLU H 65 -1.38 -30.25 -31.35
C GLU H 65 -2.33 -29.65 -32.41
N VAL H 66 -2.58 -28.33 -32.31
CA VAL H 66 -3.44 -27.61 -33.23
C VAL H 66 -2.73 -26.33 -33.59
N ILE H 67 -2.71 -25.92 -34.85
CA ILE H 67 -2.24 -24.57 -35.26
C ILE H 67 -3.48 -23.75 -35.64
N PHE H 68 -3.62 -22.53 -35.13
CA PHE H 68 -4.76 -21.66 -35.42
C PHE H 68 -4.30 -20.50 -36.36
N ARG H 69 -4.83 -20.34 -37.60
CA ARG H 69 -4.59 -19.15 -38.42
C ARG H 69 -5.86 -18.57 -39.06
N THR I 1 12.44 -6.15 -18.37
CA THR I 1 12.77 -7.15 -19.37
C THR I 1 12.74 -6.50 -20.75
N PRO I 2 13.74 -6.66 -21.64
CA PRO I 2 13.75 -5.97 -22.92
C PRO I 2 12.65 -6.40 -23.91
N ASP I 3 12.22 -5.45 -24.76
CA ASP I 3 11.28 -5.76 -25.83
C ASP I 3 11.93 -6.76 -26.76
N CYS I 4 11.18 -7.66 -27.37
CA CYS I 4 11.75 -8.60 -28.30
C CYS I 4 11.05 -8.46 -29.62
N VAL I 5 9.73 -8.57 -29.76
CA VAL I 5 9.03 -8.39 -31.04
C VAL I 5 7.71 -7.65 -30.78
N THR I 6 7.23 -6.86 -31.74
CA THR I 6 5.95 -6.19 -31.67
C THR I 6 5.28 -6.49 -32.99
N GLY I 7 4.00 -6.82 -33.07
CA GLY I 7 3.36 -7.09 -34.35
C GLY I 7 2.04 -7.74 -34.07
N LYS I 8 1.34 -8.14 -35.12
CA LYS I 8 0.08 -8.86 -34.96
C LYS I 8 0.42 -10.36 -34.82
N VAL I 9 -0.41 -11.18 -34.15
CA VAL I 9 -0.11 -12.60 -34.03
C VAL I 9 -0.38 -13.24 -35.41
N GLU I 10 0.60 -13.90 -36.06
CA GLU I 10 0.43 -14.61 -37.33
C GLU I 10 -0.22 -16.00 -37.15
N TYR I 11 0.14 -16.77 -36.10
CA TYR I 11 -0.55 -18.01 -35.77
C TYR I 11 -0.17 -18.34 -34.32
N THR I 12 -0.98 -19.24 -33.72
CA THR I 12 -0.74 -19.77 -32.39
C THR I 12 -0.75 -21.28 -32.52
N LYS I 13 -0.11 -22.03 -31.63
CA LYS I 13 -0.11 -23.51 -31.72
C LYS I 13 -0.21 -24.08 -30.32
N TYR I 14 -1.08 -25.07 -30.09
CA TYR I 14 -1.18 -25.74 -28.80
C TYR I 14 -0.18 -26.93 -28.88
N ASN I 15 0.67 -27.08 -27.88
CA ASN I 15 1.73 -28.08 -27.93
C ASN I 15 1.40 -29.32 -27.13
N ASP I 16 2.10 -30.41 -27.40
CA ASP I 16 1.81 -31.68 -26.74
C ASP I 16 2.01 -31.70 -25.24
N ASP I 17 2.84 -30.82 -24.71
CA ASP I 17 3.06 -30.71 -23.27
C ASP I 17 2.25 -29.55 -22.62
N ASP I 18 1.13 -29.14 -23.22
CA ASP I 18 0.32 -28.04 -22.77
C ASP I 18 0.99 -26.67 -22.70
N THR I 19 2.13 -26.44 -23.39
CA THR I 19 2.64 -25.06 -23.52
C THR I 19 1.99 -24.49 -24.77
N PHE I 20 2.18 -23.21 -25.10
CA PHE I 20 1.46 -22.56 -26.22
C PHE I 20 2.48 -21.77 -27.01
N THR I 21 2.58 -21.94 -28.31
CA THR I 21 3.53 -21.21 -29.17
C THR I 21 2.80 -20.08 -29.90
N VAL I 22 3.50 -18.99 -30.19
CA VAL I 22 2.94 -17.85 -30.85
C VAL I 22 3.97 -17.39 -31.89
N LYS I 23 3.60 -16.84 -33.04
CA LYS I 23 4.56 -16.31 -34.04
C LYS I 23 4.17 -14.83 -34.20
N VAL I 24 5.05 -13.92 -33.84
CA VAL I 24 4.79 -12.49 -33.88
C VAL I 24 6.06 -11.97 -34.55
N GLY I 25 5.90 -11.15 -35.61
CA GLY I 25 7.06 -10.63 -36.29
C GLY I 25 7.75 -11.78 -36.97
N ASP I 26 9.01 -11.95 -36.66
CA ASP I 26 9.85 -12.97 -37.29
C ASP I 26 10.34 -14.03 -36.30
N LYS I 27 9.80 -14.04 -35.05
CA LYS I 27 10.23 -14.98 -34.03
C LYS I 27 9.06 -15.90 -33.70
N GLU I 28 9.36 -17.16 -33.40
CA GLU I 28 8.38 -18.11 -32.92
C GLU I 28 8.77 -18.33 -31.44
N LEU I 29 7.89 -18.09 -30.45
CA LEU I 29 8.25 -18.18 -29.05
C LEU I 29 7.21 -18.99 -28.33
N PHE I 30 7.41 -19.51 -27.12
CA PHE I 30 6.38 -20.31 -26.44
C PHE I 30 6.17 -19.80 -25.00
N THR I 31 5.08 -20.10 -24.33
CA THR I 31 4.92 -19.74 -22.92
C THR I 31 4.34 -20.96 -22.25
N ASN I 32 4.71 -21.11 -20.99
CA ASN I 32 4.14 -22.21 -20.19
C ASN I 32 3.03 -21.71 -19.24
N ARG I 33 2.66 -20.41 -19.27
CA ARG I 33 1.59 -19.90 -18.41
C ARG I 33 0.22 -20.22 -19.03
N TRP I 34 -0.56 -21.13 -18.43
CA TRP I 34 -1.86 -21.44 -18.98
C TRP I 34 -2.78 -20.26 -19.06
N ASN I 35 -2.73 -19.26 -18.19
CA ASN I 35 -3.57 -18.06 -18.28
C ASN I 35 -3.41 -17.29 -19.59
N LEU I 36 -2.26 -17.29 -20.26
CA LEU I 36 -2.07 -16.58 -21.50
C LEU I 36 -2.73 -17.20 -22.72
N GLN I 37 -3.17 -18.46 -22.71
CA GLN I 37 -3.68 -19.13 -23.90
C GLN I 37 -4.90 -18.46 -24.45
N SER I 38 -5.97 -18.26 -23.71
CA SER I 38 -7.12 -17.55 -24.28
C SER I 38 -6.88 -16.07 -24.47
N LEU I 39 -6.01 -15.44 -23.68
CA LEU I 39 -5.69 -14.03 -23.92
C LEU I 39 -5.00 -13.83 -25.25
N LEU I 40 -4.04 -14.68 -25.60
CA LEU I 40 -3.38 -14.59 -26.90
C LEU I 40 -4.29 -15.02 -28.05
N LEU I 41 -5.15 -16.05 -27.93
CA LEU I 41 -6.06 -16.35 -29.04
C LEU I 41 -7.05 -15.20 -29.22
N SER I 42 -7.57 -14.51 -28.19
CA SER I 42 -8.41 -13.33 -28.39
C SER I 42 -7.65 -12.22 -29.09
N ALA I 43 -6.37 -12.00 -28.77
CA ALA I 43 -5.61 -10.97 -29.44
C ALA I 43 -5.46 -11.35 -30.89
N GLN I 44 -5.36 -12.63 -31.22
CA GLN I 44 -5.17 -13.02 -32.59
C GLN I 44 -6.47 -12.78 -33.36
N ILE I 45 -7.58 -13.33 -32.89
CA ILE I 45 -8.87 -13.18 -33.52
C ILE I 45 -9.21 -11.69 -33.70
N THR I 46 -8.99 -10.80 -32.75
CA THR I 46 -9.39 -9.42 -32.93
C THR I 46 -8.33 -8.54 -33.56
N GLY I 47 -7.19 -9.06 -34.00
CA GLY I 47 -6.19 -8.24 -34.65
C GLY I 47 -5.46 -7.29 -33.71
N MET I 48 -5.27 -7.54 -32.40
CA MET I 48 -4.51 -6.60 -31.57
C MET I 48 -3.03 -6.64 -31.95
N THR I 49 -2.28 -5.63 -31.55
CA THR I 49 -0.84 -5.57 -31.73
C THR I 49 -0.26 -6.00 -30.39
N VAL I 50 0.65 -6.97 -30.29
CA VAL I 50 1.20 -7.37 -28.99
C VAL I 50 2.71 -7.09 -28.99
N THR I 51 3.28 -6.81 -27.81
CA THR I 51 4.73 -6.69 -27.70
C THR I 51 5.14 -7.78 -26.71
N ILE I 52 6.11 -8.61 -27.07
CA ILE I 52 6.55 -9.65 -26.16
C ILE I 52 7.90 -9.25 -25.63
N LYS I 53 8.05 -9.30 -24.29
CA LYS I 53 9.30 -8.94 -23.62
C LYS I 53 9.93 -10.23 -23.12
N THR I 54 11.20 -10.48 -23.49
CA THR I 54 11.93 -11.67 -23.07
C THR I 54 13.42 -11.53 -23.36
N ASN I 55 14.22 -12.16 -22.48
CA ASN I 55 15.68 -12.22 -22.69
C ASN I 55 16.02 -13.35 -23.65
N ALA I 56 15.15 -14.36 -23.85
CA ALA I 56 15.42 -15.41 -24.81
C ALA I 56 14.81 -14.99 -26.15
N CYS I 57 15.25 -13.86 -26.71
CA CYS I 57 14.67 -13.40 -27.96
C CYS I 57 15.25 -14.09 -29.22
N HIS I 58 14.84 -15.32 -29.48
CA HIS I 58 15.35 -16.13 -30.59
C HIS I 58 14.29 -17.20 -30.87
N ASN I 59 14.20 -17.82 -32.06
CA ASN I 59 13.23 -18.90 -32.26
C ASN I 59 13.32 -20.01 -31.21
N GLY I 60 12.20 -20.39 -30.63
CA GLY I 60 12.14 -21.40 -29.60
C GLY I 60 12.27 -20.87 -28.20
N GLY I 61 12.52 -19.56 -28.06
CA GLY I 61 12.66 -18.90 -26.76
C GLY I 61 11.38 -18.87 -25.99
N GLY I 62 11.46 -18.89 -24.68
CA GLY I 62 10.27 -18.75 -23.83
C GLY I 62 9.97 -17.30 -23.42
N PHE I 63 8.73 -16.98 -23.02
CA PHE I 63 8.35 -15.65 -22.54
C PHE I 63 7.22 -15.79 -21.51
N SER I 64 7.03 -14.73 -20.73
CA SER I 64 5.80 -14.64 -19.93
C SER I 64 5.23 -13.21 -19.94
N GLU I 65 5.95 -12.18 -20.41
CA GLU I 65 5.45 -10.84 -20.40
C GLU I 65 4.93 -10.42 -21.74
N VAL I 66 3.71 -9.90 -21.83
CA VAL I 66 3.06 -9.54 -23.11
C VAL I 66 2.29 -8.27 -22.85
N ILE I 67 2.39 -7.25 -23.72
CA ILE I 67 1.60 -6.04 -23.64
C ILE I 67 0.57 -6.14 -24.75
N PHE I 68 -0.70 -5.87 -24.46
CA PHE I 68 -1.75 -5.92 -25.47
C PHE I 68 -2.22 -4.46 -25.77
N ARG I 69 -1.92 -3.94 -26.99
CA ARG I 69 -2.33 -2.63 -27.44
C ARG I 69 -3.47 -2.60 -28.41
N THR J 1 -14.30 2.24 -0.82
CA THR J 1 -12.97 2.55 -1.33
C THR J 1 -13.05 3.69 -2.32
N PRO J 2 -12.22 4.74 -2.30
CA PRO J 2 -12.39 5.90 -3.19
C PRO J 2 -12.13 5.61 -4.67
N ASP J 3 -12.83 6.33 -5.55
CA ASP J 3 -12.55 6.28 -6.98
C ASP J 3 -11.14 6.73 -7.23
N CYS J 4 -10.47 6.15 -8.21
CA CYS J 4 -9.11 6.56 -8.52
C CYS J 4 -9.03 7.00 -9.99
N VAL J 5 -9.44 6.25 -11.01
CA VAL J 5 -9.42 6.67 -12.39
C VAL J 5 -10.64 6.08 -13.09
N THR J 6 -11.16 6.80 -14.10
CA THR J 6 -12.25 6.30 -14.88
C THR J 6 -11.82 6.54 -16.32
N GLY J 7 -12.01 5.61 -17.24
CA GLY J 7 -11.65 5.81 -18.62
C GLY J 7 -11.67 4.50 -19.37
N LYS J 8 -11.24 4.51 -20.64
CA LYS J 8 -11.21 3.29 -21.39
C LYS J 8 -9.82 2.68 -21.11
N VAL J 9 -9.67 1.34 -21.20
CA VAL J 9 -8.37 0.71 -20.98
C VAL J 9 -7.45 1.04 -22.14
N GLU J 10 -6.30 1.70 -21.95
CA GLU J 10 -5.34 1.96 -23.05
C GLU J 10 -4.58 0.70 -23.50
N TYR J 11 -4.00 -0.06 -22.52
CA TYR J 11 -3.32 -1.31 -22.70
C TYR J 11 -3.36 -2.12 -21.42
N THR J 12 -3.18 -3.41 -21.56
CA THR J 12 -3.04 -4.32 -20.43
C THR J 12 -1.68 -5.07 -20.58
N LYS J 13 -1.06 -5.62 -19.52
CA LYS J 13 0.22 -6.28 -19.63
C LYS J 13 0.18 -7.49 -18.67
N TYR J 14 0.63 -8.69 -19.17
CA TYR J 14 0.72 -9.88 -18.32
C TYR J 14 2.14 -9.81 -17.76
N ASN J 15 2.25 -10.01 -16.41
CA ASN J 15 3.53 -9.82 -15.73
C ASN J 15 4.19 -11.14 -15.43
N ASP J 16 5.52 -11.10 -15.18
CA ASP J 16 6.26 -12.33 -14.96
C ASP J 16 5.83 -13.12 -13.74
N ASP J 17 5.16 -12.53 -12.75
CA ASP J 17 4.71 -13.20 -11.55
C ASP J 17 3.20 -13.50 -11.56
N ASP J 18 2.64 -13.59 -12.78
CA ASP J 18 1.20 -13.77 -12.98
C ASP J 18 0.25 -12.67 -12.44
N THR J 19 0.71 -11.47 -12.13
CA THR J 19 -0.22 -10.36 -11.85
C THR J 19 -0.51 -9.71 -13.20
N PHE J 20 -1.41 -8.72 -13.26
CA PHE J 20 -1.86 -8.16 -14.53
C PHE J 20 -1.87 -6.65 -14.38
N THR J 21 -1.27 -5.90 -15.27
CA THR J 21 -1.23 -4.45 -15.21
C THR J 21 -2.21 -3.86 -16.21
N VAL J 22 -2.78 -2.68 -15.91
CA VAL J 22 -3.78 -2.02 -16.75
C VAL J 22 -3.41 -0.53 -16.76
N LYS J 23 -3.65 0.18 -17.85
CA LYS J 23 -3.40 1.63 -17.88
C LYS J 23 -4.74 2.26 -18.22
N VAL J 24 -5.29 3.05 -17.30
CA VAL J 24 -6.60 3.66 -17.47
C VAL J 24 -6.35 5.11 -17.07
N GLY J 25 -6.74 6.06 -17.88
CA GLY J 25 -6.48 7.45 -17.59
C GLY J 25 -4.98 7.69 -17.66
N ASP J 26 -4.45 8.17 -16.55
CA ASP J 26 -3.05 8.56 -16.49
C ASP J 26 -2.29 7.70 -15.46
N LYS J 27 -2.93 6.65 -14.93
CA LYS J 27 -2.29 5.80 -13.93
C LYS J 27 -2.08 4.42 -14.52
N GLU J 28 -1.00 3.75 -14.10
CA GLU J 28 -0.71 2.39 -14.48
C GLU J 28 -0.85 1.61 -13.17
N LEU J 29 -1.76 0.64 -13.04
CA LEU J 29 -2.01 -0.05 -11.77
C LEU J 29 -1.96 -1.56 -11.97
N PHE J 30 -1.89 -2.44 -10.95
CA PHE J 30 -1.83 -3.87 -11.20
C PHE J 30 -2.81 -4.59 -10.30
N THR J 31 -3.26 -5.80 -10.61
CA THR J 31 -4.08 -6.55 -9.66
C THR J 31 -3.47 -7.97 -9.61
N ASN J 32 -3.65 -8.62 -8.47
CA ASN J 32 -3.18 -9.96 -8.30
C ASN J 32 -4.34 -10.96 -8.37
N ARG J 33 -5.56 -10.51 -8.69
CA ARG J 33 -6.72 -11.40 -8.73
C ARG J 33 -6.79 -12.05 -10.09
N TRP J 34 -6.56 -13.36 -10.25
CA TRP J 34 -6.56 -13.96 -11.58
C TRP J 34 -7.91 -13.85 -12.26
N ASN J 35 -9.03 -13.87 -11.54
CA ASN J 35 -10.37 -13.69 -12.12
C ASN J 35 -10.54 -12.39 -12.91
N LEU J 36 -9.81 -11.31 -12.61
CA LEU J 36 -9.96 -10.08 -13.34
C LEU J 36 -9.23 -10.06 -14.68
N GLN J 37 -8.36 -11.01 -15.06
CA GLN J 37 -7.59 -10.90 -16.29
C GLN J 37 -8.46 -10.99 -17.52
N SER J 38 -9.33 -11.98 -17.69
CA SER J 38 -10.15 -11.98 -18.90
C SER J 38 -11.28 -10.93 -18.85
N LEU J 39 -11.78 -10.58 -17.66
CA LEU J 39 -12.76 -9.52 -17.56
C LEU J 39 -12.18 -8.18 -18.06
N LEU J 40 -10.98 -7.81 -17.63
CA LEU J 40 -10.34 -6.59 -18.13
C LEU J 40 -9.95 -6.69 -19.61
N LEU J 41 -9.47 -7.82 -20.13
CA LEU J 41 -9.18 -7.83 -21.57
C LEU J 41 -10.49 -7.71 -22.38
N SER J 42 -11.62 -8.33 -21.96
CA SER J 42 -12.88 -8.12 -22.66
C SER J 42 -13.32 -6.65 -22.63
N ALA J 43 -13.17 -5.97 -21.49
CA ALA J 43 -13.46 -4.56 -21.39
C ALA J 43 -12.59 -3.77 -22.35
N GLN J 44 -11.30 -4.12 -22.49
CA GLN J 44 -10.42 -3.42 -23.43
C GLN J 44 -10.85 -3.64 -24.89
N ILE J 45 -11.04 -4.90 -25.31
CA ILE J 45 -11.47 -5.23 -26.66
C ILE J 45 -12.81 -4.56 -26.98
N THR J 46 -13.83 -4.53 -26.10
CA THR J 46 -15.11 -3.97 -26.49
C THR J 46 -15.24 -2.48 -26.17
N GLY J 47 -14.18 -1.80 -25.73
CA GLY J 47 -14.23 -0.38 -25.45
C GLY J 47 -15.09 0.00 -24.28
N MET J 48 -15.27 -0.75 -23.20
CA MET J 48 -16.06 -0.35 -22.04
C MET J 48 -15.30 0.72 -21.28
N THR J 49 -16.02 1.47 -20.46
CA THR J 49 -15.43 2.50 -19.59
C THR J 49 -15.32 1.79 -18.26
N VAL J 50 -14.16 1.84 -17.59
CA VAL J 50 -14.04 1.20 -16.27
C VAL J 50 -13.71 2.24 -15.21
N THR J 51 -14.07 2.00 -13.94
CA THR J 51 -13.69 2.89 -12.85
C THR J 51 -12.95 2.01 -11.90
N ILE J 52 -11.71 2.35 -11.56
CA ILE J 52 -10.93 1.56 -10.60
C ILE J 52 -10.92 2.30 -9.26
N LYS J 53 -11.29 1.57 -8.18
CA LYS J 53 -11.36 2.09 -6.82
C LYS J 53 -10.18 1.50 -6.06
N THR J 54 -9.32 2.35 -5.49
CA THR J 54 -8.15 1.95 -4.70
C THR J 54 -7.60 3.10 -3.87
N ASN J 55 -7.03 2.74 -2.73
CA ASN J 55 -6.34 3.70 -1.88
C ASN J 55 -4.92 3.91 -2.39
N ALA J 56 -4.34 2.98 -3.16
CA ALA J 56 -2.99 3.18 -3.69
C ALA J 56 -3.13 3.85 -5.05
N CYS J 57 -3.75 5.03 -5.13
CA CYS J 57 -3.96 5.65 -6.42
C CYS J 57 -2.72 6.41 -6.94
N HIS J 58 -1.72 5.66 -7.41
CA HIS J 58 -0.48 6.23 -7.92
C HIS J 58 0.12 5.23 -8.90
N ASN J 59 1.04 5.55 -9.79
CA ASN J 59 1.62 4.53 -10.68
C ASN J 59 2.25 3.40 -9.90
N GLY J 60 1.91 2.16 -10.25
CA GLY J 60 2.47 1.01 -9.58
C GLY J 60 1.59 0.57 -8.43
N GLY J 61 0.49 1.28 -8.15
CA GLY J 61 -0.41 0.89 -7.07
C GLY J 61 -1.26 -0.34 -7.42
N GLY J 62 -1.74 -1.06 -6.42
CA GLY J 62 -2.52 -2.27 -6.65
C GLY J 62 -4.00 -1.98 -6.49
N PHE J 63 -4.89 -2.83 -7.01
CA PHE J 63 -6.32 -2.61 -6.91
C PHE J 63 -7.01 -3.93 -6.94
N SER J 64 -8.27 -3.99 -6.58
CA SER J 64 -9.07 -5.17 -6.78
C SER J 64 -10.50 -4.80 -7.15
N GLU J 65 -10.96 -3.59 -6.89
CA GLU J 65 -12.33 -3.19 -7.21
C GLU J 65 -12.42 -2.46 -8.56
N VAL J 66 -13.30 -2.90 -9.46
CA VAL J 66 -13.43 -2.34 -10.78
C VAL J 66 -14.92 -2.28 -11.07
N ILE J 67 -15.43 -1.21 -11.64
CA ILE J 67 -16.83 -1.14 -12.09
C ILE J 67 -16.78 -1.12 -13.61
N PHE J 68 -17.61 -1.92 -14.26
CA PHE J 68 -17.63 -2.00 -15.72
C PHE J 68 -18.93 -1.40 -16.22
N ARG J 69 -18.81 -0.21 -16.83
CA ARG J 69 -19.98 0.51 -17.39
C ARG J 69 -19.91 0.31 -18.90
N THR K 1 12.02 -33.39 -6.25
CA THR K 1 11.58 -32.20 -5.56
C THR K 1 11.72 -31.01 -6.48
N PRO K 2 10.79 -30.09 -6.62
CA PRO K 2 10.89 -29.00 -7.57
C PRO K 2 11.96 -27.96 -7.28
N ASP K 3 12.54 -27.36 -8.33
CA ASP K 3 13.47 -26.24 -8.15
C ASP K 3 12.73 -25.09 -7.47
N CYS K 4 13.41 -24.30 -6.66
CA CYS K 4 12.78 -23.18 -6.00
C CYS K 4 13.54 -21.93 -6.35
N VAL K 5 14.86 -21.76 -6.15
CA VAL K 5 15.60 -20.54 -6.52
C VAL K 5 16.94 -20.97 -6.98
N THR K 6 17.53 -20.20 -7.92
CA THR K 6 18.90 -20.46 -8.41
C THR K 6 19.60 -19.14 -8.35
N GLY K 7 20.84 -19.00 -7.90
CA GLY K 7 21.51 -17.72 -7.85
C GLY K 7 22.74 -17.85 -7.00
N LYS K 8 23.40 -16.73 -6.71
CA LYS K 8 24.58 -16.73 -5.87
C LYS K 8 24.07 -16.51 -4.46
N VAL K 9 24.77 -17.01 -3.42
CA VAL K 9 24.33 -16.80 -2.05
C VAL K 9 24.57 -15.35 -1.69
N GLU K 10 23.55 -14.62 -1.36
CA GLU K 10 23.69 -13.26 -0.88
C GLU K 10 24.24 -13.06 0.55
N TYR K 11 23.73 -13.85 1.52
CA TYR K 11 24.25 -13.93 2.88
C TYR K 11 23.80 -15.25 3.48
N THR K 12 24.49 -15.64 4.55
CA THR K 12 24.11 -16.83 5.34
C THR K 12 23.96 -16.37 6.79
N LYS K 13 23.21 -17.08 7.62
CA LYS K 13 23.05 -16.67 9.01
C LYS K 13 23.05 -17.92 9.90
N TYR K 14 23.80 -17.90 11.04
CA TYR K 14 23.80 -19.00 11.99
C TYR K 14 22.70 -18.66 12.99
N ASN K 15 21.79 -19.59 13.27
CA ASN K 15 20.61 -19.33 14.09
C ASN K 15 20.78 -19.84 15.50
N ASP K 16 19.96 -19.31 16.42
CA ASP K 16 20.08 -19.68 17.84
C ASP K 16 19.82 -21.15 18.17
N ASP K 17 19.09 -21.87 17.32
CA ASP K 17 18.85 -23.29 17.49
C ASP K 17 19.74 -24.19 16.61
N ASP K 18 20.92 -23.70 16.21
CA ASP K 18 21.85 -24.38 15.35
C ASP K 18 21.33 -24.74 13.96
N THR K 19 20.24 -24.11 13.46
CA THR K 19 19.89 -24.27 12.03
C THR K 19 20.63 -23.18 11.27
N PHE K 20 20.59 -23.15 9.93
CA PHE K 20 21.40 -22.21 9.16
C PHE K 20 20.49 -21.64 8.10
N THR K 21 20.44 -20.29 7.93
CA THR K 21 19.60 -19.62 6.94
C THR K 21 20.49 -19.16 5.79
N VAL K 22 19.92 -19.12 4.59
CA VAL K 22 20.60 -18.73 3.39
C VAL K 22 19.66 -17.82 2.60
N LYS K 23 20.14 -16.79 1.88
CA LYS K 23 19.31 -15.96 1.02
C LYS K 23 19.85 -16.14 -0.37
N VAL K 24 19.06 -16.72 -1.28
CA VAL K 24 19.46 -16.96 -2.65
C VAL K 24 18.31 -16.38 -3.45
N GLY K 25 18.60 -15.54 -4.45
CA GLY K 25 17.51 -15.00 -5.24
C GLY K 25 16.73 -14.06 -4.35
N ASP K 26 15.44 -14.29 -4.28
CA ASP K 26 14.52 -13.44 -3.52
C ASP K 26 13.90 -14.20 -2.34
N LYS K 27 14.38 -15.43 -2.01
CA LYS K 27 13.81 -16.19 -0.91
C LYS K 27 14.85 -16.35 0.21
N GLU K 28 14.38 -16.37 1.44
CA GLU K 28 15.23 -16.60 2.57
C GLU K 28 14.77 -17.98 3.11
N LEU K 29 15.64 -19.01 3.16
CA LEU K 29 15.23 -20.36 3.50
C LEU K 29 16.16 -20.90 4.58
N PHE K 30 15.89 -22.00 5.32
CA PHE K 30 16.80 -22.47 6.37
C PHE K 30 16.98 -23.98 6.21
N THR K 31 18.04 -24.59 6.68
CA THR K 31 18.15 -26.03 6.70
C THR K 31 18.59 -26.41 8.11
N ASN K 32 18.16 -27.59 8.53
CA ASN K 32 18.58 -28.14 9.81
C ASN K 32 19.69 -29.17 9.66
N ARG K 33 20.23 -29.41 8.46
CA ARG K 33 21.30 -30.42 8.25
C ARG K 33 22.65 -29.79 8.58
N TRP K 34 23.33 -30.17 9.65
CA TRP K 34 24.60 -29.54 10.01
C TRP K 34 25.64 -29.73 8.98
N ASN K 35 25.64 -30.80 8.20
CA ASN K 35 26.65 -31.01 7.09
C ASN K 35 26.59 -29.89 6.04
N LEU K 36 25.46 -29.23 5.78
CA LEU K 36 25.40 -28.19 4.83
C LEU K 36 26.01 -26.87 5.23
N GLN K 37 26.33 -26.58 6.46
CA GLN K 37 26.78 -25.27 6.91
C GLN K 37 28.12 -24.90 6.27
N SER K 38 29.16 -25.73 6.34
CA SER K 38 30.41 -25.32 5.69
C SER K 38 30.36 -25.44 4.18
N LEU K 39 29.52 -26.32 3.62
CA LEU K 39 29.42 -26.43 2.18
C LEU K 39 28.82 -25.14 1.64
N LEU K 40 27.71 -24.59 2.25
CA LEU K 40 27.10 -23.35 1.81
C LEU K 40 28.03 -22.19 2.09
N LEU K 41 28.79 -22.08 3.18
CA LEU K 41 29.67 -20.93 3.34
C LEU K 41 30.77 -20.97 2.31
N SER K 42 31.30 -22.13 1.91
CA SER K 42 32.31 -22.23 0.83
C SER K 42 31.72 -21.81 -0.48
N ALA K 43 30.46 -22.17 -0.78
CA ALA K 43 29.80 -21.74 -1.99
C ALA K 43 29.68 -20.21 -1.98
N GLN K 44 29.35 -19.60 -0.85
CA GLN K 44 29.20 -18.16 -0.73
C GLN K 44 30.56 -17.50 -0.99
N ILE K 45 31.62 -17.86 -0.23
CA ILE K 45 32.96 -17.29 -0.38
C ILE K 45 33.44 -17.43 -1.81
N THR K 46 33.29 -18.58 -2.52
CA THR K 46 33.87 -18.70 -3.85
C THR K 46 32.91 -18.27 -4.96
N GLY K 47 31.76 -17.71 -4.67
CA GLY K 47 30.82 -17.30 -5.69
C GLY K 47 30.15 -18.39 -6.53
N MET K 48 29.88 -19.56 -6.04
CA MET K 48 29.26 -20.62 -6.84
C MET K 48 27.80 -20.25 -7.02
N THR K 49 27.16 -20.85 -8.00
CA THR K 49 25.73 -20.65 -8.25
C THR K 49 25.08 -21.86 -7.62
N VAL K 50 24.04 -21.72 -6.77
CA VAL K 50 23.41 -22.89 -6.17
C VAL K 50 21.94 -22.93 -6.60
N THR K 51 21.35 -24.15 -6.68
CA THR K 51 19.94 -24.27 -6.92
C THR K 51 19.37 -24.95 -5.68
N ILE K 52 18.34 -24.41 -5.02
CA ILE K 52 17.75 -25.06 -3.89
C ILE K 52 16.42 -25.67 -4.30
N LYS K 53 16.23 -26.95 -3.98
CA LYS K 53 15.01 -27.68 -4.37
C LYS K 53 14.20 -27.87 -3.10
N THR K 54 12.93 -27.43 -3.07
CA THR K 54 12.07 -27.59 -1.91
C THR K 54 10.60 -27.33 -2.28
N ASN K 55 9.73 -28.05 -1.61
CA ASN K 55 8.29 -27.79 -1.73
C ASN K 55 7.85 -26.59 -0.90
N ALA K 56 8.59 -26.18 0.16
CA ALA K 56 8.25 -25.02 0.95
C ALA K 56 8.98 -23.82 0.32
N CYS K 57 8.69 -23.50 -0.94
CA CYS K 57 9.35 -22.42 -1.60
C CYS K 57 8.76 -21.04 -1.28
N HIS K 58 9.02 -20.53 -0.08
CA HIS K 58 8.48 -19.27 0.39
C HIS K 58 9.43 -18.74 1.47
N ASN K 59 9.48 -17.48 1.87
CA ASN K 59 10.35 -17.02 2.95
C ASN K 59 10.07 -17.80 4.23
N GLY K 60 11.14 -18.30 4.88
CA GLY K 60 11.01 -19.06 6.09
C GLY K 60 10.87 -20.56 5.81
N GLY K 61 10.82 -20.99 4.57
CA GLY K 61 10.68 -22.38 4.24
C GLY K 61 11.98 -23.15 4.51
N GLY K 62 11.83 -24.46 4.74
CA GLY K 62 13.01 -25.31 4.99
C GLY K 62 13.45 -26.01 3.71
N PHE K 63 14.70 -26.47 3.64
CA PHE K 63 15.19 -27.24 2.50
C PHE K 63 16.25 -28.24 2.98
N SER K 64 16.59 -29.22 2.14
CA SER K 64 17.74 -30.05 2.37
C SER K 64 18.47 -30.35 1.04
N GLU K 65 17.89 -30.15 -0.14
CA GLU K 65 18.53 -30.47 -1.39
C GLU K 65 19.13 -29.23 -2.02
N VAL K 66 20.41 -29.26 -2.40
CA VAL K 66 21.11 -28.11 -2.95
C VAL K 66 21.98 -28.66 -4.07
N ILE K 67 22.06 -28.02 -5.26
CA ILE K 67 22.97 -28.39 -6.32
C ILE K 67 24.03 -27.32 -6.37
N PHE K 68 25.31 -27.68 -6.47
CA PHE K 68 26.39 -26.70 -6.47
C PHE K 68 27.06 -26.73 -7.82
N ARG K 69 27.05 -25.66 -8.62
CA ARG K 69 27.74 -25.58 -9.88
C ARG K 69 28.63 -24.32 -9.97
N THR L 1 38.77 -52.72 -7.52
CA THR L 1 37.51 -52.24 -8.12
C THR L 1 37.80 -51.51 -9.45
N PRO L 2 37.11 -51.78 -10.55
CA PRO L 2 37.39 -51.14 -11.82
C PRO L 2 37.14 -49.63 -11.88
N ASP L 3 37.98 -48.93 -12.69
CA ASP L 3 37.73 -47.49 -12.97
C ASP L 3 36.38 -47.34 -13.65
N CYS L 4 35.67 -46.27 -13.39
CA CYS L 4 34.36 -46.04 -14.01
C CYS L 4 34.38 -44.71 -14.76
N VAL L 5 34.75 -43.55 -14.18
CA VAL L 5 34.86 -42.29 -14.92
C VAL L 5 36.02 -41.54 -14.36
N THR L 6 36.70 -40.74 -15.18
CA THR L 6 37.75 -39.82 -14.76
C THR L 6 37.38 -38.47 -15.36
N GLY L 7 37.55 -37.36 -14.63
CA GLY L 7 37.25 -36.03 -15.17
C GLY L 7 37.15 -35.01 -14.07
N LYS L 8 36.73 -33.78 -14.36
CA LYS L 8 36.61 -32.78 -13.36
C LYS L 8 35.17 -32.90 -12.85
N VAL L 9 34.85 -32.47 -11.64
CA VAL L 9 33.49 -32.55 -11.12
C VAL L 9 32.65 -31.50 -11.79
N GLU L 10 31.62 -31.88 -12.51
CA GLU L 10 30.71 -30.96 -13.17
C GLU L 10 29.77 -30.31 -12.15
N TYR L 11 29.13 -30.99 -11.19
CA TYR L 11 28.34 -30.43 -10.10
C TYR L 11 28.22 -31.48 -8.99
N THR L 12 27.88 -31.06 -7.78
CA THR L 12 27.62 -31.97 -6.67
C THR L 12 26.20 -31.64 -6.18
N LYS L 13 25.52 -32.52 -5.46
CA LYS L 13 24.18 -32.27 -4.99
C LYS L 13 24.05 -32.92 -3.60
N TYR L 14 23.48 -32.23 -2.60
CA TYR L 14 23.20 -32.78 -1.28
C TYR L 14 21.80 -33.36 -1.36
N ASN L 15 21.60 -34.59 -0.94
CA ASN L 15 20.33 -35.27 -1.12
C ASN L 15 19.51 -35.31 0.14
N ASP L 16 18.20 -35.52 0.06
CA ASP L 16 17.32 -35.45 1.23
C ASP L 16 17.62 -36.48 2.30
N ASP L 17 18.33 -37.56 1.99
CA ASP L 17 18.66 -38.61 2.96
C ASP L 17 20.11 -38.52 3.38
N ASP L 18 20.72 -37.34 3.29
CA ASP L 18 22.13 -37.10 3.61
C ASP L 18 23.15 -37.89 2.78
N THR L 19 22.80 -38.46 1.60
CA THR L 19 23.84 -38.98 0.71
C THR L 19 24.26 -37.78 -0.17
N PHE L 20 25.30 -37.94 -1.01
CA PHE L 20 25.82 -36.84 -1.81
C PHE L 20 25.96 -37.37 -3.24
N THR L 21 25.46 -36.63 -4.25
CA THR L 21 25.59 -37.01 -5.67
C THR L 21 26.68 -36.20 -6.35
N VAL L 22 27.35 -36.77 -7.35
CA VAL L 22 28.44 -36.12 -8.06
C VAL L 22 28.24 -36.38 -9.53
N LYS L 23 28.56 -35.51 -10.48
CA LYS L 23 28.49 -35.81 -11.90
C LYS L 23 29.93 -35.59 -12.40
N VAL L 24 30.52 -36.67 -12.93
CA VAL L 24 31.91 -36.63 -13.40
C VAL L 24 31.78 -37.32 -14.72
N GLY L 25 32.32 -36.72 -15.78
CA GLY L 25 32.21 -37.33 -17.11
C GLY L 25 30.74 -37.34 -17.50
N ASP L 26 30.25 -38.49 -17.86
CA ASP L 26 28.89 -38.63 -18.35
C ASP L 26 28.00 -39.42 -17.37
N LYS L 27 28.48 -39.76 -16.15
CA LYS L 27 27.73 -40.54 -15.20
C LYS L 27 27.40 -39.66 -13.99
N GLU L 28 26.24 -39.89 -13.40
CA GLU L 28 25.83 -39.24 -12.17
C GLU L 28 25.85 -40.34 -11.12
N LEU L 29 26.62 -40.25 -10.04
CA LEU L 29 26.73 -41.34 -9.09
C LEU L 29 26.54 -40.82 -7.67
N PHE L 30 26.28 -41.60 -6.63
CA PHE L 30 26.11 -41.05 -5.28
C PHE L 30 27.00 -41.79 -4.29
N THR L 31 27.29 -41.23 -3.11
CA THR L 31 28.01 -41.98 -2.08
C THR L 31 27.27 -41.70 -0.76
N ASN L 32 27.30 -42.68 0.13
CA ASN L 32 26.69 -42.53 1.43
C ASN L 32 27.77 -42.28 2.49
N ARG L 33 29.04 -42.17 2.15
CA ARG L 33 30.10 -41.89 3.12
C ARG L 33 30.17 -40.38 3.44
N TRP L 34 29.78 -39.94 4.65
CA TRP L 34 29.77 -38.53 4.99
C TRP L 34 31.16 -37.92 4.89
N ASN L 35 32.25 -38.67 5.12
CA ASN L 35 33.59 -38.12 5.00
C ASN L 35 33.91 -37.60 3.62
N LEU L 36 33.30 -38.17 2.56
CA LEU L 36 33.63 -37.70 1.20
C LEU L 36 32.96 -36.38 0.79
N GLN L 37 31.97 -35.82 1.51
CA GLN L 37 31.27 -34.64 1.09
C GLN L 37 32.22 -33.45 1.00
N SER L 38 32.98 -33.06 2.00
CA SER L 38 33.83 -31.89 1.84
C SER L 38 35.03 -32.15 0.97
N LEU L 39 35.55 -33.38 0.90
CA LEU L 39 36.65 -33.73 0.04
C LEU L 39 36.21 -33.53 -1.39
N LEU L 40 35.02 -34.00 -1.80
CA LEU L 40 34.54 -33.80 -3.16
C LEU L 40 34.19 -32.36 -3.45
N LEU L 41 33.64 -31.56 -2.55
CA LEU L 41 33.38 -30.15 -2.86
C LEU L 41 34.72 -29.46 -2.98
N SER L 42 35.76 -29.76 -2.18
CA SER L 42 37.06 -29.10 -2.39
C SER L 42 37.67 -29.45 -3.75
N ALA L 43 37.49 -30.69 -4.22
CA ALA L 43 37.99 -31.10 -5.52
C ALA L 43 37.23 -30.33 -6.58
N GLN L 44 35.94 -30.07 -6.41
CA GLN L 44 35.16 -29.32 -7.38
C GLN L 44 35.61 -27.86 -7.42
N ILE L 45 35.63 -27.16 -6.29
CA ILE L 45 36.12 -25.79 -6.20
C ILE L 45 37.56 -25.68 -6.76
N THR L 46 38.56 -26.53 -6.52
CA THR L 46 39.88 -26.27 -6.99
C THR L 46 40.14 -26.92 -8.34
N GLY L 47 39.16 -27.53 -8.99
CA GLY L 47 39.36 -28.11 -10.31
C GLY L 47 40.24 -29.34 -10.38
N MET L 48 40.25 -30.21 -9.39
CA MET L 48 41.07 -31.43 -9.44
C MET L 48 40.40 -32.40 -10.39
N THR L 49 41.17 -33.40 -10.83
CA THR L 49 40.70 -34.43 -11.72
C THR L 49 40.43 -35.59 -10.79
N VAL L 50 39.26 -36.22 -10.73
CA VAL L 50 39.01 -37.37 -9.88
C VAL L 50 38.73 -38.62 -10.71
N THR L 51 39.11 -39.82 -10.22
CA THR L 51 38.73 -41.06 -10.87
C THR L 51 37.82 -41.80 -9.89
N ILE L 52 36.62 -42.21 -10.27
CA ILE L 52 35.74 -42.92 -9.37
C ILE L 52 35.79 -44.39 -9.77
N LYS L 53 35.99 -45.30 -8.82
CA LYS L 53 36.06 -46.73 -9.04
C LYS L 53 34.80 -47.34 -8.48
N THR L 54 34.02 -48.09 -9.25
CA THR L 54 32.80 -48.73 -8.80
C THR L 54 32.37 -49.78 -9.80
N ASN L 55 31.74 -50.83 -9.31
CA ASN L 55 31.11 -51.86 -10.13
C ASN L 55 29.74 -51.42 -10.58
N ALA L 56 29.08 -50.45 -9.92
CA ALA L 56 27.77 -49.97 -10.36
C ALA L 56 28.03 -48.78 -11.29
N CYS L 57 28.72 -48.95 -12.40
CA CYS L 57 29.08 -47.81 -13.24
C CYS L 57 27.97 -47.45 -14.22
N HIS L 58 26.90 -46.84 -13.74
CA HIS L 58 25.75 -46.45 -14.53
C HIS L 58 25.09 -45.30 -13.82
N ASN L 59 24.25 -44.47 -14.42
CA ASN L 59 23.59 -43.37 -13.69
C ASN L 59 22.82 -43.90 -12.51
N GLY L 60 23.02 -43.27 -11.36
CA GLY L 60 22.33 -43.66 -10.13
C GLY L 60 23.13 -44.66 -9.34
N GLY L 61 24.28 -45.13 -9.84
CA GLY L 61 25.09 -46.11 -9.15
C GLY L 61 25.79 -45.51 -7.92
N GLY L 62 26.14 -46.33 -6.95
CA GLY L 62 26.84 -45.86 -5.79
C GLY L 62 28.33 -46.06 -5.90
N PHE L 63 29.12 -45.36 -5.09
CA PHE L 63 30.55 -45.52 -5.08
C PHE L 63 31.12 -45.16 -3.70
N SER L 64 32.38 -45.56 -3.43
CA SER L 64 33.06 -45.17 -2.23
C SER L 64 34.53 -44.94 -2.51
N GLU L 65 35.07 -45.45 -3.60
CA GLU L 65 36.48 -45.24 -3.90
C GLU L 65 36.72 -44.09 -4.88
N VAL L 66 37.59 -43.12 -4.56
CA VAL L 66 37.81 -41.92 -5.37
C VAL L 66 39.30 -41.68 -5.33
N ILE L 67 39.97 -41.36 -6.44
CA ILE L 67 41.39 -40.99 -6.45
C ILE L 67 41.38 -39.52 -6.78
N PHE L 68 42.19 -38.68 -6.07
CA PHE L 68 42.21 -37.26 -6.29
C PHE L 68 43.55 -36.88 -6.83
N ARG L 69 43.62 -36.32 -8.06
CA ARG L 69 44.86 -35.73 -8.59
C ARG L 69 44.78 -34.23 -8.93
N THR M 1 60.06 -42.23 15.63
CA THR M 1 59.76 -43.10 14.53
C THR M 1 60.60 -42.64 13.34
N PRO M 2 61.31 -43.48 12.57
CA PRO M 2 62.14 -43.01 11.46
C PRO M 2 61.42 -42.33 10.30
N ASP M 3 62.08 -41.39 9.65
CA ASP M 3 61.54 -40.79 8.42
C ASP M 3 61.40 -41.86 7.36
N CYS M 4 60.45 -41.77 6.46
CA CYS M 4 60.28 -42.77 5.44
C CYS M 4 60.28 -42.11 4.08
N VAL M 5 59.46 -41.09 3.76
CA VAL M 5 59.52 -40.37 2.50
C VAL M 5 59.26 -38.93 2.78
N THR M 6 59.80 -38.02 1.94
CA THR M 6 59.53 -36.59 2.01
C THR M 6 59.26 -36.17 0.60
N GLY M 7 58.27 -35.32 0.30
CA GLY M 7 57.99 -34.88 -1.07
C GLY M 7 56.61 -34.26 -1.11
N LYS M 8 56.11 -33.97 -2.29
CA LYS M 8 54.81 -33.37 -2.43
C LYS M 8 53.87 -34.54 -2.62
N VAL M 9 52.60 -34.43 -2.27
CA VAL M 9 51.61 -35.50 -2.43
C VAL M 9 51.28 -35.64 -3.90
N GLU M 10 51.37 -36.83 -4.46
CA GLU M 10 51.19 -37.05 -5.89
C GLU M 10 49.72 -37.35 -6.06
N TYR M 11 49.07 -38.20 -5.34
CA TYR M 11 47.62 -38.34 -5.35
C TYR M 11 47.19 -38.88 -4.00
N THR M 12 45.93 -38.74 -3.66
CA THR M 12 45.37 -39.36 -2.50
C THR M 12 44.24 -40.28 -2.96
N LYS M 13 43.86 -41.33 -2.23
CA LYS M 13 42.73 -42.18 -2.59
C LYS M 13 41.84 -42.49 -1.34
N TYR M 14 40.51 -42.45 -1.48
CA TYR M 14 39.58 -42.79 -0.42
C TYR M 14 39.29 -44.27 -0.64
N ASN M 15 39.44 -45.10 0.39
CA ASN M 15 39.33 -46.56 0.26
C ASN M 15 37.99 -47.05 0.71
N ASP M 16 37.59 -48.20 0.25
CA ASP M 16 36.28 -48.77 0.59
C ASP M 16 36.00 -48.98 2.10
N ASP M 17 37.03 -49.12 2.96
CA ASP M 17 36.88 -49.36 4.38
C ASP M 17 37.16 -48.06 5.15
N ASP M 18 36.99 -46.88 4.52
CA ASP M 18 37.23 -45.58 5.10
C ASP M 18 38.67 -45.28 5.53
N THR M 19 39.68 -46.07 5.09
CA THR M 19 41.05 -45.62 5.29
C THR M 19 41.42 -44.66 4.11
N PHE M 20 42.56 -44.03 4.13
CA PHE M 20 42.94 -43.07 3.12
C PHE M 20 44.36 -43.38 2.62
N THR M 21 44.60 -43.49 1.32
CA THR M 21 45.91 -43.75 0.80
C THR M 21 46.56 -42.47 0.28
N VAL M 22 47.88 -42.38 0.32
CA VAL M 22 48.62 -41.22 -0.12
C VAL M 22 49.87 -41.72 -0.91
N LYS M 23 50.36 -41.01 -1.96
CA LYS M 23 51.56 -41.44 -2.68
C LYS M 23 52.47 -40.25 -2.55
N VAL M 24 53.61 -40.42 -1.90
CA VAL M 24 54.55 -39.34 -1.66
C VAL M 24 55.88 -39.99 -2.06
N GLY M 25 56.70 -39.34 -2.87
CA GLY M 25 57.93 -39.93 -3.29
C GLY M 25 57.60 -41.17 -4.12
N ASP M 26 58.18 -42.28 -3.70
CA ASP M 26 58.05 -43.53 -4.43
C ASP M 26 57.29 -44.57 -3.65
N LYS M 27 56.67 -44.21 -2.50
CA LYS M 27 55.93 -45.16 -1.66
C LYS M 27 54.47 -44.82 -1.70
N GLU M 28 53.62 -45.84 -1.69
CA GLU M 28 52.19 -45.64 -1.56
C GLU M 28 51.84 -46.14 -0.14
N LEU M 29 51.29 -45.35 0.78
CA LEU M 29 51.06 -45.75 2.15
C LEU M 29 49.60 -45.47 2.53
N PHE M 30 49.00 -45.96 3.63
CA PHE M 30 47.65 -45.61 3.97
C PHE M 30 47.60 -45.18 5.47
N THR M 31 46.55 -44.52 5.96
CA THR M 31 46.40 -44.25 7.37
C THR M 31 44.94 -44.57 7.67
N ASN M 32 44.72 -45.01 8.90
CA ASN M 32 43.36 -45.25 9.35
C ASN M 32 42.84 -44.09 10.25
N ARG M 33 43.60 -43.03 10.47
CA ARG M 33 43.16 -41.91 11.28
C ARG M 33 42.24 -40.98 10.44
N TRP M 34 40.94 -40.89 10.72
CA TRP M 34 40.04 -40.03 9.93
C TRP M 34 40.44 -38.54 10.01
N ASN M 35 41.00 -38.03 11.09
CA ASN M 35 41.46 -36.66 11.18
C ASN M 35 42.46 -36.29 10.13
N LEU M 36 43.29 -37.21 9.62
CA LEU M 36 44.31 -36.88 8.59
C LEU M 36 43.74 -36.72 7.17
N GLN M 37 42.51 -37.12 6.83
CA GLN M 37 42.01 -37.04 5.49
C GLN M 37 41.95 -35.62 5.02
N SER M 38 41.28 -34.65 5.62
CA SER M 38 41.23 -33.29 5.06
C SER M 38 42.58 -32.57 5.24
N LEU M 39 43.39 -32.89 6.28
CA LEU M 39 44.68 -32.26 6.39
C LEU M 39 45.55 -32.68 5.21
N LEU M 40 45.65 -33.96 4.83
CA LEU M 40 46.42 -34.36 3.69
C LEU M 40 45.83 -33.82 2.37
N LEU M 41 44.50 -33.77 2.11
CA LEU M 41 44.02 -33.18 0.86
C LEU M 41 44.36 -31.70 0.84
N SER M 42 44.32 -30.95 1.93
CA SER M 42 44.75 -29.56 1.89
C SER M 42 46.22 -29.46 1.58
N ALA M 43 47.06 -30.32 2.15
CA ALA M 43 48.47 -30.30 1.79
C ALA M 43 48.66 -30.57 0.27
N GLN M 44 47.83 -31.48 -0.32
CA GLN M 44 47.91 -31.82 -1.73
C GLN M 44 47.56 -30.62 -2.60
N ILE M 45 46.36 -30.04 -2.35
CA ILE M 45 45.86 -28.85 -3.06
C ILE M 45 46.83 -27.73 -2.94
N THR M 46 47.40 -27.36 -1.80
CA THR M 46 48.29 -26.20 -1.73
C THR M 46 49.74 -26.52 -1.99
N GLY M 47 50.10 -27.73 -2.39
CA GLY M 47 51.50 -28.05 -2.70
C GLY M 47 52.47 -28.01 -1.52
N MET M 48 52.07 -28.40 -0.31
CA MET M 48 53.00 -28.45 0.82
C MET M 48 53.92 -29.67 0.63
N THR M 49 55.05 -29.66 1.31
CA THR M 49 55.98 -30.77 1.31
C THR M 49 55.65 -31.53 2.59
N VAL M 50 55.44 -32.84 2.59
CA VAL M 50 55.16 -33.59 3.81
C VAL M 50 56.26 -34.63 4.02
N THR M 51 56.55 -34.99 5.29
CA THR M 51 57.46 -36.07 5.64
C THR M 51 56.66 -37.09 6.40
N ILE M 52 56.62 -38.35 5.97
CA ILE M 52 55.87 -39.37 6.65
C ILE M 52 56.82 -40.23 7.42
N LYS M 53 56.58 -40.45 8.71
CA LYS M 53 57.41 -41.23 9.59
C LYS M 53 56.67 -42.53 9.87
N THR M 54 57.32 -43.67 9.58
CA THR M 54 56.74 -44.99 9.84
C THR M 54 57.81 -46.08 9.79
N ASN M 55 57.56 -47.14 10.57
CA ASN M 55 58.42 -48.33 10.51
C ASN M 55 58.01 -49.22 9.38
N ALA M 56 56.77 -49.14 8.88
CA ALA M 56 56.36 -49.94 7.75
C ALA M 56 56.66 -49.15 6.47
N CYS M 57 57.90 -48.76 6.23
CA CYS M 57 58.22 -47.98 5.02
C CYS M 57 58.36 -48.81 3.71
N HIS M 58 57.25 -49.25 3.14
CA HIS M 58 57.21 -50.07 1.97
C HIS M 58 55.85 -49.87 1.33
N ASN M 59 55.62 -50.19 0.05
CA ASN M 59 54.27 -50.00 -0.52
C ASN M 59 53.24 -50.79 0.27
N GLY M 60 52.15 -50.15 0.63
CA GLY M 60 51.08 -50.80 1.37
C GLY M 60 51.23 -50.61 2.87
N GLY M 61 52.32 -50.00 3.32
CA GLY M 61 52.54 -49.79 4.74
C GLY M 61 51.60 -48.74 5.33
N GLY M 62 51.39 -48.83 6.64
CA GLY M 62 50.51 -47.86 7.31
C GLY M 62 51.33 -46.79 8.01
N PHE M 63 50.72 -45.64 8.32
CA PHE M 63 51.43 -44.58 9.00
C PHE M 63 50.42 -43.80 9.81
N SER M 64 50.94 -42.98 10.76
CA SER M 64 50.11 -42.01 11.46
C SER M 64 50.84 -40.69 11.71
N GLU M 65 52.13 -40.66 11.55
CA GLU M 65 52.85 -39.45 11.82
C GLU M 65 53.20 -38.74 10.51
N VAL M 66 52.88 -37.44 10.39
CA VAL M 66 53.12 -36.67 9.20
C VAL M 66 53.65 -35.31 9.66
N ILE M 67 54.65 -34.69 9.04
CA ILE M 67 55.07 -33.33 9.34
C ILE M 67 54.66 -32.51 8.12
N PHE M 68 54.08 -31.33 8.30
CA PHE M 68 53.63 -30.50 7.19
C PHE M 68 54.46 -29.24 7.10
N ARG M 69 55.18 -28.89 5.99
CA ARG M 69 55.83 -27.58 5.84
C ARG M 69 55.34 -26.91 4.56
N THR N 1 46.11 -16.71 31.29
CA THR N 1 47.24 -17.60 31.06
C THR N 1 48.35 -16.79 30.38
N PRO N 2 49.58 -16.83 30.75
CA PRO N 2 50.60 -15.99 30.13
C PRO N 2 50.95 -16.28 28.67
N ASP N 3 51.37 -15.26 27.92
CA ASP N 3 51.80 -15.45 26.55
C ASP N 3 53.03 -16.32 26.59
N CYS N 4 53.28 -17.15 25.57
CA CYS N 4 54.47 -17.96 25.54
C CYS N 4 55.25 -17.71 24.29
N VAL N 5 54.68 -17.77 23.07
CA VAL N 5 55.43 -17.46 21.83
C VAL N 5 54.45 -16.81 20.90
N THR N 6 54.96 -15.96 20.04
CA THR N 6 54.15 -15.32 18.98
C THR N 6 54.97 -15.43 17.70
N GLY N 7 54.38 -15.83 16.58
CA GLY N 7 55.16 -15.92 15.34
C GLY N 7 54.30 -16.63 14.29
N LYS N 8 54.90 -16.95 13.16
CA LYS N 8 54.20 -17.69 12.13
C LYS N 8 54.46 -19.15 12.43
N VAL N 9 53.56 -20.08 12.03
CA VAL N 9 53.75 -21.50 12.24
C VAL N 9 54.82 -22.02 11.29
N GLU N 10 55.90 -22.61 11.80
CA GLU N 10 56.97 -23.09 10.95
C GLU N 10 56.73 -24.52 10.44
N TYR N 11 56.14 -25.40 11.25
CA TYR N 11 55.62 -26.68 10.76
C TYR N 11 54.63 -27.20 11.80
N THR N 12 53.80 -28.14 11.38
CA THR N 12 52.88 -28.81 12.27
C THR N 12 53.16 -30.32 12.15
N LYS N 13 52.81 -31.16 13.10
CA LYS N 13 53.04 -32.60 13.01
C LYS N 13 51.85 -33.35 13.60
N TYR N 14 51.30 -34.39 12.93
CA TYR N 14 50.22 -35.22 13.45
C TYR N 14 50.97 -36.36 14.19
N ASN N 15 50.55 -36.63 15.44
CA ASN N 15 51.24 -37.54 16.31
C ASN N 15 50.56 -38.88 16.42
N ASP N 16 51.29 -39.93 16.85
CA ASP N 16 50.71 -41.25 16.84
C ASP N 16 49.49 -41.46 17.73
N ASP N 17 49.35 -40.60 18.73
CA ASP N 17 48.22 -40.66 19.68
C ASP N 17 47.15 -39.62 19.38
N ASP N 18 47.05 -39.18 18.14
CA ASP N 18 46.12 -38.15 17.66
C ASP N 18 46.28 -36.78 18.31
N THR N 19 47.41 -36.47 18.98
CA THR N 19 47.60 -35.10 19.40
C THR N 19 48.25 -34.35 18.23
N PHE N 20 48.47 -33.02 18.28
CA PHE N 20 49.01 -32.30 17.16
C PHE N 20 50.12 -31.38 17.64
N THR N 21 51.31 -31.36 17.04
CA THR N 21 52.44 -30.54 17.49
C THR N 21 52.62 -29.36 16.56
N VAL N 22 53.10 -28.23 17.05
CA VAL N 22 53.24 -27.01 16.28
C VAL N 22 54.59 -26.41 16.67
N LYS N 23 55.28 -25.72 15.78
CA LYS N 23 56.54 -25.07 16.13
C LYS N 23 56.32 -23.64 15.80
N VAL N 24 56.36 -22.77 16.80
CA VAL N 24 56.13 -21.35 16.59
C VAL N 24 57.30 -20.73 17.33
N GLY N 25 58.00 -19.77 16.71
CA GLY N 25 59.13 -19.14 17.38
C GLY N 25 60.20 -20.22 17.56
N ASP N 26 60.59 -20.38 18.80
CA ASP N 26 61.67 -21.28 19.15
C ASP N 26 61.17 -22.45 20.02
N LYS N 27 59.85 -22.59 20.19
CA LYS N 27 59.32 -23.65 21.05
C LYS N 27 58.54 -24.64 20.17
N GLU N 28 58.57 -25.90 20.55
CA GLU N 28 57.76 -26.93 19.91
C GLU N 28 56.71 -27.35 20.95
N LEU N 29 55.41 -27.22 20.72
CA LEU N 29 54.41 -27.47 21.75
C LEU N 29 53.36 -28.41 21.21
N PHE N 30 52.46 -29.07 21.98
CA PHE N 30 51.44 -29.93 21.38
C PHE N 30 50.09 -29.58 21.96
N THR N 31 48.98 -29.93 21.36
CA THR N 31 47.67 -29.75 21.96
C THR N 31 46.91 -31.06 21.76
N ASN N 32 46.04 -31.39 22.68
CA ASN N 32 45.22 -32.58 22.56
C ASN N 32 43.80 -32.23 22.13
N ARG N 33 43.51 -30.95 21.78
CA ARG N 33 42.14 -30.56 21.37
C ARG N 33 41.97 -30.82 19.87
N TRP N 34 41.13 -31.77 19.43
CA TRP N 34 41.04 -32.10 18.04
C TRP N 34 40.53 -30.92 17.20
N ASN N 35 39.67 -30.05 17.73
CA ASN N 35 39.18 -28.86 17.07
C ASN N 35 40.29 -27.95 16.61
N LEU N 36 41.45 -27.91 17.29
CA LEU N 36 42.49 -27.02 16.83
C LEU N 36 43.28 -27.49 15.60
N GLN N 37 43.16 -28.76 15.16
CA GLN N 37 44.02 -29.26 14.11
C GLN N 37 43.82 -28.53 12.81
N SER N 38 42.60 -28.46 12.27
CA SER N 38 42.41 -27.71 11.01
C SER N 38 42.55 -26.20 11.14
N LEU N 39 42.22 -25.63 12.31
CA LEU N 39 42.42 -24.22 12.52
C LEU N 39 43.91 -23.86 12.44
N LEU N 40 44.79 -24.63 13.10
CA LEU N 40 46.23 -24.38 13.01
C LEU N 40 46.78 -24.68 11.61
N LEU N 41 46.33 -25.71 10.85
CA LEU N 41 46.89 -25.91 9.53
C LEU N 41 46.43 -24.75 8.63
N SER N 42 45.19 -24.23 8.75
CA SER N 42 44.78 -23.07 7.97
C SER N 42 45.63 -21.86 8.32
N ALA N 43 45.95 -21.60 9.60
CA ALA N 43 46.85 -20.53 9.98
C ALA N 43 48.23 -20.75 9.36
N GLN N 44 48.72 -21.97 9.24
CA GLN N 44 50.02 -22.20 8.66
C GLN N 44 50.01 -21.91 7.14
N ILE N 45 49.08 -22.52 6.39
CA ILE N 45 48.91 -22.30 4.99
C ILE N 45 48.74 -20.83 4.70
N THR N 46 47.94 -20.02 5.41
CA THR N 46 47.71 -18.65 4.98
C THR N 46 48.69 -17.69 5.64
N GLY N 47 49.68 -18.12 6.40
CA GLY N 47 50.68 -17.19 6.94
C GLY N 47 50.17 -16.32 8.09
N MET N 48 49.18 -16.71 8.91
CA MET N 48 48.72 -15.91 10.00
C MET N 48 49.78 -15.87 11.09
N THR N 49 49.73 -14.91 11.99
CA THR N 49 50.61 -14.80 13.14
C THR N 49 49.80 -15.37 14.29
N VAL N 50 50.29 -16.32 15.10
CA VAL N 50 49.53 -16.88 16.21
C VAL N 50 50.29 -16.59 17.50
N THR N 51 49.56 -16.39 18.60
CA THR N 51 50.15 -16.28 19.94
C THR N 51 49.64 -17.48 20.74
N ILE N 52 50.55 -18.29 21.32
CA ILE N 52 50.13 -19.41 22.13
C ILE N 52 50.31 -19.05 23.58
N LYS N 53 49.25 -19.25 24.37
CA LYS N 53 49.28 -18.93 25.81
C LYS N 53 49.34 -20.24 26.57
N THR N 54 50.34 -20.42 27.44
CA THR N 54 50.48 -21.64 28.26
C THR N 54 51.46 -21.39 29.41
N ASN N 55 51.19 -22.14 30.49
CA ASN N 55 52.11 -22.18 31.62
C ASN N 55 53.24 -23.17 31.39
N ALA N 56 53.09 -24.16 30.51
CA ALA N 56 54.14 -25.08 30.18
C ALA N 56 54.91 -24.48 29.04
N CYS N 57 55.51 -23.32 29.17
CA CYS N 57 56.22 -22.73 28.04
C CYS N 57 57.65 -23.24 27.85
N HIS N 58 57.81 -24.44 27.35
CA HIS N 58 59.12 -25.10 27.15
C HIS N 58 58.94 -26.13 26.03
N ASN N 59 59.99 -26.64 25.40
CA ASN N 59 59.79 -27.69 24.39
C ASN N 59 59.05 -28.92 24.93
N GLY N 60 58.02 -29.38 24.22
CA GLY N 60 57.23 -30.49 24.67
C GLY N 60 56.05 -30.10 25.53
N GLY N 61 55.88 -28.80 25.78
CA GLY N 61 54.80 -28.35 26.64
C GLY N 61 53.45 -28.43 25.97
N GLY N 62 52.38 -28.55 26.72
CA GLY N 62 51.07 -28.58 26.08
C GLY N 62 50.39 -27.21 26.09
N PHE N 63 49.36 -27.00 25.30
CA PHE N 63 48.64 -25.74 25.25
C PHE N 63 47.20 -25.97 24.81
N SER N 64 46.33 -25.02 25.04
CA SER N 64 45.01 -25.05 24.46
C SER N 64 44.55 -23.67 24.01
N GLU N 65 45.21 -22.59 24.42
CA GLU N 65 44.78 -21.26 24.07
C GLU N 65 45.64 -20.73 22.94
N VAL N 66 45.06 -20.24 21.84
CA VAL N 66 45.77 -19.71 20.69
C VAL N 66 45.02 -18.44 20.26
N ILE N 67 45.72 -17.36 19.92
CA ILE N 67 45.03 -16.21 19.32
C ILE N 67 45.48 -16.23 17.85
N PHE N 68 44.57 -16.03 16.90
CA PHE N 68 44.87 -15.97 15.47
C PHE N 68 44.72 -14.54 14.94
N ARG N 69 45.83 -14.04 14.37
CA ARG N 69 45.93 -12.67 13.85
C ARG N 69 46.25 -12.58 12.38
N THR O 1 16.57 -10.76 17.74
CA THR O 1 17.70 -10.38 18.57
C THR O 1 18.37 -9.14 17.99
N PRO O 2 18.65 -8.09 18.74
CA PRO O 2 19.25 -6.86 18.19
C PRO O 2 20.66 -6.96 17.63
N ASP O 3 20.98 -6.19 16.62
CA ASP O 3 22.34 -6.10 16.10
C ASP O 3 23.25 -5.58 17.20
N CYS O 4 24.49 -6.00 17.28
CA CYS O 4 25.39 -5.52 18.29
C CYS O 4 26.61 -4.95 17.60
N VAL O 5 27.35 -5.60 16.68
CA VAL O 5 28.51 -5.01 16.01
C VAL O 5 28.51 -5.56 14.61
N THR O 6 29.03 -4.80 13.65
CA THR O 6 29.22 -5.20 12.28
C THR O 6 30.66 -4.79 11.90
N GLY O 7 31.45 -5.61 11.22
CA GLY O 7 32.78 -5.25 10.86
C GLY O 7 33.51 -6.49 10.38
N LYS O 8 34.80 -6.38 10.15
CA LYS O 8 35.62 -7.50 9.74
C LYS O 8 36.15 -8.12 11.02
N VAL O 9 36.48 -9.41 11.05
CA VAL O 9 36.99 -10.04 12.26
C VAL O 9 38.45 -9.59 12.46
N GLU O 10 38.84 -8.96 13.57
CA GLU O 10 40.21 -8.50 13.73
C GLU O 10 41.07 -9.68 14.29
N TYR O 11 40.55 -10.51 15.22
CA TYR O 11 41.23 -11.75 15.66
C TYR O 11 40.20 -12.70 16.27
N THR O 12 40.59 -13.97 16.36
CA THR O 12 39.78 -14.99 16.97
C THR O 12 40.66 -15.65 18.02
N LYS O 13 40.10 -16.30 19.05
CA LYS O 13 40.91 -16.95 20.07
C LYS O 13 40.24 -18.25 20.49
N TYR O 14 41.02 -19.37 20.58
CA TYR O 14 40.49 -20.65 21.06
C TYR O 14 40.73 -20.65 22.58
N ASN O 15 39.66 -20.94 23.32
CA ASN O 15 39.73 -20.81 24.80
C ASN O 15 39.91 -22.13 25.49
N ASP O 16 40.45 -22.10 26.72
CA ASP O 16 40.73 -23.36 27.44
C ASP O 16 39.52 -24.29 27.70
N ASP O 17 38.28 -23.83 27.61
CA ASP O 17 37.10 -24.63 27.85
C ASP O 17 36.37 -24.94 26.53
N ASP O 18 37.12 -24.83 25.40
CA ASP O 18 36.59 -25.05 24.04
C ASP O 18 35.56 -24.07 23.56
N THR O 19 35.39 -22.89 24.18
CA THR O 19 34.56 -21.85 23.58
C THR O 19 35.48 -21.06 22.64
N PHE O 20 34.98 -20.10 21.85
CA PHE O 20 35.78 -19.40 20.86
C PHE O 20 35.48 -17.91 21.01
N THR O 21 36.47 -17.06 21.07
CA THR O 21 36.29 -15.63 21.21
C THR O 21 36.58 -14.96 19.87
N VAL O 22 35.90 -13.84 19.56
CA VAL O 22 36.03 -13.11 18.31
C VAL O 22 36.07 -11.61 18.69
N LYS O 23 36.83 -10.76 18.00
CA LYS O 23 36.82 -9.31 18.21
C LYS O 23 36.37 -8.70 16.87
N VAL O 24 35.20 -8.05 16.88
CA VAL O 24 34.59 -7.44 15.71
C VAL O 24 34.27 -6.04 16.18
N GLY O 25 34.66 -5.01 15.42
CA GLY O 25 34.42 -3.65 15.86
C GLY O 25 35.20 -3.34 17.12
N ASP O 26 34.48 -2.94 18.16
CA ASP O 26 35.09 -2.58 19.44
C ASP O 26 34.68 -3.53 20.59
N LYS O 27 33.97 -4.63 20.29
CA LYS O 27 33.54 -5.60 21.29
C LYS O 27 34.29 -6.93 21.15
N GLU O 28 34.59 -7.61 22.25
CA GLU O 28 35.23 -8.91 22.23
C GLU O 28 34.13 -9.81 22.76
N LEU O 29 33.66 -10.82 22.02
CA LEU O 29 32.51 -11.63 22.44
C LEU O 29 32.87 -13.12 22.32
N PHE O 30 32.14 -14.11 22.84
CA PHE O 30 32.51 -15.50 22.73
C PHE O 30 31.31 -16.32 22.34
N THR O 31 31.46 -17.52 21.79
CA THR O 31 30.30 -18.37 21.53
C THR O 31 30.71 -19.76 22.05
N ASN O 32 29.69 -20.52 22.44
CA ASN O 32 29.94 -21.85 22.87
C ASN O 32 29.50 -22.85 21.80
N ARG O 33 29.06 -22.40 20.62
CA ARG O 33 28.62 -23.34 19.58
C ARG O 33 29.84 -23.80 18.77
N TRP O 34 30.20 -25.10 18.82
CA TRP O 34 31.39 -25.59 18.12
C TRP O 34 31.26 -25.43 16.61
N ASN O 35 30.09 -25.57 15.98
CA ASN O 35 29.90 -25.35 14.57
C ASN O 35 30.35 -23.98 14.11
N LEU O 36 30.36 -22.92 14.95
CA LEU O 36 30.79 -21.60 14.46
C LEU O 36 32.30 -21.40 14.37
N GLN O 37 33.13 -22.29 14.89
CA GLN O 37 34.58 -22.08 14.93
C GLN O 37 35.20 -21.99 13.55
N SER O 38 35.00 -22.94 12.65
CA SER O 38 35.60 -22.88 11.34
C SER O 38 34.88 -21.89 10.48
N LEU O 39 33.58 -21.65 10.68
CA LEU O 39 32.89 -20.67 9.89
C LEU O 39 33.46 -19.29 10.18
N LEU O 40 33.67 -18.92 11.45
CA LEU O 40 34.28 -17.64 11.77
C LEU O 40 35.74 -17.55 11.37
N LEU O 41 36.61 -18.59 11.43
CA LEU O 41 37.98 -18.46 10.97
C LEU O 41 37.95 -18.32 9.45
N SER O 42 37.08 -18.98 8.69
CA SER O 42 36.99 -18.72 7.26
C SER O 42 36.58 -17.29 6.95
N ALA O 43 35.61 -16.72 7.70
CA ALA O 43 35.23 -15.33 7.53
C ALA O 43 36.44 -14.45 7.79
N GLN O 44 37.27 -14.78 8.79
CA GLN O 44 38.43 -13.96 9.11
C GLN O 44 39.45 -14.00 7.98
N ILE O 45 39.86 -15.20 7.56
CA ILE O 45 40.82 -15.40 6.49
C ILE O 45 40.33 -14.73 5.21
N THR O 46 39.06 -14.83 4.79
CA THR O 46 38.69 -14.25 3.50
C THR O 46 38.20 -12.80 3.59
N GLY O 47 38.29 -12.12 4.75
CA GLY O 47 37.88 -10.73 4.86
C GLY O 47 36.37 -10.52 4.75
N MET O 48 35.47 -11.44 5.10
CA MET O 48 34.02 -11.15 5.09
C MET O 48 33.65 -10.12 6.19
N THR O 49 32.52 -9.47 5.99
CA THR O 49 31.97 -8.55 6.95
C THR O 49 30.93 -9.36 7.75
N VAL O 50 30.94 -9.40 9.11
CA VAL O 50 29.98 -10.21 9.87
C VAL O 50 29.20 -9.24 10.76
N THR O 51 27.93 -9.59 11.07
CA THR O 51 27.09 -8.86 11.98
C THR O 51 26.73 -9.80 13.09
N ILE O 52 27.08 -9.48 14.35
CA ILE O 52 26.75 -10.35 15.47
C ILE O 52 25.51 -9.77 16.17
N LYS O 53 24.50 -10.59 16.38
CA LYS O 53 23.28 -10.21 17.04
C LYS O 53 23.30 -10.85 18.44
N THR O 54 23.13 -10.06 19.50
CA THR O 54 23.09 -10.52 20.88
C THR O 54 22.56 -9.46 21.82
N ASN O 55 21.89 -9.95 22.86
CA ASN O 55 21.45 -9.05 23.95
C ASN O 55 22.57 -8.75 24.93
N ALA O 56 23.63 -9.57 25.03
CA ALA O 56 24.77 -9.30 25.90
C ALA O 56 25.77 -8.50 25.09
N CYS O 57 25.42 -7.31 24.60
CA CYS O 57 26.34 -6.55 23.76
C CYS O 57 27.36 -5.73 24.56
N HIS O 58 28.33 -6.40 25.15
CA HIS O 58 29.37 -5.75 25.98
C HIS O 58 30.60 -6.65 25.94
N ASN O 59 31.81 -6.18 26.28
CA ASN O 59 32.94 -7.09 26.28
C ASN O 59 32.71 -8.32 27.18
N GLY O 60 32.96 -9.52 26.66
CA GLY O 60 32.83 -10.76 27.41
C GLY O 60 31.46 -11.33 27.26
N GLY O 61 30.58 -10.67 26.49
CA GLY O 61 29.22 -11.18 26.26
C GLY O 61 29.23 -12.37 25.32
N GLY O 62 28.18 -13.19 25.40
CA GLY O 62 28.12 -14.37 24.57
C GLY O 62 27.20 -14.13 23.37
N PHE O 63 27.26 -14.92 22.29
CA PHE O 63 26.40 -14.78 21.15
C PHE O 63 26.20 -16.14 20.49
N SER O 64 25.22 -16.23 19.61
CA SER O 64 25.10 -17.40 18.77
C SER O 64 24.63 -17.02 17.38
N GLU O 65 24.12 -15.80 17.15
CA GLU O 65 23.62 -15.42 15.86
C GLU O 65 24.62 -14.56 15.09
N VAL O 66 24.99 -14.94 13.85
CA VAL O 66 26.01 -14.25 13.08
C VAL O 66 25.48 -14.19 11.67
N ILE O 67 25.57 -13.03 10.97
CA ILE O 67 25.24 -12.95 9.56
C ILE O 67 26.59 -12.81 8.81
N PHE O 68 26.77 -13.56 7.70
CA PHE O 68 28.02 -13.49 6.96
C PHE O 68 27.76 -12.87 5.62
N ARG O 69 28.32 -11.74 5.32
CA ARG O 69 28.05 -11.01 4.06
C ARG O 69 29.38 -10.75 3.39
N THR P 1 -12.57 58.25 11.90
CA THR P 1 -12.11 59.49 11.30
C THR P 1 -13.19 59.98 10.35
N PRO P 2 -13.57 61.28 10.32
CA PRO P 2 -14.67 61.76 9.48
C PRO P 2 -14.39 61.71 7.99
N ASP P 3 -15.45 61.49 7.20
CA ASP P 3 -15.32 61.58 5.75
C ASP P 3 -14.87 63.01 5.38
N CYS P 4 -14.09 63.20 4.32
CA CYS P 4 -13.69 64.53 3.91
C CYS P 4 -14.13 64.76 2.48
N VAL P 5 -13.81 63.91 1.48
CA VAL P 5 -14.26 64.11 0.09
C VAL P 5 -14.53 62.76 -0.51
N THR P 6 -15.46 62.66 -1.45
CA THR P 6 -15.74 61.43 -2.16
C THR P 6 -15.79 61.87 -3.62
N GLY P 7 -15.25 61.12 -4.59
CA GLY P 7 -15.31 61.48 -5.99
C GLY P 7 -14.31 60.64 -6.76
N LYS P 8 -14.10 60.96 -8.02
CA LYS P 8 -13.12 60.25 -8.82
C LYS P 8 -11.80 60.99 -8.71
N VAL P 9 -10.66 60.37 -8.85
CA VAL P 9 -9.39 61.06 -8.72
C VAL P 9 -9.20 61.95 -9.95
N GLU P 10 -8.97 63.24 -9.78
CA GLU P 10 -8.76 64.11 -10.90
C GLU P 10 -7.36 64.03 -11.39
N TYR P 11 -6.36 64.16 -10.53
CA TYR P 11 -4.96 63.98 -10.89
C TYR P 11 -4.23 63.56 -9.64
N THR P 12 -3.04 62.98 -9.81
CA THR P 12 -2.16 62.61 -8.71
C THR P 12 -0.84 63.32 -8.97
N LYS P 13 0.01 63.54 -7.99
CA LYS P 13 1.32 64.17 -8.21
C LYS P 13 2.38 63.52 -7.32
N TYR P 14 3.56 63.18 -7.87
CA TYR P 14 4.66 62.63 -7.08
C TYR P 14 5.46 63.85 -6.61
N ASN P 15 5.77 63.93 -5.33
CA ASN P 15 6.38 65.10 -4.74
C ASN P 15 7.86 64.93 -4.49
N ASP P 16 8.62 66.03 -4.38
CA ASP P 16 10.06 65.94 -4.26
C ASP P 16 10.55 65.20 -3.03
N ASP P 17 9.74 65.06 -1.99
CA ASP P 17 10.12 64.37 -0.75
C ASP P 17 9.47 62.97 -0.67
N ASP P 18 9.16 62.37 -1.84
CA ASP P 18 8.50 61.07 -1.92
C ASP P 18 7.11 60.96 -1.26
N THR P 19 6.39 62.06 -0.97
CA THR P 19 5.01 61.96 -0.57
C THR P 19 4.17 62.01 -1.87
N PHE P 20 2.85 61.81 -1.83
CA PHE P 20 2.08 61.69 -3.05
C PHE P 20 0.86 62.55 -2.86
N THR P 21 0.54 63.47 -3.79
CA THR P 21 -0.67 64.31 -3.71
C THR P 21 -1.80 63.78 -4.58
N VAL P 22 -3.04 63.95 -4.16
CA VAL P 22 -4.23 63.50 -4.90
C VAL P 22 -5.28 64.65 -4.92
N LYS P 23 -6.07 64.83 -5.98
CA LYS P 23 -7.09 65.87 -5.99
C LYS P 23 -8.38 65.09 -6.22
N VAL P 24 -9.27 65.13 -5.23
CA VAL P 24 -10.53 64.41 -5.29
C VAL P 24 -11.53 65.50 -4.88
N GLY P 25 -12.62 65.64 -5.62
CA GLY P 25 -13.63 66.66 -5.34
C GLY P 25 -12.97 68.03 -5.52
N ASP P 26 -13.02 68.82 -4.45
CA ASP P 26 -12.48 70.16 -4.47
C ASP P 26 -11.26 70.35 -3.54
N LYS P 27 -10.72 69.23 -2.97
CA LYS P 27 -9.60 69.32 -2.03
C LYS P 27 -8.39 68.67 -2.65
N GLU P 28 -7.20 69.23 -2.39
CA GLU P 28 -5.95 68.65 -2.85
C GLU P 28 -5.31 68.17 -1.56
N LEU P 29 -5.00 66.88 -1.37
CA LEU P 29 -4.48 66.35 -0.10
C LEU P 29 -3.21 65.53 -0.36
N PHE P 30 -2.39 65.17 0.63
CA PHE P 30 -1.20 64.37 0.37
C PHE P 30 -1.11 63.21 1.36
N THR P 31 -0.38 62.15 1.10
CA THR P 31 -0.18 61.07 2.05
C THR P 31 1.30 60.76 1.98
N ASN P 32 1.82 60.35 3.13
CA ASN P 32 3.23 59.95 3.22
C ASN P 32 3.39 58.43 3.22
N ARG P 33 2.29 57.63 3.10
CA ARG P 33 2.33 56.18 3.09
C ARG P 33 2.72 55.69 1.70
N TRP P 34 3.93 55.17 1.47
CA TRP P 34 4.34 54.72 0.14
C TRP P 34 3.42 53.61 -0.39
N ASN P 35 2.85 52.71 0.41
CA ASN P 35 1.94 51.72 -0.08
C ASN P 35 0.76 52.27 -0.83
N LEU P 36 0.28 53.47 -0.59
CA LEU P 36 -0.89 54.00 -1.26
C LEU P 36 -0.59 54.55 -2.67
N GLN P 37 0.68 54.74 -3.09
CA GLN P 37 0.95 55.36 -4.37
C GLN P 37 0.42 54.52 -5.51
N SER P 38 0.71 53.24 -5.65
CA SER P 38 0.17 52.49 -6.79
C SER P 38 -1.30 52.19 -6.62
N LEU P 39 -1.82 52.07 -5.39
CA LEU P 39 -3.24 51.83 -5.20
C LEU P 39 -4.03 53.03 -5.70
N LEU P 40 -3.65 54.24 -5.35
CA LEU P 40 -4.31 55.42 -5.86
C LEU P 40 -4.13 55.62 -7.39
N LEU P 41 -2.99 55.38 -8.04
CA LEU P 41 -2.90 55.55 -9.48
C LEU P 41 -3.74 54.47 -10.11
N SER P 42 -3.85 53.23 -9.62
CA SER P 42 -4.79 52.27 -10.20
C SER P 42 -6.23 52.72 -10.08
N ALA P 43 -6.61 53.31 -8.93
CA ALA P 43 -7.93 53.87 -8.79
C ALA P 43 -8.19 54.99 -9.84
N GLN P 44 -7.19 55.81 -10.13
CA GLN P 44 -7.33 56.90 -11.08
C GLN P 44 -7.52 56.30 -12.45
N ILE P 45 -6.60 55.45 -12.92
CA ILE P 45 -6.65 54.82 -14.22
C ILE P 45 -7.96 54.06 -14.39
N THR P 46 -8.50 53.29 -13.45
CA THR P 46 -9.71 52.56 -13.75
C THR P 46 -10.97 53.34 -13.38
N GLY P 47 -10.92 54.63 -12.99
CA GLY P 47 -12.12 55.40 -12.68
C GLY P 47 -12.87 54.94 -11.43
N MET P 48 -12.20 54.45 -10.37
CA MET P 48 -12.92 54.09 -9.15
C MET P 48 -13.33 55.39 -8.41
N THR P 49 -14.35 55.28 -7.54
CA THR P 49 -14.78 56.39 -6.68
C THR P 49 -14.02 56.20 -5.36
N VAL P 50 -13.32 57.18 -4.78
CA VAL P 50 -12.65 56.98 -3.53
C VAL P 50 -13.23 57.90 -2.47
N THR P 51 -13.24 57.53 -1.19
CA THR P 51 -13.63 58.43 -0.10
C THR P 51 -12.39 58.62 0.78
N ILE P 52 -11.93 59.83 1.03
CA ILE P 52 -10.79 60.04 1.86
C ILE P 52 -11.28 60.54 3.20
N LYS P 53 -10.79 59.89 4.30
CA LYS P 53 -11.20 60.21 5.67
C LYS P 53 -10.04 60.90 6.31
N THR P 54 -10.21 62.13 6.84
CA THR P 54 -9.15 62.87 7.52
C THR P 54 -9.73 64.04 8.33
N ASN P 55 -9.01 64.36 9.42
CA ASN P 55 -9.35 65.53 10.23
C ASN P 55 -8.74 66.77 9.62
N ALA P 56 -7.70 66.65 8.78
CA ALA P 56 -7.15 67.82 8.15
C ALA P 56 -7.87 67.99 6.80
N CYS P 57 -9.18 68.15 6.78
CA CYS P 57 -9.92 68.31 5.53
C CYS P 57 -9.85 69.69 4.89
N HIS P 58 -8.73 70.07 4.33
CA HIS P 58 -8.52 71.40 3.75
C HIS P 58 -7.38 71.26 2.71
N ASN P 59 -7.22 72.17 1.76
CA ASN P 59 -6.12 72.02 0.83
C ASN P 59 -4.77 71.93 1.51
N GLY P 60 -3.97 70.93 1.12
CA GLY P 60 -2.67 70.75 1.75
C GLY P 60 -2.74 69.84 2.95
N GLY P 61 -3.91 69.37 3.36
CA GLY P 61 -4.02 68.48 4.49
C GLY P 61 -3.50 67.06 4.15
N GLY P 62 -3.11 66.32 5.19
CA GLY P 62 -2.61 64.95 5.01
C GLY P 62 -3.70 63.96 5.27
N PHE P 63 -3.56 62.74 4.73
CA PHE P 63 -4.51 61.66 5.01
C PHE P 63 -3.82 60.31 5.02
N SER P 64 -4.50 59.27 5.53
CA SER P 64 -3.97 57.92 5.37
C SER P 64 -5.12 56.95 5.15
N GLU P 65 -6.37 57.30 5.48
CA GLU P 65 -7.48 56.39 5.28
C GLU P 65 -8.22 56.62 3.97
N VAL P 66 -8.42 55.58 3.12
CA VAL P 66 -9.02 55.76 1.82
C VAL P 66 -9.95 54.60 1.64
N ILE P 67 -11.19 54.74 1.15
CA ILE P 67 -12.09 53.62 0.82
C ILE P 67 -12.15 53.59 -0.69
N PHE P 68 -12.02 52.40 -1.30
CA PHE P 68 -12.02 52.25 -2.78
C PHE P 68 -13.29 51.50 -3.15
N ARG P 69 -14.18 52.27 -3.77
CA ARG P 69 -15.43 51.70 -4.31
C ARG P 69 -15.43 51.72 -5.83
N THR Q 1 -7.96 25.77 7.70
CA THR Q 1 -8.74 26.87 8.23
C THR Q 1 -10.12 26.91 7.56
N PRO Q 2 -11.25 27.04 8.26
CA PRO Q 2 -12.57 27.01 7.62
C PRO Q 2 -12.88 28.20 6.67
N ASP Q 3 -13.66 27.94 5.64
CA ASP Q 3 -14.14 28.99 4.77
C ASP Q 3 -14.98 29.94 5.62
N CYS Q 4 -14.97 31.24 5.29
CA CYS Q 4 -15.77 32.20 6.01
C CYS Q 4 -16.72 32.90 5.06
N VAL Q 5 -16.29 33.53 3.95
CA VAL Q 5 -17.19 34.17 2.98
C VAL Q 5 -16.62 33.92 1.61
N THR Q 6 -17.46 33.92 0.58
CA THR Q 6 -17.04 33.81 -0.82
C THR Q 6 -17.87 34.83 -1.54
N GLY Q 7 -17.35 35.60 -2.48
CA GLY Q 7 -18.12 36.57 -3.23
C GLY Q 7 -17.15 37.52 -3.91
N LYS Q 8 -17.68 38.60 -4.49
CA LYS Q 8 -16.86 39.60 -5.17
C LYS Q 8 -16.50 40.64 -4.14
N VAL Q 9 -15.37 41.33 -4.24
CA VAL Q 9 -15.00 42.35 -3.27
C VAL Q 9 -15.91 43.56 -3.47
N GLU Q 10 -16.59 44.05 -2.46
CA GLU Q 10 -17.52 45.15 -2.53
C GLU Q 10 -16.79 46.48 -2.36
N TYR Q 11 -15.80 46.54 -1.47
CA TYR Q 11 -14.91 47.70 -1.32
C TYR Q 11 -13.72 47.26 -0.51
N THR Q 12 -12.67 48.05 -0.59
CA THR Q 12 -11.47 47.83 0.17
C THR Q 12 -11.16 49.14 0.90
N LYS Q 13 -10.44 49.15 2.03
CA LYS Q 13 -10.12 50.40 2.72
C LYS Q 13 -8.68 50.33 3.25
N TYR Q 14 -7.90 51.38 3.08
CA TYR Q 14 -6.55 51.46 3.63
C TYR Q 14 -6.70 52.09 5.01
N ASN Q 15 -6.12 51.48 6.04
CA ASN Q 15 -6.36 51.89 7.42
C ASN Q 15 -5.21 52.72 7.97
N ASP Q 16 -5.45 53.52 9.01
CA ASP Q 16 -4.40 54.38 9.54
C ASP Q 16 -3.14 53.70 10.07
N ASP Q 17 -3.20 52.41 10.45
CA ASP Q 17 -2.04 51.63 10.92
C ASP Q 17 -1.46 50.72 9.83
N ASP Q 18 -1.63 51.05 8.54
CA ASP Q 18 -1.23 50.24 7.40
C ASP Q 18 -1.85 48.84 7.31
N THR Q 19 -2.93 48.48 8.00
CA THR Q 19 -3.61 47.25 7.69
C THR Q 19 -4.60 47.52 6.53
N PHE Q 20 -5.31 46.53 6.00
CA PHE Q 20 -6.17 46.75 4.85
C PHE Q 20 -7.48 46.05 5.13
N THR Q 21 -8.64 46.70 5.01
CA THR Q 21 -9.95 46.11 5.21
C THR Q 21 -10.61 45.73 3.88
N VAL Q 22 -11.47 44.72 3.85
CA VAL Q 22 -12.10 44.23 2.65
C VAL Q 22 -13.53 43.90 3.05
N LYS Q 23 -14.53 44.08 2.19
CA LYS Q 23 -15.91 43.66 2.50
C LYS Q 23 -16.25 42.64 1.42
N VAL Q 24 -16.48 41.37 1.78
CA VAL Q 24 -16.84 40.32 0.82
C VAL Q 24 -18.08 39.72 1.43
N GLY Q 25 -19.14 39.52 0.69
CA GLY Q 25 -20.36 38.96 1.26
C GLY Q 25 -20.98 39.98 2.24
N ASP Q 26 -21.21 39.45 3.45
CA ASP Q 26 -21.80 40.24 4.51
C ASP Q 26 -20.83 40.53 5.66
N LYS Q 27 -19.51 40.21 5.49
CA LYS Q 27 -18.53 40.41 6.54
C LYS Q 27 -17.51 41.46 6.15
N GLU Q 28 -17.07 42.27 7.08
CA GLU Q 28 -16.00 43.23 6.85
C GLU Q 28 -14.80 42.68 7.65
N LEU Q 29 -13.68 42.36 6.99
CA LEU Q 29 -12.54 41.73 7.65
C LEU Q 29 -11.27 42.51 7.42
N PHE Q 30 -10.14 42.35 8.12
CA PHE Q 30 -8.91 43.11 7.77
C PHE Q 30 -7.72 42.16 7.67
N THR Q 31 -6.61 42.53 7.04
CA THR Q 31 -5.43 41.69 7.10
C THR Q 31 -4.27 42.62 7.37
N ASN Q 32 -3.24 42.13 8.03
CA ASN Q 32 -2.06 42.90 8.30
C ASN Q 32 -0.93 42.52 7.36
N ARG Q 33 -1.15 41.62 6.40
CA ARG Q 33 -0.10 41.22 5.47
C ARG Q 33 0.03 42.26 4.36
N TRP Q 34 1.11 43.09 4.30
CA TRP Q 34 1.22 44.04 3.21
C TRP Q 34 1.18 43.44 1.80
N ASN Q 35 1.70 42.26 1.51
CA ASN Q 35 1.63 41.62 0.24
C ASN Q 35 0.22 41.47 -0.27
N LEU Q 36 -0.83 41.35 0.56
CA LEU Q 36 -2.18 41.15 0.05
C LEU Q 36 -2.85 42.42 -0.46
N GLN Q 37 -2.32 43.63 -0.20
CA GLN Q 37 -3.00 44.86 -0.57
C GLN Q 37 -3.18 44.96 -2.08
N SER Q 38 -2.13 44.87 -2.93
CA SER Q 38 -2.38 45.03 -4.36
C SER Q 38 -3.04 43.77 -4.93
N LEU Q 39 -2.85 42.56 -4.39
CA LEU Q 39 -3.51 41.40 -4.88
C LEU Q 39 -5.03 41.57 -4.71
N LEU Q 40 -5.50 42.06 -3.54
CA LEU Q 40 -6.95 42.24 -3.33
C LEU Q 40 -7.45 43.41 -4.13
N LEU Q 41 -6.75 44.52 -4.35
CA LEU Q 41 -7.30 45.58 -5.18
C LEU Q 41 -7.39 45.08 -6.63
N SER Q 42 -6.43 44.28 -7.14
CA SER Q 42 -6.55 43.72 -8.49
C SER Q 42 -7.75 42.84 -8.59
N ALA Q 43 -8.06 42.03 -7.58
CA ALA Q 43 -9.23 41.16 -7.58
C ALA Q 43 -10.47 42.02 -7.60
N GLN Q 44 -10.46 43.18 -6.96
CA GLN Q 44 -11.64 44.01 -6.92
C GLN Q 44 -11.86 44.60 -8.29
N ILE Q 45 -10.84 45.28 -8.85
CA ILE Q 45 -10.91 45.91 -10.17
C ILE Q 45 -11.32 44.86 -11.21
N THR Q 46 -10.79 43.63 -11.27
CA THR Q 46 -11.15 42.74 -12.35
C THR Q 46 -12.34 41.87 -12.01
N GLY Q 47 -13.03 42.04 -10.88
CA GLY Q 47 -14.23 41.27 -10.59
C GLY Q 47 -13.99 39.81 -10.28
N MET Q 48 -12.87 39.42 -9.69
CA MET Q 48 -12.66 37.99 -9.35
C MET Q 48 -13.52 37.63 -8.18
N THR Q 49 -13.76 36.33 -8.00
CA THR Q 49 -14.53 35.85 -6.84
C THR Q 49 -13.48 35.44 -5.82
N VAL Q 50 -13.53 35.85 -4.55
CA VAL Q 50 -12.51 35.42 -3.58
C VAL Q 50 -13.16 34.63 -2.46
N THR Q 51 -12.46 33.66 -1.85
CA THR Q 51 -12.95 32.97 -0.66
C THR Q 51 -11.97 33.32 0.45
N ILE Q 52 -12.43 33.86 1.57
CA ILE Q 52 -11.56 34.14 2.70
C ILE Q 52 -11.75 33.05 3.75
N LYS Q 53 -10.62 32.49 4.24
CA LYS Q 53 -10.63 31.44 5.23
C LYS Q 53 -10.14 32.05 6.53
N THR Q 54 -10.88 31.95 7.61
CA THR Q 54 -10.49 32.48 8.91
C THR Q 54 -11.38 31.91 10.02
N ASN Q 55 -10.76 31.80 11.20
CA ASN Q 55 -11.49 31.39 12.39
C ASN Q 55 -12.19 32.58 13.02
N ALA Q 56 -11.75 33.80 12.74
CA ALA Q 56 -12.42 34.99 13.28
C ALA Q 56 -13.49 35.41 12.27
N CYS Q 57 -14.47 34.58 11.93
CA CYS Q 57 -15.41 34.93 10.91
C CYS Q 57 -16.58 35.81 11.42
N HIS Q 58 -16.31 37.09 11.67
CA HIS Q 58 -17.27 38.01 12.21
C HIS Q 58 -16.81 39.40 11.81
N ASN Q 59 -17.67 40.45 11.86
CA ASN Q 59 -17.18 41.79 11.48
C ASN Q 59 -16.02 42.23 12.32
N GLY Q 60 -14.94 42.75 11.71
CA GLY Q 60 -13.76 43.17 12.47
C GLY Q 60 -12.75 42.06 12.63
N GLY Q 61 -13.08 40.82 12.19
CA GLY Q 61 -12.13 39.72 12.27
C GLY Q 61 -10.92 39.86 11.32
N GLY Q 62 -9.81 39.26 11.68
CA GLY Q 62 -8.65 39.29 10.82
C GLY Q 62 -8.55 38.02 9.96
N PHE Q 63 -7.73 38.07 8.89
CA PHE Q 63 -7.53 36.92 8.04
C PHE Q 63 -6.15 37.01 7.41
N SER Q 64 -5.65 35.88 6.85
CA SER Q 64 -4.49 35.91 5.99
C SER Q 64 -4.68 34.98 4.80
N GLU Q 65 -5.64 34.07 4.81
CA GLU Q 65 -5.76 33.12 3.72
C GLU Q 65 -6.85 33.55 2.75
N VAL Q 66 -6.57 33.60 1.44
CA VAL Q 66 -7.52 34.07 0.45
C VAL Q 66 -7.33 33.15 -0.76
N ILE Q 67 -8.41 32.68 -1.42
CA ILE Q 67 -8.32 31.94 -2.65
C ILE Q 67 -8.84 32.88 -3.73
N PHE Q 68 -8.17 33.00 -4.86
CA PHE Q 68 -8.59 33.89 -5.95
C PHE Q 68 -9.01 33.04 -7.15
N ARG Q 69 -10.24 33.35 -7.57
CA ARG Q 69 -10.90 32.67 -8.69
C ARG Q 69 -11.43 33.40 -9.89
N THR R 1 16.03 21.73 -14.79
CA THR R 1 14.96 21.18 -13.96
C THR R 1 13.82 20.69 -14.86
N PRO R 2 13.27 19.49 -14.66
CA PRO R 2 12.23 18.97 -15.55
C PRO R 2 10.88 19.72 -15.53
N ASP R 3 10.21 19.78 -16.68
CA ASP R 3 8.84 20.32 -16.74
C ASP R 3 7.97 19.46 -15.84
N CYS R 4 6.96 20.07 -15.22
CA CYS R 4 6.05 19.33 -14.36
C CYS R 4 4.63 19.53 -14.86
N VAL R 5 4.08 20.73 -15.09
CA VAL R 5 2.73 20.93 -15.62
C VAL R 5 2.77 22.15 -16.52
N THR R 6 1.89 22.19 -17.51
CA THR R 6 1.74 23.35 -18.39
C THR R 6 0.25 23.56 -18.48
N GLY R 7 -0.25 24.81 -18.40
CA GLY R 7 -1.68 25.05 -18.51
C GLY R 7 -1.98 26.46 -18.05
N LYS R 8 -3.26 26.81 -17.99
CA LYS R 8 -3.65 28.11 -17.51
C LYS R 8 -3.79 28.00 -15.99
N VAL R 9 -3.58 29.08 -15.22
CA VAL R 9 -3.74 29.03 -13.78
C VAL R 9 -5.22 28.91 -13.43
N GLU R 10 -5.63 27.90 -12.72
CA GLU R 10 -7.01 27.73 -12.35
C GLU R 10 -7.40 28.64 -11.17
N TYR R 11 -6.58 28.59 -10.08
CA TYR R 11 -6.72 29.50 -8.94
C TYR R 11 -5.38 29.69 -8.26
N THR R 12 -5.29 30.74 -7.45
CA THR R 12 -4.09 30.99 -6.67
C THR R 12 -4.56 31.13 -5.22
N LYS R 13 -3.75 30.95 -4.20
CA LYS R 13 -4.14 31.07 -2.80
C LYS R 13 -2.98 31.68 -2.03
N TYR R 14 -3.28 32.71 -1.20
CA TYR R 14 -2.27 33.31 -0.29
C TYR R 14 -2.30 32.47 1.01
N ASN R 15 -1.16 32.04 1.49
CA ASN R 15 -1.12 31.13 2.62
C ASN R 15 -0.77 31.83 3.90
N ASP R 16 -1.10 31.22 5.06
CA ASP R 16 -0.86 31.86 6.36
C ASP R 16 0.63 32.18 6.68
N ASP R 17 1.59 31.54 6.02
CA ASP R 17 3.00 31.79 6.25
C ASP R 17 3.63 32.61 5.12
N ASP R 18 2.82 33.41 4.44
CA ASP R 18 3.24 34.19 3.28
C ASP R 18 3.81 33.42 2.06
N THR R 19 3.55 32.09 1.92
CA THR R 19 3.89 31.42 0.69
C THR R 19 2.67 31.55 -0.21
N PHE R 20 2.75 31.12 -1.47
CA PHE R 20 1.66 31.31 -2.40
C PHE R 20 1.41 29.99 -3.12
N THR R 21 0.21 29.48 -3.21
CA THR R 21 -0.14 28.25 -3.91
C THR R 21 -0.78 28.53 -5.25
N VAL R 22 -0.57 27.66 -6.23
CA VAL R 22 -1.08 27.81 -7.57
C VAL R 22 -1.65 26.47 -8.01
N LYS R 23 -2.70 26.39 -8.82
CA LYS R 23 -3.20 25.11 -9.32
C LYS R 23 -3.11 25.24 -10.83
N VAL R 24 -2.29 24.40 -11.47
CA VAL R 24 -2.06 24.45 -12.90
C VAL R 24 -2.21 23.01 -13.30
N GLY R 25 -3.05 22.73 -14.32
CA GLY R 25 -3.26 21.34 -14.74
C GLY R 25 -3.96 20.61 -13.62
N ASP R 26 -3.30 19.53 -13.18
CA ASP R 26 -3.88 18.66 -12.14
C ASP R 26 -3.06 18.69 -10.84
N LYS R 27 -2.06 19.61 -10.75
CA LYS R 27 -1.19 19.65 -9.58
C LYS R 27 -1.42 20.95 -8.82
N GLU R 28 -1.32 20.91 -7.50
CA GLU R 28 -1.43 22.09 -6.67
C GLU R 28 -0.03 22.25 -6.08
N LEU R 29 0.68 23.35 -6.32
CA LEU R 29 2.10 23.50 -5.92
C LEU R 29 2.28 24.83 -5.19
N PHE R 30 3.35 25.12 -4.47
CA PHE R 30 3.48 26.39 -3.75
C PHE R 30 4.85 26.99 -4.02
N THR R 31 5.07 28.29 -3.84
CA THR R 31 6.42 28.82 -3.95
C THR R 31 6.60 29.76 -2.75
N ASN R 32 7.81 29.88 -2.28
CA ASN R 32 8.13 30.75 -1.18
C ASN R 32 8.78 32.04 -1.68
N ARG R 33 8.93 32.24 -3.01
CA ARG R 33 9.56 33.47 -3.57
C ARG R 33 8.52 34.58 -3.62
N TRP R 34 8.61 35.63 -2.82
CA TRP R 34 7.61 36.68 -2.82
C TRP R 34 7.52 37.37 -4.20
N ASN R 35 8.63 37.50 -4.95
CA ASN R 35 8.56 38.10 -6.28
C ASN R 35 7.57 37.42 -7.23
N LEU R 36 7.24 36.15 -7.09
CA LEU R 36 6.36 35.48 -8.02
C LEU R 36 4.90 35.74 -7.73
N GLN R 37 4.50 36.35 -6.60
CA GLN R 37 3.09 36.47 -6.28
C GLN R 37 2.38 37.34 -7.28
N SER R 38 2.80 38.57 -7.54
CA SER R 38 2.05 39.38 -8.51
C SER R 38 2.26 38.91 -9.92
N LEU R 39 3.41 38.32 -10.29
CA LEU R 39 3.63 37.81 -11.63
C LEU R 39 2.62 36.68 -11.91
N LEU R 40 2.42 35.72 -10.96
CA LEU R 40 1.43 34.67 -11.17
C LEU R 40 0.00 35.20 -11.17
N LEU R 41 -0.42 36.17 -10.31
CA LEU R 41 -1.77 36.66 -10.35
C LEU R 41 -1.97 37.37 -11.69
N SER R 42 -0.99 38.15 -12.24
CA SER R 42 -1.19 38.75 -13.55
C SER R 42 -1.35 37.68 -14.63
N ALA R 43 -0.59 36.57 -14.58
CA ALA R 43 -0.75 35.51 -15.53
C ALA R 43 -2.14 34.94 -15.41
N GLN R 44 -2.71 34.86 -14.20
CA GLN R 44 -4.04 34.27 -13.99
C GLN R 44 -5.07 35.18 -14.59
N ILE R 45 -5.05 36.46 -14.22
CA ILE R 45 -5.99 37.46 -14.74
C ILE R 45 -5.93 37.52 -16.25
N THR R 46 -4.78 37.54 -16.94
CA THR R 46 -4.77 37.71 -18.39
C THR R 46 -4.83 36.38 -19.14
N GLY R 47 -4.98 35.25 -18.50
CA GLY R 47 -5.08 33.99 -19.21
C GLY R 47 -3.79 33.51 -19.85
N MET R 48 -2.59 33.80 -19.36
CA MET R 48 -1.35 33.27 -19.94
C MET R 48 -1.27 31.77 -19.66
N THR R 49 -0.44 31.08 -20.44
CA THR R 49 -0.17 29.64 -20.26
C THR R 49 1.16 29.62 -19.50
N VAL R 50 1.27 28.92 -18.38
CA VAL R 50 2.55 28.85 -17.68
C VAL R 50 3.04 27.41 -17.64
N THR R 51 4.37 27.23 -17.61
CA THR R 51 4.98 25.90 -17.41
C THR R 51 5.77 25.96 -16.11
N ILE R 52 5.49 25.07 -15.17
CA ILE R 52 6.23 25.04 -13.92
C ILE R 52 7.23 23.91 -13.96
N LYS R 53 8.50 24.21 -13.69
CA LYS R 53 9.59 23.25 -13.68
C LYS R 53 9.92 22.93 -12.22
N THR R 54 9.89 21.65 -11.80
CA THR R 54 10.23 21.27 -10.43
C THR R 54 10.45 19.76 -10.34
N ASN R 55 11.30 19.36 -9.41
CA ASN R 55 11.56 17.96 -9.12
C ASN R 55 10.53 17.47 -8.15
N ALA R 56 9.83 18.32 -7.40
CA ALA R 56 8.80 17.87 -6.48
C ALA R 56 7.47 17.95 -7.22
N CYS R 57 7.34 17.20 -8.34
CA CYS R 57 6.12 17.28 -9.14
C CYS R 57 4.97 16.41 -8.62
N HIS R 58 4.37 16.81 -7.52
CA HIS R 58 3.26 16.09 -6.86
C HIS R 58 2.43 17.14 -6.09
N ASN R 59 1.18 16.87 -5.68
CA ASN R 59 0.43 17.86 -4.88
C ASN R 59 1.17 18.23 -3.60
N GLY R 60 1.29 19.54 -3.33
CA GLY R 60 2.00 19.98 -2.15
C GLY R 60 3.47 20.29 -2.44
N GLY R 61 3.95 19.98 -3.66
CA GLY R 61 5.37 20.19 -3.98
C GLY R 61 5.70 21.67 -4.13
N GLY R 62 6.94 22.04 -3.90
CA GLY R 62 7.35 23.43 -4.06
C GLY R 62 8.00 23.67 -5.43
N PHE R 63 8.10 24.92 -5.88
CA PHE R 63 8.72 25.25 -7.15
C PHE R 63 9.30 26.65 -7.06
N SER R 64 10.17 27.00 -7.99
CA SER R 64 10.61 28.37 -8.15
C SER R 64 10.75 28.74 -9.63
N GLU R 65 10.74 27.78 -10.56
CA GLU R 65 10.95 28.13 -11.96
C GLU R 65 9.67 28.11 -12.70
N VAL R 66 9.32 29.15 -13.45
CA VAL R 66 8.03 29.28 -14.16
C VAL R 66 8.38 29.90 -15.51
N ILE R 67 7.79 29.43 -16.59
CA ILE R 67 7.94 30.09 -17.89
C ILE R 67 6.56 30.70 -18.19
N PHE R 68 6.53 31.97 -18.66
CA PHE R 68 5.27 32.63 -18.98
C PHE R 68 5.12 32.84 -20.50
N ARG R 69 4.00 32.39 -21.15
CA ARG R 69 3.79 32.49 -22.60
C ARG R 69 2.45 33.12 -23.05
N THR S 1 25.86 51.87 -24.85
CA THR S 1 25.85 50.41 -25.03
C THR S 1 25.14 50.05 -26.33
N PRO S 2 25.67 49.16 -27.19
CA PRO S 2 25.04 48.87 -28.49
C PRO S 2 23.71 48.12 -28.45
N ASP S 3 22.86 48.40 -29.41
CA ASP S 3 21.60 47.68 -29.53
C ASP S 3 21.91 46.20 -29.77
N CYS S 4 21.11 45.28 -29.26
CA CYS S 4 21.34 43.90 -29.51
C CYS S 4 20.13 43.30 -30.20
N VAL S 5 18.88 43.34 -29.68
CA VAL S 5 17.67 42.81 -30.34
C VAL S 5 16.55 43.75 -30.09
N THR S 6 15.59 43.79 -30.98
CA THR S 6 14.38 44.62 -30.85
C THR S 6 13.26 43.71 -31.28
N GLY S 7 12.13 43.67 -30.56
CA GLY S 7 11.03 42.82 -30.95
C GLY S 7 10.02 42.76 -29.83
N LYS S 8 9.02 41.92 -29.95
CA LYS S 8 8.05 41.73 -28.90
C LYS S 8 8.63 40.60 -28.03
N VAL S 9 8.26 40.51 -26.75
CA VAL S 9 8.77 39.48 -25.85
C VAL S 9 8.05 38.20 -26.20
N GLU S 10 8.81 37.16 -26.54
CA GLU S 10 8.19 35.89 -26.81
C GLU S 10 7.81 35.07 -25.61
N TYR S 11 8.67 35.00 -24.61
CA TYR S 11 8.36 34.41 -23.30
C TYR S 11 9.35 34.98 -22.29
N THR S 12 8.96 34.85 -21.02
CA THR S 12 9.87 35.23 -19.92
C THR S 12 10.01 33.99 -19.01
N LYS S 13 11.07 33.87 -18.22
CA LYS S 13 11.24 32.74 -17.32
C LYS S 13 11.83 33.19 -15.98
N TYR S 14 11.28 32.73 -14.87
CA TYR S 14 11.81 33.07 -13.54
C TYR S 14 12.80 31.94 -13.22
N ASN S 15 14.02 32.31 -12.85
CA ASN S 15 15.10 31.34 -12.66
C ASN S 15 15.33 30.97 -11.20
N ASP S 16 15.95 29.84 -10.94
CA ASP S 16 16.10 29.37 -9.55
C ASP S 16 16.91 30.29 -8.64
N ASP S 17 17.75 31.17 -9.20
CA ASP S 17 18.57 32.07 -8.42
C ASP S 17 18.01 33.46 -8.43
N ASP S 18 16.69 33.60 -8.67
CA ASP S 18 15.98 34.90 -8.76
C ASP S 18 16.43 35.83 -9.86
N THR S 19 17.12 35.36 -10.92
CA THR S 19 17.35 36.22 -12.08
C THR S 19 16.14 35.98 -13.01
N PHE S 20 16.04 36.75 -14.11
CA PHE S 20 14.86 36.61 -14.96
C PHE S 20 15.34 36.49 -16.39
N THR S 21 14.85 35.53 -17.18
CA THR S 21 15.24 35.36 -18.59
C THR S 21 14.16 35.88 -19.51
N VAL S 22 14.55 36.44 -20.65
CA VAL S 22 13.60 36.96 -21.64
C VAL S 22 14.00 36.45 -23.04
N LYS S 23 13.09 36.18 -23.95
CA LYS S 23 13.45 35.82 -25.33
C LYS S 23 12.84 36.91 -26.21
N VAL S 24 13.71 37.67 -26.89
CA VAL S 24 13.27 38.75 -27.77
C VAL S 24 14.01 38.49 -29.06
N GLY S 25 13.33 38.45 -30.20
CA GLY S 25 13.98 38.19 -31.48
C GLY S 25 14.46 36.74 -31.47
N ASP S 26 15.75 36.57 -31.68
CA ASP S 26 16.37 35.27 -31.75
C ASP S 26 17.35 35.03 -30.61
N LYS S 27 17.43 35.92 -29.60
CA LYS S 27 18.36 35.78 -28.49
C LYS S 27 17.59 35.49 -27.20
N GLU S 28 18.16 34.66 -26.31
CA GLU S 28 17.60 34.43 -25.00
C GLU S 28 18.59 35.08 -24.04
N LEU S 29 18.22 36.06 -23.21
CA LEU S 29 19.16 36.84 -22.39
C LEU S 29 18.63 36.86 -20.96
N PHE S 30 19.38 37.25 -19.90
CA PHE S 30 18.86 37.27 -18.54
C PHE S 30 19.26 38.59 -17.90
N THR S 31 18.57 39.03 -16.83
CA THR S 31 19.00 40.20 -16.09
C THR S 31 18.92 39.76 -14.60
N ASN S 32 19.81 40.37 -13.80
CA ASN S 32 19.78 40.16 -12.39
C ASN S 32 19.11 41.34 -11.67
N ARG S 33 18.58 42.38 -12.37
CA ARG S 33 17.94 43.52 -11.71
C ARG S 33 16.49 43.19 -11.33
N TRP S 34 16.14 43.10 -10.04
CA TRP S 34 14.77 42.66 -9.67
C TRP S 34 13.75 43.67 -10.12
N ASN S 35 14.05 44.96 -10.22
CA ASN S 35 13.12 45.97 -10.71
C ASN S 35 12.60 45.68 -12.12
N LEU S 36 13.40 45.03 -13.02
CA LEU S 36 12.93 44.75 -14.36
C LEU S 36 11.94 43.59 -14.48
N GLN S 37 11.69 42.73 -13.48
CA GLN S 37 10.81 41.59 -13.64
C GLN S 37 9.37 42.00 -13.92
N SER S 38 8.72 42.89 -13.15
CA SER S 38 7.33 43.21 -13.49
C SER S 38 7.25 44.16 -14.70
N LEU S 39 8.26 45.00 -14.94
CA LEU S 39 8.26 45.85 -16.11
C LEU S 39 8.27 44.99 -17.37
N LEU S 40 9.12 43.95 -17.44
CA LEU S 40 9.16 43.09 -18.63
C LEU S 40 7.93 42.24 -18.71
N LEU S 41 7.30 41.71 -17.65
CA LEU S 41 6.08 40.92 -17.81
C LEU S 41 4.97 41.84 -18.29
N SER S 42 4.89 43.11 -17.88
CA SER S 42 3.87 44.02 -18.39
C SER S 42 4.09 44.26 -19.84
N ALA S 43 5.33 44.48 -20.26
CA ALA S 43 5.63 44.67 -21.70
C ALA S 43 5.20 43.40 -22.48
N GLN S 44 5.37 42.20 -21.94
CA GLN S 44 4.97 40.99 -22.62
C GLN S 44 3.44 40.93 -22.75
N ILE S 45 2.68 41.06 -21.65
CA ILE S 45 1.23 41.02 -21.62
C ILE S 45 0.67 42.10 -22.53
N THR S 46 1.14 43.35 -22.58
CA THR S 46 0.50 44.34 -23.42
C THR S 46 1.09 44.42 -24.82
N GLY S 47 2.02 43.51 -25.22
CA GLY S 47 2.56 43.52 -26.58
C GLY S 47 3.45 44.72 -26.92
N MET S 48 4.18 45.33 -25.97
CA MET S 48 5.13 46.39 -26.33
C MET S 48 6.30 45.87 -27.13
N THR S 49 6.96 46.76 -27.83
CA THR S 49 8.17 46.42 -28.57
C THR S 49 9.33 46.83 -27.66
N VAL S 50 10.33 45.99 -27.34
CA VAL S 50 11.43 46.38 -26.47
C VAL S 50 12.72 46.30 -27.25
N THR S 51 13.69 47.14 -26.92
CA THR S 51 15.04 47.05 -27.47
C THR S 51 16.00 46.78 -26.31
N ILE S 52 16.76 45.67 -26.36
CA ILE S 52 17.73 45.37 -25.32
C ILE S 52 19.13 45.78 -25.79
N LYS S 53 19.84 46.56 -24.96
CA LYS S 53 21.18 47.06 -25.26
C LYS S 53 22.14 46.27 -24.36
N THR S 54 23.13 45.58 -24.94
CA THR S 54 24.13 44.82 -24.20
C THR S 54 25.32 44.51 -25.07
N ASN S 55 26.48 44.45 -24.43
CA ASN S 55 27.70 43.96 -25.08
C ASN S 55 27.73 42.42 -25.13
N ALA S 56 26.98 41.72 -24.27
CA ALA S 56 26.97 40.29 -24.30
C ALA S 56 25.80 39.88 -25.17
N CYS S 57 25.83 40.26 -26.44
CA CYS S 57 24.71 39.93 -27.35
C CYS S 57 24.77 38.51 -27.96
N HIS S 58 24.49 37.50 -27.17
CA HIS S 58 24.57 36.12 -27.58
C HIS S 58 23.64 35.31 -26.65
N ASN S 59 23.18 34.09 -26.97
CA ASN S 59 22.35 33.34 -26.04
C ASN S 59 23.01 33.15 -24.68
N GLY S 60 22.30 33.39 -23.58
CA GLY S 60 22.87 33.29 -22.27
C GLY S 60 23.52 34.59 -21.79
N GLY S 61 23.60 35.65 -22.62
CA GLY S 61 24.22 36.91 -22.19
C GLY S 61 23.34 37.68 -21.21
N GLY S 62 23.95 38.54 -20.40
CA GLY S 62 23.19 39.34 -19.46
C GLY S 62 22.93 40.73 -19.99
N PHE S 63 21.97 41.43 -19.43
CA PHE S 63 21.67 42.81 -19.83
C PHE S 63 21.11 43.60 -18.64
N SER S 64 21.10 44.93 -18.74
CA SER S 64 20.36 45.72 -17.78
C SER S 64 19.64 46.88 -18.47
N GLU S 65 19.96 47.23 -19.72
CA GLU S 65 19.34 48.36 -20.37
C GLU S 65 18.23 47.89 -21.28
N VAL S 66 17.03 48.45 -21.16
CA VAL S 66 15.88 48.06 -22.00
C VAL S 66 15.17 49.35 -22.38
N ILE S 67 14.76 49.55 -23.63
CA ILE S 67 13.89 50.66 -24.01
C ILE S 67 12.47 50.08 -24.23
N PHE S 68 11.43 50.71 -23.73
CA PHE S 68 10.08 50.24 -23.94
C PHE S 68 9.26 51.18 -24.83
N ARG S 69 8.62 50.77 -25.97
CA ARG S 69 7.64 51.58 -26.77
C ARG S 69 6.32 50.79 -27.02
N THR T 1 8.24 74.21 -7.99
CA THR T 1 9.17 73.91 -9.06
C THR T 1 8.50 74.19 -10.44
N PRO T 2 9.14 74.83 -11.41
CA PRO T 2 8.47 75.15 -12.67
C PRO T 2 8.09 73.96 -13.56
N ASP T 3 7.00 74.08 -14.30
CA ASP T 3 6.67 73.10 -15.32
C ASP T 3 7.80 73.04 -16.35
N CYS T 4 8.06 71.88 -16.95
CA CYS T 4 9.09 71.74 -17.94
C CYS T 4 8.48 71.16 -19.21
N VAL T 5 7.77 70.02 -19.23
CA VAL T 5 7.14 69.48 -20.44
C VAL T 5 5.82 68.87 -20.03
N THR T 6 4.84 68.85 -20.95
CA THR T 6 3.57 68.17 -20.71
C THR T 6 3.31 67.37 -21.99
N GLY T 7 2.89 66.10 -21.95
CA GLY T 7 2.61 65.36 -23.15
C GLY T 7 2.47 63.92 -22.77
N LYS T 8 2.30 63.05 -23.77
CA LYS T 8 2.17 61.63 -23.50
C LYS T 8 3.59 61.07 -23.47
N VAL T 9 3.83 59.95 -22.73
CA VAL T 9 5.16 59.36 -22.68
C VAL T 9 5.50 58.69 -24.04
N GLU T 10 6.60 59.04 -24.77
CA GLU T 10 6.92 58.49 -26.08
C GLU T 10 7.60 57.14 -25.84
N TYR T 11 8.58 57.07 -24.94
CA TYR T 11 9.24 55.82 -24.54
C TYR T 11 9.84 56.03 -23.14
N THR T 12 10.15 54.88 -22.51
CA THR T 12 10.84 54.87 -21.23
C THR T 12 12.08 53.98 -21.40
N LYS T 13 13.15 54.15 -20.60
CA LYS T 13 14.34 53.34 -20.71
C LYS T 13 14.87 53.03 -19.31
N TYR T 14 15.22 51.74 -19.06
CA TYR T 14 15.81 51.30 -17.79
C TYR T 14 17.32 51.44 -18.00
N ASN T 15 17.99 52.13 -17.07
CA ASN T 15 19.41 52.43 -17.23
C ASN T 15 20.32 51.52 -16.44
N ASP T 16 21.59 51.39 -16.83
CA ASP T 16 22.50 50.46 -16.18
C ASP T 16 22.75 50.69 -14.69
N ASP T 17 22.49 51.89 -14.18
CA ASP T 17 22.66 52.25 -12.76
C ASP T 17 21.33 52.28 -12.03
N ASP T 18 20.30 51.56 -12.49
CA ASP T 18 18.94 51.55 -11.96
C ASP T 18 18.21 52.90 -11.93
N THR T 19 18.63 53.94 -12.69
CA THR T 19 17.77 55.11 -12.84
C THR T 19 16.82 54.83 -14.01
N PHE T 20 15.83 55.67 -14.28
CA PHE T 20 14.86 55.43 -15.33
C PHE T 20 14.73 56.70 -16.20
N THR T 21 14.82 56.58 -17.53
CA THR T 21 14.68 57.70 -18.46
C THR T 21 13.31 57.74 -19.11
N VAL T 22 12.80 58.92 -19.39
CA VAL T 22 11.48 59.10 -19.96
C VAL T 22 11.60 60.16 -21.09
N LYS T 23 10.83 60.08 -22.17
CA LYS T 23 10.86 61.11 -23.21
C LYS T 23 9.42 61.60 -23.28
N VAL T 24 9.25 62.88 -22.99
CA VAL T 24 7.92 63.48 -22.96
C VAL T 24 8.14 64.77 -23.73
N GLY T 25 7.28 65.09 -24.70
CA GLY T 25 7.48 66.27 -25.50
C GLY T 25 8.77 66.13 -26.28
N ASP T 26 9.63 67.10 -26.10
CA ASP T 26 10.88 67.16 -26.84
C ASP T 26 12.09 66.99 -25.92
N LYS T 27 11.89 66.65 -24.63
CA LYS T 27 12.99 66.49 -23.67
C LYS T 27 13.10 65.04 -23.25
N GLU T 28 14.33 64.58 -23.02
CA GLU T 28 14.59 63.27 -22.52
C GLU T 28 15.15 63.53 -21.11
N LEU T 29 14.47 63.05 -20.05
CA LEU T 29 14.87 63.33 -18.63
C LEU T 29 15.00 62.03 -17.83
N PHE T 30 15.62 61.99 -16.65
CA PHE T 30 15.75 60.73 -15.93
C PHE T 30 15.33 60.96 -14.49
N THR T 31 14.99 59.92 -13.73
CA THR T 31 14.74 60.07 -12.31
C THR T 31 15.45 58.91 -11.61
N ASN T 32 15.89 59.19 -10.39
CA ASN T 32 16.55 58.16 -9.60
C ASN T 32 15.57 57.61 -8.55
N ARG T 33 14.29 58.00 -8.54
CA ARG T 33 13.34 57.51 -7.52
C ARG T 33 12.78 56.18 -7.98
N TRP T 34 13.07 55.05 -7.31
CA TRP T 34 12.60 53.76 -7.80
C TRP T 34 11.08 53.65 -7.81
N ASN T 35 10.35 54.33 -6.92
CA ASN T 35 8.89 54.33 -6.88
C ASN T 35 8.27 54.83 -8.17
N LEU T 36 8.93 55.72 -8.93
CA LEU T 36 8.35 56.23 -10.13
C LEU T 36 8.41 55.29 -11.29
N GLN T 37 9.21 54.21 -11.28
CA GLN T 37 9.33 53.32 -12.44
C GLN T 37 8.04 52.68 -12.85
N SER T 38 7.30 51.97 -12.04
CA SER T 38 6.03 51.40 -12.50
C SER T 38 4.95 52.43 -12.71
N LEU T 39 4.98 53.55 -12.00
CA LEU T 39 3.95 54.58 -12.16
C LEU T 39 4.08 55.17 -13.55
N LEU T 40 5.31 55.51 -14.00
CA LEU T 40 5.50 56.01 -15.36
C LEU T 40 5.28 54.93 -16.41
N LEU T 41 5.59 53.65 -16.26
CA LEU T 41 5.25 52.68 -17.29
C LEU T 41 3.73 52.52 -17.39
N SER T 42 2.97 52.61 -16.28
CA SER T 42 1.53 52.51 -16.35
C SER T 42 0.96 53.73 -17.06
N ALA T 43 1.52 54.91 -16.84
CA ALA T 43 1.07 56.10 -17.55
C ALA T 43 1.34 55.89 -19.04
N GLN T 44 2.48 55.29 -19.44
CA GLN T 44 2.81 55.11 -20.83
C GLN T 44 1.83 54.14 -21.44
N ILE T 45 1.67 52.94 -20.89
CA ILE T 45 0.73 51.92 -21.39
C ILE T 45 -0.67 52.49 -21.49
N THR T 46 -1.22 53.24 -20.55
CA THR T 46 -2.63 53.65 -20.67
C THR T 46 -2.76 55.00 -21.37
N GLY T 47 -1.73 55.63 -21.89
CA GLY T 47 -1.86 56.88 -22.60
C GLY T 47 -2.18 58.07 -21.72
N MET T 48 -1.79 58.17 -20.45
CA MET T 48 -2.04 59.35 -19.65
C MET T 48 -1.19 60.52 -20.13
N THR T 49 -1.57 61.73 -19.80
CA THR T 49 -0.80 62.93 -20.11
C THR T 49 -0.03 63.22 -18.83
N VAL T 50 1.30 63.46 -18.85
CA VAL T 50 2.02 63.76 -17.61
C VAL T 50 2.63 65.15 -17.73
N THR T 51 2.85 65.86 -16.63
CA THR T 51 3.57 67.12 -16.63
C THR T 51 4.76 66.88 -15.71
N ILE T 52 5.97 67.12 -16.17
CA ILE T 52 7.18 66.96 -15.36
C ILE T 52 7.65 68.36 -14.93
N LYS T 53 7.88 68.55 -13.62
CA LYS T 53 8.33 69.80 -13.07
C LYS T 53 9.79 69.59 -12.67
N THR T 54 10.69 70.47 -13.12
CA THR T 54 12.10 70.42 -12.82
C THR T 54 12.78 71.73 -13.24
N ASN T 55 13.85 72.04 -12.49
CA ASN T 55 14.71 73.18 -12.83
C ASN T 55 15.75 72.76 -13.84
N ALA T 56 16.05 71.47 -14.00
CA ALA T 56 17.01 71.03 -15.01
C ALA T 56 16.22 70.67 -16.27
N CYS T 57 15.52 71.65 -16.85
CA CYS T 57 14.68 71.37 -18.01
C CYS T 57 15.45 71.39 -19.33
N HIS T 58 16.25 70.34 -19.57
CA HIS T 58 17.10 70.23 -20.76
C HIS T 58 17.35 68.74 -20.97
N ASN T 59 17.77 68.25 -22.15
CA ASN T 59 18.04 66.83 -22.31
C ASN T 59 19.08 66.36 -21.30
N GLY T 60 18.79 65.23 -20.64
CA GLY T 60 19.71 64.67 -19.67
C GLY T 60 19.45 65.18 -18.26
N GLY T 61 18.49 66.12 -18.08
CA GLY T 61 18.17 66.67 -16.79
C GLY T 61 17.44 65.67 -15.90
N GLY T 62 17.58 65.81 -14.58
CA GLY T 62 16.88 64.93 -13.66
C GLY T 62 15.55 65.53 -13.18
N PHE T 63 14.64 64.71 -12.66
CA PHE T 63 13.39 65.22 -12.12
C PHE T 63 12.92 64.30 -11.00
N SER T 64 11.96 64.79 -10.20
CA SER T 64 11.28 63.89 -9.27
C SER T 64 9.79 64.22 -9.20
N GLU T 65 9.34 65.37 -9.67
CA GLU T 65 7.93 65.72 -9.56
C GLU T 65 7.21 65.43 -10.83
N VAL T 66 6.10 64.69 -10.79
CA VAL T 66 5.35 64.37 -11.99
C VAL T 66 3.87 64.56 -11.63
N ILE T 67 3.03 65.15 -12.50
CA ILE T 67 1.60 65.16 -12.28
C ILE T 67 0.99 64.16 -13.27
N PHE T 68 0.02 63.31 -12.90
CA PHE T 68 -0.58 62.33 -13.79
C PHE T 68 -2.00 62.77 -13.99
N ARG T 69 -2.22 63.43 -15.15
CA ARG T 69 -3.54 63.96 -15.53
C ARG T 69 -4.29 62.97 -16.46
C2 BGC U . -10.06 9.72 51.30
C3 BGC U . -11.39 9.26 50.70
C4 BGC U . -11.77 7.89 51.27
C5 BGC U . -11.76 7.92 52.81
C6 BGC U . -12.01 6.55 53.44
C1 BGC U . -10.16 9.70 52.83
O1 BGC U . -8.93 10.07 53.38
O2 BGC U . -9.75 11.04 50.86
O3 BGC U . -11.26 9.17 49.28
O4 BGC U . -13.10 7.52 50.81
O5 BGC U . -10.47 8.38 53.27
O6 BGC U . -11.06 5.57 52.99
C1 GAL U . -13.16 6.39 50.01
C2 GAL U . -14.60 5.90 49.89
C3 GAL U . -14.64 4.73 48.94
C4 GAL U . -14.09 5.17 47.57
C5 GAL U . -12.67 5.65 47.78
C6 GAL U . -12.00 6.16 46.53
O2 GAL U . -15.08 5.50 51.17
O3 GAL U . -15.96 4.23 48.82
O4 GAL U . -14.91 6.24 47.01
O5 GAL U . -12.65 6.74 48.72
O6 GAL U . -10.66 6.56 46.79
C1 GLA U . -15.34 6.10 45.68
C2 GLA U . -15.87 7.43 45.17
C3 GLA U . -17.21 7.80 45.80
C4 GLA U . -18.20 6.66 45.65
C5 GLA U . -17.57 5.37 46.20
C6 GLA U . -18.43 4.13 46.12
O2 GLA U . -14.91 8.43 45.45
O3 GLA U . -17.73 8.99 45.21
O4 GLA U . -18.57 6.52 44.30
O5 GLA U . -16.33 5.09 45.52
O6 GLA U . -18.81 3.82 44.80
C1 GAL V . -30.00 8.16 40.06
C2 GAL V . -29.04 8.44 38.91
C3 GAL V . -28.26 7.18 38.61
C4 GAL V . -27.50 6.77 39.88
C5 GAL V . -28.46 6.58 41.04
C6 GAL V . -27.67 6.34 42.32
O1 GAL V . -30.74 9.29 40.36
O2 GAL V . -29.76 8.84 37.74
O3 GAL V . -27.39 7.39 37.51
O4 GAL V . -26.54 7.79 40.22
O5 GAL V . -29.27 7.77 41.23
O6 GAL V . -28.54 6.12 43.43
C1 GLA V . -25.22 7.34 40.26
C2 GLA V . -24.33 8.40 40.91
C3 GLA V . -24.01 9.57 39.98
C4 GLA V . -23.63 9.10 38.56
C5 GLA V . -24.65 8.10 38.05
C6 GLA V . -24.34 7.50 36.68
O2 GLA V . -25.00 8.91 42.06
O3 GLA V . -22.93 10.31 40.54
O4 GLA V . -22.33 8.53 38.54
O5 GLA V . -24.73 7.00 38.97
O6 GLA V . -23.22 6.63 36.76
C2 BGC W . -26.41 -0.99 55.01
C3 BGC W . -25.33 -1.72 54.20
C4 BGC W . -23.95 -1.03 54.27
C5 BGC W . -23.64 -0.61 55.72
C6 BGC W . -22.39 0.22 55.87
C1 BGC W . -25.90 -0.62 56.40
O1 BGC W . -26.84 0.12 57.09
O2 BGC W . -27.54 -1.85 55.14
O3 BGC W . -25.74 -1.81 52.84
O4 BGC W . -22.92 -1.94 53.80
O5 BGC W . -24.72 0.16 56.27
O6 BGC W . -22.13 0.50 57.25
C1 GAL W . -22.24 -1.62 52.62
C2 GAL W . -20.96 -2.48 52.48
C3 GAL W . -20.36 -2.41 51.07
C4 GAL W . -21.43 -2.53 49.97
C5 GAL W . -22.52 -1.52 50.27
C6 GAL W . -23.62 -1.43 49.22
O2 GAL W . -19.97 -2.01 53.40
O3 GAL W . -19.38 -3.42 50.91
O4 GAL W . -22.00 -3.85 49.95
O5 GAL W . -23.12 -1.85 51.52
O6 GAL W . -24.16 -0.12 49.15
C1 GLA W . -22.05 -4.48 48.70
C2 GLA W . -23.16 -5.53 48.66
C3 GLA W . -22.81 -6.71 49.54
C4 GLA W . -21.47 -7.28 49.12
C5 GLA W . -20.38 -6.19 49.11
C6 GLA W . -19.11 -6.70 48.51
O2 GLA W . -24.40 -4.98 49.10
O3 GLA W . -23.82 -7.69 49.41
O4 GLA W . -21.58 -7.88 47.83
O5 GLA W . -20.79 -5.05 48.33
O6 GLA W . -18.07 -5.73 48.63
C2 BGC X . -11.82 27.98 21.65
C3 BGC X . -12.43 26.80 22.41
C4 BGC X . -11.64 26.49 23.69
C5 BGC X . -11.48 27.78 24.49
C6 BGC X . -10.70 27.58 25.78
C1 BGC X . -11.54 29.18 22.55
O1 BGC X . -10.79 30.11 21.86
O2 BGC X . -12.72 28.37 20.63
O3 BGC X . -12.42 25.66 21.57
O4 BGC X . -12.34 25.50 24.48
O5 BGC X . -10.78 28.76 23.69
O6 BGC X . -9.43 27.00 25.52
C1 GAL X . -11.84 24.22 24.48
C2 GAL X . -12.31 23.52 25.76
C3 GAL X . -11.95 22.05 25.74
C4 GAL X . -12.54 21.39 24.49
C5 GAL X . -12.03 22.13 23.26
C6 GAL X . -12.65 21.60 21.97
O2 GAL X . -11.72 24.14 26.89
O3 GAL X . -12.42 21.42 26.92
O4 GAL X . -13.99 21.44 24.53
O5 GAL X . -12.37 23.55 23.34
O6 GAL X . -12.09 22.22 20.83
C1 GLA X . -14.66 20.27 24.17
C2 GLA X . -16.11 20.61 23.91
C3 GLA X . -16.73 21.13 25.20
C4 GLA X . -16.62 20.08 26.28
C5 GLA X . -15.16 19.66 26.45
C6 GLA X . -14.92 18.54 27.45
O2 GLA X . -16.18 21.60 22.91
O3 GLA X . -18.09 21.45 24.98
O4 GLA X . -17.42 18.96 25.89
O5 GLA X . -14.58 19.26 25.18
O6 GLA X . -15.25 17.26 26.90
C1 GAL Y . -26.76 14.91 33.32
C2 GAL Y . -27.03 14.30 31.93
C3 GAL Y . -25.92 13.33 31.58
C4 GAL Y . -24.56 14.02 31.68
C5 GAL Y . -24.41 14.60 33.09
C6 GAL Y . -23.11 15.35 33.29
O1 GAL Y . -27.68 15.91 33.59
O2 GAL Y . -28.27 13.61 31.91
O3 GAL Y . -26.12 12.83 30.26
O4 GAL Y . -24.48 15.09 30.73
O5 GAL Y . -25.47 15.52 33.36
O6 GAL Y . -23.09 15.99 34.56
C1 GLA Y . -23.40 15.04 29.84
C2 GLA Y . -23.13 16.43 29.30
C3 GLA Y . -24.41 16.90 28.62
C4 GLA Y . -24.72 15.96 27.45
C5 GLA Y . -24.79 14.50 27.95
C6 GLA Y . -24.82 13.49 26.81
O2 GLA Y . -22.75 17.30 30.36
O3 GLA Y . -24.24 18.22 28.14
O4 GLA Y . -23.73 16.11 26.44
O5 GLA Y . -23.64 14.15 28.76
O6 GLA Y . -23.51 13.08 26.44
C1 GAL Z . -9.59 18.27 35.11
C2 GAL Z . -8.20 17.79 34.72
C3 GAL Z . -8.28 17.09 33.36
C4 GAL Z . -9.29 15.94 33.43
C5 GAL Z . -10.64 16.43 34.01
C6 GAL Z . -11.60 15.30 34.30
O1 GAL Z . -9.54 18.93 36.32
O2 GAL Z . -7.30 18.89 34.66
O3 GAL Z . -7.00 16.59 33.01
O4 GAL Z . -8.78 14.84 34.20
O5 GAL Z . -10.45 17.14 35.25
O6 GAL Z . -12.83 15.79 34.79
C1 GLA Z . -9.02 13.54 33.66
C2 GLA Z . -8.70 12.46 34.71
C3 GLA Z . -7.20 12.26 34.89
C4 GLA Z . -6.50 12.09 33.54
C5 GLA Z . -6.88 13.24 32.60
C6 GLA Z . -6.29 13.14 31.21
O2 GLA Z . -9.30 12.79 35.96
O3 GLA Z . -6.99 11.09 35.68
O4 GLA Z . -6.86 10.84 32.97
O5 GLA Z . -8.31 13.32 32.45
O6 GLA Z . -4.91 13.46 31.21
C2 BGC AA . -40.86 18.16 3.91
C3 BGC AA . -40.07 18.16 5.22
C4 BGC AA . -38.61 18.49 4.93
C5 BGC AA . -38.55 19.84 4.21
C6 BGC AA . -37.15 20.31 3.86
C1 BGC AA . -40.68 19.50 3.18
O1 BGC AA . -41.30 19.46 1.94
O2 BGC AA . -42.25 17.94 4.16
O3 BGC AA . -40.15 16.89 5.86
O4 BGC AA . -37.86 18.55 6.17
O5 BGC AA . -39.29 19.76 2.97
O6 BGC AA . -36.48 19.38 3.02
C1 GAL AA . -36.76 17.73 6.32
C2 GAL AA . -35.91 18.21 7.49
C3 GAL AA . -34.75 17.25 7.76
C4 GAL AA . -35.28 15.82 7.94
C5 GAL AA . -36.10 15.46 6.70
C6 GAL AA . -36.68 14.07 6.70
O2 GAL AA . -35.39 19.50 7.20
O3 GAL AA . -34.05 17.67 8.93
O4 GAL AA . -36.10 15.72 9.14
O5 GAL AA . -37.21 16.39 6.55
O6 GAL AA . -37.51 13.87 5.56
C1 GLA AA . -35.83 14.63 10.00
C2 GLA AA . -36.89 14.55 11.11
C3 GLA AA . -36.74 15.71 12.10
C4 GLA AA . -35.30 15.71 12.63
C5 GLA AA . -34.33 15.82 11.45
C6 GLA AA . -32.86 15.89 11.82
O2 GLA AA . -38.21 14.56 10.56
O3 GLA AA . -37.67 15.58 13.17
O4 GLA AA . -35.07 14.49 13.33
O5 GLA AA . -34.52 14.70 10.57
O6 GLA AA . -32.47 14.78 12.62
C1 GAL BA . -32.76 14.68 26.13
C2 GAL BA . -33.44 13.38 25.63
C3 GAL BA . -32.56 12.78 24.53
C4 GAL BA . -32.35 13.81 23.41
C5 GAL BA . -31.81 15.13 23.98
C6 GAL BA . -31.71 16.22 22.93
O1 GAL BA . -33.48 15.25 27.18
O2 GAL BA . -33.61 12.43 26.69
O3 GAL BA . -33.15 11.60 24.00
O4 GAL BA . -33.56 14.04 22.66
O5 GAL BA . -32.66 15.62 25.05
O6 GAL BA . -30.72 17.18 23.28
C1 GLA BA . -33.52 13.69 21.29
C2 GLA BA . -34.61 14.41 20.54
C3 GLA BA . -35.96 13.96 21.04
C4 GLA BA . -36.08 12.46 20.81
C5 GLA BA . -34.88 11.69 21.41
C6 GLA BA . -34.80 10.25 20.91
O2 GLA BA . -34.48 15.81 20.72
O3 GLA BA . -36.96 14.65 20.33
O4 GLA BA . -36.19 12.20 19.42
O5 GLA BA . -33.62 12.31 21.07
O6 GLA BA . -33.48 9.73 21.08
C2 BGC CA . -57.45 -5.57 24.12
C3 BGC CA . -56.20 -4.73 23.89
C4 BGC CA . -56.13 -4.18 22.46
C5 BGC CA . -57.45 -3.54 22.08
C6 BGC CA . -57.44 -3.14 20.62
C1 BGC CA . -58.72 -4.86 23.62
O1 BGC CA . -59.81 -5.71 23.68
O2 BGC CA . -57.56 -5.85 25.51
O3 BGC CA . -55.06 -5.54 24.14
O4 BGC CA . -55.09 -3.19 22.37
O5 BGC CA . -58.54 -4.47 22.25
O6 BGC CA . -57.02 -4.21 19.80
C1 GAL CA . -53.93 -3.49 21.66
C2 GAL CA . -53.19 -2.18 21.39
C3 GAL CA . -51.86 -2.48 20.71
C4 GAL CA . -51.03 -3.41 21.58
C5 GAL CA . -51.87 -4.66 21.90
C6 GAL CA . -51.23 -5.64 22.84
O2 GAL CA . -53.98 -1.35 20.55
O3 GAL CA . -51.17 -1.25 20.48
O4 GAL CA . -50.65 -2.73 22.82
O5 GAL CA . -53.13 -4.31 22.49
O6 GAL CA . -52.11 -6.72 23.13
C1 GLA CA . -49.30 -2.85 23.20
C2 GLA CA . -49.11 -2.32 24.63
C3 GLA CA . -49.26 -0.81 24.67
C4 GLA CA . -48.31 -0.18 23.67
C5 GLA CA . -48.55 -0.75 22.28
C6 GLA CA . -47.58 -0.20 21.23
O2 GLA CA . -50.06 -2.91 25.50
O3 GLA CA . -48.97 -0.34 25.98
O4 GLA CA . -46.98 -0.47 24.04
O5 GLA CA . -48.41 -2.18 22.31
O6 GLA CA . -46.25 -0.66 21.47
C1 GAL DA . -39.84 9.39 27.48
C2 GAL DA . -39.44 8.12 28.26
C3 GAL DA . -38.99 7.08 27.24
C4 GAL DA . -40.17 6.74 26.32
C5 GAL DA . -40.58 8.09 25.62
C6 GAL DA . -41.71 8.02 24.60
O1 GAL DA . -40.23 10.42 28.33
O2 GAL DA . -38.40 8.39 29.18
O3 GAL DA . -38.47 5.91 27.89
O4 GAL DA . -41.28 6.16 27.06
O5 GAL DA . -40.93 9.10 26.60
O6 GAL DA . -42.97 7.78 25.22
C1 GLA DA . -41.69 4.87 26.64
C2 GLA DA . -42.98 4.42 27.37
C3 GLA DA . -42.72 4.00 28.83
C4 GLA DA . -41.48 3.10 28.97
C5 GLA DA . -40.31 3.71 28.20
C6 GLA DA . -39.05 2.88 28.22
O2 GLA DA . -43.97 5.45 27.35
O3 GLA DA . -43.85 3.28 29.32
O4 GLA DA . -41.76 1.81 28.46
O5 GLA DA . -40.67 3.92 26.84
O6 GLA DA . -39.20 1.74 27.41
C2 BGC EA . -50.90 9.12 14.45
C3 BGC EA . -50.12 7.92 13.91
C4 BGC EA . -51.09 6.81 13.51
C5 BGC EA . -52.21 7.37 12.58
C6 BGC EA . -53.32 6.37 12.36
C1 BGC EA . -51.86 9.60 13.38
O1 BGC EA . -52.54 10.73 13.80
O2 BGC EA . -50.00 10.17 14.79
O3 BGC EA . -49.25 7.44 14.91
O4 BGC EA . -50.37 5.77 12.82
O5 BGC EA . -52.80 8.56 13.13
O6 BGC EA . -53.99 6.06 13.60
C1 GAL EA . -49.84 4.70 13.55
C2 GAL EA . -49.84 3.43 12.69
C3 GAL EA . -49.06 2.31 13.37
C4 GAL EA . -47.65 2.80 13.72
C5 GAL EA . -47.79 4.03 14.60
C6 GAL EA . -46.45 4.63 14.99
O2 GAL EA . -51.17 2.98 12.47
O3 GAL EA . -49.00 1.17 12.52
O4 GAL EA . -46.92 3.14 12.52
O5 GAL EA . -48.50 5.06 13.89
O6 GAL EA . -46.60 5.49 16.10
C1 GLA EA . -45.61 2.62 12.46
C2 GLA EA . -44.87 3.27 11.27
C3 GLA EA . -45.21 2.61 9.93
C4 GLA EA . -45.22 1.07 10.03
C5 GLA EA . -46.12 0.65 11.16
C6 GLA EA . -46.16 -0.84 11.27
O2 GLA EA . -45.19 4.65 11.20
O3 GLA EA . -44.27 3.01 8.94
O4 GLA EA . -43.90 0.59 10.29
O5 GLA EA . -45.60 1.19 12.40
O6 GLA EA . -46.72 -1.39 10.09
C2 BGC FA . -38.15 -11.35 53.16
C3 BGC FA . -38.29 -10.52 51.88
C4 BGC FA . -39.26 -11.21 50.93
C5 BGC FA . -40.60 -11.52 51.63
C6 BGC FA . -41.45 -12.42 50.78
C1 BGC FA . -39.52 -11.55 53.79
O1 BGC FA . -39.40 -12.34 54.92
O2 BGC FA . -37.28 -10.70 54.06
O3 BGC FA . -37.01 -10.40 51.26
O4 BGC FA . -39.51 -10.35 49.79
O5 BGC FA . -40.39 -12.23 52.87
O6 BGC FA . -40.79 -13.67 50.54
C1 GAL FA . -39.16 -10.81 48.53
C2 GAL FA . -39.87 -9.98 47.46
C3 GAL FA . -39.42 -10.45 46.07
C4 GAL FA . -37.91 -10.34 45.96
C5 GAL FA . -37.27 -11.15 47.11
C6 GAL FA . -35.76 -11.04 47.16
O2 GAL FA . -41.27 -10.14 47.61
O3 GAL FA . -40.04 -9.66 45.07
O4 GAL FA . -37.50 -8.95 46.05
O5 GAL FA . -37.74 -10.67 48.38
O6 GAL FA . -35.23 -11.74 48.27
C1 GLA FA . -36.61 -8.48 45.07
C2 GLA FA . -36.12 -7.09 45.47
C3 GLA FA . -37.27 -6.08 45.39
C4 GLA FA . -37.87 -6.10 44.00
C5 GLA FA . -38.31 -7.52 43.64
C6 GLA FA . -38.84 -7.64 42.23
O2 GLA FA . -35.62 -7.13 46.79
O3 GLA FA . -36.79 -4.79 45.67
O4 GLA FA . -36.89 -5.65 43.08
O5 GLA FA . -37.19 -8.44 43.77
O6 GLA FA . -37.81 -7.43 41.29
C2 BGC GA . -41.89 7.92 37.17
C3 BGC GA . -40.68 7.13 37.67
C4 BGC GA . -39.70 6.92 36.51
C5 BGC GA . -39.35 8.27 35.89
C6 BGC GA . -38.43 8.14 34.68
C1 BGC GA . -41.45 9.22 36.51
O1 BGC GA . -42.54 9.89 35.99
O2 BGC GA . -42.76 8.21 38.25
O3 BGC GA . -41.10 5.87 38.17
O4 BGC GA . -38.50 6.30 37.02
O5 BGC GA . -40.54 8.94 35.44
O6 BGC GA . -39.10 7.45 33.62
C1 GAL GA . -38.06 5.14 36.36
C2 GAL GA . -36.56 4.92 36.59
C3 GAL GA . -36.15 3.67 35.81
C4 GAL GA . -36.96 2.48 36.32
C5 GAL GA . -38.46 2.77 36.20
C6 GAL GA . -39.31 1.68 36.82
O2 GAL GA . -35.80 6.04 36.18
O3 GAL GA . -34.75 3.42 35.94
O4 GAL GA . -36.66 2.24 37.72
O5 GAL GA . -38.80 4.01 36.86
O6 GAL GA . -40.68 1.93 36.60
C1 GLA GA . -36.37 0.91 38.09
C2 GLA GA . -36.57 0.77 39.58
C3 GLA GA . -35.57 1.67 40.31
C4 GLA GA . -34.16 1.22 39.91
C5 GLA GA . -34.02 1.35 38.39
C6 GLA GA . -32.66 0.90 37.84
O2 GLA GA . -37.90 1.12 39.94
O3 GLA GA . -35.75 1.56 41.71
O4 GLA GA . -33.97 -0.14 40.31
O5 GLA GA . -35.03 0.56 37.73
O6 GLA GA . -32.71 -0.41 37.30
C2 BGC HA . -34.98 -18.57 2.82
C3 BGC HA . -33.58 -18.41 2.23
C4 BGC HA . -33.05 -17.00 2.51
C5 BGC HA . -33.22 -16.61 4.01
C6 BGC HA . -32.99 -15.12 4.20
C1 BGC HA . -34.95 -18.26 4.31
O1 BGC HA . -36.21 -18.44 4.86
O2 BGC HA . -35.46 -19.89 2.60
O3 BGC HA . -33.67 -18.60 0.82
O4 BGC HA . -31.63 -16.91 2.17
O5 BGC HA . -34.57 -16.90 4.48
O6 BGC HA . -33.77 -14.35 3.27
C1 GAL HA . -31.29 -16.01 1.16
C2 GAL HA . -29.81 -15.65 1.26
C3 GAL HA . -29.43 -14.74 0.08
C4 GAL HA . -29.72 -15.47 -1.23
C5 GAL HA . -31.20 -15.82 -1.24
C6 GAL HA . -31.68 -16.58 -2.44
O2 GAL HA . -29.58 -14.98 2.49
O3 GAL HA . -28.07 -14.35 0.17
O4 GAL HA . -28.91 -16.69 -1.31
O5 GAL HA . -31.53 -16.65 -0.10
O6 GAL HA . -33.03 -16.99 -2.25
C1 GLA HA . -28.23 -16.96 -2.51
C2 GLA HA . -27.60 -18.38 -2.47
C3 GLA HA . -26.44 -18.40 -1.50
C4 GLA HA . -25.44 -17.38 -1.94
C5 GLA HA . -26.10 -16.00 -1.92
C6 GLA HA . -25.16 -14.89 -2.36
O2 GLA HA . -28.53 -19.36 -2.12
O3 GLA HA . -25.86 -19.69 -1.47
O4 GLA HA . -25.03 -17.71 -3.25
O5 GLA HA . -27.23 -15.97 -2.80
O6 GLA HA . -24.91 -14.94 -3.75
C2 BGC IA . -10.11 -21.39 -0.75
C3 BGC IA . -11.35 -21.50 -1.63
C4 BGC IA . -11.09 -22.48 -2.79
C5 BGC IA . -10.50 -23.81 -2.27
C6 BGC IA . -10.08 -24.74 -3.38
C1 BGC IA . -9.65 -22.77 -0.30
O1 BGC IA . -8.50 -22.65 0.45
O2 BGC IA . -10.41 -20.60 0.39
O3 BGC IA . -11.68 -20.22 -2.15
O4 BGC IA . -12.32 -22.77 -3.49
O5 BGC IA . -9.34 -23.57 -1.46
O6 BGC IA . -8.93 -24.25 -4.05
C1 GAL IA . -12.84 -21.78 -4.34
C2 GAL IA . -13.71 -22.43 -5.43
C3 GAL IA . -14.29 -21.33 -6.32
C4 GAL IA . -15.08 -20.33 -5.47
C5 GAL IA . -14.20 -19.81 -4.31
C6 GAL IA . -14.97 -18.94 -3.34
O2 GAL IA . -12.93 -23.31 -6.23
O3 GAL IA . -15.13 -21.89 -7.31
O4 GAL IA . -16.29 -20.93 -4.95
O5 GAL IA . -13.65 -20.90 -3.54
O6 GAL IA . -14.12 -18.47 -2.32
C1 GLA IA . -17.48 -20.33 -5.35
C2 GLA IA . -18.65 -20.85 -4.51
C3 GLA IA . -18.87 -22.32 -4.80
C4 GLA IA . -19.13 -22.51 -6.30
C5 GLA IA . -17.95 -21.92 -7.09
C6 GLA IA . -18.15 -21.93 -8.60
O2 GLA IA . -18.36 -20.67 -3.13
O3 GLA IA . -19.98 -22.79 -4.05
O4 GLA IA . -20.33 -21.86 -6.68
O5 GLA IA . -17.74 -20.54 -6.73
O6 GLA IA . -19.06 -20.93 -8.98
C2 BGC JA . -19.96 -8.66 6.76
C3 BGC JA . -20.60 -7.93 5.60
C4 BGC JA . -21.69 -8.79 4.95
C5 BGC JA . -22.65 -9.35 6.00
C6 BGC JA . -23.59 -10.38 5.39
C1 BGC JA . -21.04 -9.14 7.74
O1 BGC JA . -20.46 -9.84 8.78
O2 BGC JA . -19.06 -7.77 7.42
O3 BGC JA . -19.59 -7.64 4.64
O4 BGC JA . -22.44 -7.95 4.04
O5 BGC JA . -21.91 -10.02 7.05
O6 BGC JA . -24.30 -11.08 6.39
C1 GAL JA . -22.68 -8.40 2.76
C2 GAL JA . -23.69 -7.45 2.08
C3 GAL JA . -23.85 -7.74 0.59
C4 GAL JA . -22.49 -7.92 -0.10
C5 GAL JA . -21.63 -8.90 0.69
C6 GAL JA . -20.27 -9.20 0.12
O2 GAL JA . -24.95 -7.62 2.70
O3 GAL JA . -24.59 -6.71 -0.02
O4 GAL JA . -21.80 -6.64 -0.23
O5 GAL JA . -21.45 -8.42 2.03
O6 GAL JA . -19.66 -10.28 0.83
C1 GLA JA . -21.49 -6.31 -1.55
C2 GLA JA . -20.52 -5.14 -1.62
C3 GLA JA . -21.22 -3.78 -1.57
C4 GLA JA . -22.40 -3.71 -2.55
C5 GLA JA . -23.34 -4.90 -2.29
C6 GLA JA . -24.48 -4.96 -3.28
O2 GLA JA . -19.60 -5.25 -0.55
O3 GLA JA . -20.27 -2.78 -1.91
O4 GLA JA . -21.94 -3.73 -3.89
O5 GLA JA . -22.63 -6.15 -2.39
O6 GLA JA . -25.33 -3.82 -3.18
C2 BGC KA . -28.84 -45.74 -18.51
C3 BGC KA . -28.29 -44.46 -17.88
C4 BGC KA . -29.40 -43.46 -17.60
C5 BGC KA . -30.53 -44.13 -16.83
C6 BGC KA . -31.72 -43.22 -16.66
C1 BGC KA . -29.96 -46.28 -17.63
O1 BGC KA . -30.51 -47.42 -18.18
O2 BGC KA . -27.81 -46.70 -18.64
O3 BGC KA . -27.34 -43.87 -18.76
O4 BGC KA . -28.87 -42.37 -16.83
O5 BGC KA . -30.99 -45.30 -17.51
O6 BGC KA . -32.28 -42.90 -17.92
C1 GAL KA . -29.11 -41.10 -17.31
C2 GAL KA . -28.85 -40.06 -16.22
C3 GAL KA . -29.01 -38.67 -16.81
C4 GAL KA . -28.08 -38.51 -18.01
C5 GAL KA . -28.41 -39.60 -19.01
C6 GAL KA . -27.58 -39.57 -20.26
O2 GAL KA . -29.77 -40.25 -15.16
O3 GAL KA . -28.75 -37.70 -15.80
O4 GAL KA . -26.72 -38.66 -17.59
O5 GAL KA . -28.22 -40.87 -18.41
O6 GAL KA . -27.97 -40.62 -21.13
C1 GLA KA . -25.88 -37.64 -18.03
C2 GLA KA . -24.42 -38.03 -17.78
C3 GLA KA . -24.05 -37.96 -16.30
C4 GLA KA . -24.50 -36.66 -15.69
C5 GLA KA . -25.96 -36.39 -15.99
C6 GLA KA . -26.39 -35.01 -15.50
O2 GLA KA . -24.21 -39.35 -18.24
O3 GLA KA . -22.63 -38.03 -16.17
O4 GLA KA . -23.71 -35.61 -16.21
O5 GLA KA . -26.20 -36.42 -17.40
O6 GLA KA . -25.62 -33.98 -16.12
C1 GAL LA . -15.10 -29.35 -8.74
C2 GAL LA . -14.66 -29.27 -10.19
C3 GAL LA . -15.75 -28.59 -11.00
C4 GAL LA . -17.07 -29.36 -10.83
C5 GAL LA . -17.40 -29.54 -9.34
C6 GAL LA . -18.61 -30.42 -9.12
O1 GAL LA . -14.08 -29.92 -7.98
O2 GAL LA . -13.46 -28.52 -10.30
O3 GAL LA . -15.38 -28.53 -12.36
O4 GAL LA . -16.96 -30.66 -11.45
O5 GAL LA . -16.28 -30.14 -8.65
O6 GAL LA . -18.98 -30.42 -7.75
C1 GLA LA . -17.89 -30.97 -12.45
C2 GLA LA . -18.04 -32.49 -12.54
C3 GLA LA . -16.76 -33.13 -13.10
C4 GLA LA . -16.33 -32.46 -14.40
C5 GLA LA . -16.20 -30.97 -14.15
C6 GLA LA . -15.74 -30.13 -15.36
O2 GLA LA . -18.34 -33.02 -11.25
O3 GLA LA . -16.98 -34.52 -13.35
O4 GLA LA . -17.29 -32.70 -15.41
O5 GLA LA . -17.46 -30.45 -13.71
O6 GLA LA . -16.83 -29.79 -16.21
C2 BGC MA . 3.77 -42.77 -31.50
C3 BGC MA . 2.70 -42.17 -30.61
C4 BGC MA . 1.30 -42.68 -31.02
C5 BGC MA . 1.30 -44.21 -31.19
C6 BGC MA . 0.02 -44.73 -31.83
C1 BGC MA . 3.67 -44.28 -31.53
O1 BGC MA . 4.64 -44.80 -32.38
O2 BGC MA . 5.05 -42.38 -31.03
O3 BGC MA . 2.76 -40.75 -30.73
O4 BGC MA . 0.32 -42.30 -30.01
O5 BGC MA . 2.39 -44.65 -32.03
O6 BGC MA . -0.17 -44.21 -33.14
C1 GAL MA . -0.76 -41.51 -30.42
C2 GAL MA . -1.88 -41.57 -29.38
C3 GAL MA . -3.02 -40.61 -29.79
C4 GAL MA . -2.46 -39.20 -29.99
C5 GAL MA . -1.35 -39.27 -31.04
C6 GAL MA . -0.70 -37.91 -31.33
O2 GAL MA . -2.39 -42.90 -29.30
O3 GAL MA . -4.06 -40.61 -28.82
O4 GAL MA . -1.95 -38.68 -28.73
O5 GAL MA . -0.30 -40.17 -30.57
O6 GAL MA . 0.33 -38.02 -32.31
C1 GLA MA . -2.38 -37.41 -28.35
C2 GLA MA . -1.60 -36.92 -27.12
C3 GLA MA . -2.02 -37.68 -25.88
C4 GLA MA . -3.53 -37.53 -25.70
C5 GLA MA . -4.22 -38.08 -26.93
C6 GLA MA . -5.73 -37.92 -26.85
O2 GLA MA . -0.21 -37.05 -27.32
O3 GLA MA . -1.34 -37.16 -24.74
O4 GLA MA . -3.86 -36.14 -25.56
O5 GLA MA . -3.78 -37.37 -28.12
O6 GLA MA . -6.08 -36.55 -26.67
C1 GAL NA . -7.92 -31.97 -13.99
C2 GAL NA . -7.11 -30.89 -14.73
C3 GAL NA . -7.82 -30.53 -16.03
C4 GAL NA . -8.01 -31.78 -16.86
C5 GAL NA . -8.77 -32.83 -16.06
C6 GAL NA . -8.93 -34.15 -16.80
O1 GAL NA . -7.27 -32.36 -12.82
O2 GAL NA . -6.96 -29.74 -13.91
O3 GAL NA . -7.06 -29.56 -16.75
O4 GAL NA . -6.73 -32.33 -17.26
O5 GAL NA . -8.08 -33.12 -14.82
O6 GAL NA . -9.68 -35.08 -16.03
C1 GLA NA . -6.48 -32.37 -18.65
C2 GLA NA . -5.27 -33.27 -18.92
C3 GLA NA . -4.01 -32.62 -18.39
C4 GLA NA . -3.83 -31.25 -19.02
C5 GLA NA . -5.09 -30.39 -18.74
C6 GLA NA . -5.07 -28.97 -19.36
O2 GLA NA . -5.48 -34.51 -18.27
O3 GLA NA . -2.88 -33.43 -18.70
O4 GLA NA . -3.61 -31.40 -20.41
O5 GLA NA . -6.28 -31.08 -19.21
O6 GLA NA . -5.70 -28.91 -20.65
C2 BGC OA . -13.80 -46.52 -23.30
C3 BGC OA . -13.89 -45.58 -24.51
C4 BGC OA . -12.60 -45.44 -25.34
C5 BGC OA . -11.82 -46.76 -25.40
C6 BGC OA . -10.47 -46.65 -26.03
C1 BGC OA . -12.87 -47.72 -23.52
O1 BGC OA . -12.59 -48.34 -22.32
O2 BGC OA . -15.10 -47.02 -23.01
O3 BGC OA . -14.28 -44.28 -24.05
O4 BGC OA . -12.94 -45.05 -26.68
O5 BGC OA . -11.63 -47.27 -24.07
O6 BGC OA . -9.51 -46.23 -25.05
C1 GAL OA . -12.40 -43.86 -27.16
C2 GAL OA . -12.80 -43.66 -28.61
C3 GAL OA . -12.22 -42.33 -29.10
C4 GAL OA . -12.77 -41.21 -28.19
C5 GAL OA . -12.37 -41.52 -26.76
C6 GAL OA . -12.84 -40.49 -25.77
O2 GAL OA . -12.32 -44.73 -29.42
O3 GAL OA . -12.52 -42.12 -30.48
O4 GAL OA . -14.21 -41.11 -28.29
O5 GAL OA . -12.91 -42.79 -26.35
O6 GAL OA . -12.15 -40.65 -24.54
C1 GLA OA . -14.71 -39.81 -28.46
C2 GLA OA . -16.23 -39.82 -28.20
C3 GLA OA . -16.98 -40.51 -29.33
C4 GLA OA . -16.57 -39.92 -30.69
C5 GLA OA . -15.04 -40.02 -30.82
C6 GLA OA . -14.44 -39.50 -32.13
O2 GLA OA . -16.49 -40.51 -26.98
O3 GLA OA . -18.39 -40.40 -29.16
O4 GLA OA . -17.01 -38.56 -30.79
O5 GLA OA . -14.42 -39.30 -29.75
O6 GLA OA . -14.68 -40.42 -33.19
C2 BGC PA . 18.51 -14.20 -17.23
C3 BGC PA . 17.22 -15.01 -17.27
C4 BGC PA . 17.21 -15.90 -18.51
C5 BGC PA . 18.51 -16.73 -18.62
C6 BGC PA . 18.63 -17.39 -19.99
C1 BGC PA . 19.69 -15.17 -17.23
O1 BGC PA . 20.89 -14.48 -17.12
O2 BGC PA . 18.53 -13.39 -16.07
O3 BGC PA . 16.11 -14.12 -17.29
O4 BGC PA . 16.07 -16.81 -18.46
O5 BGC PA . 19.69 -15.90 -18.45
O6 BGC PA . 18.67 -16.43 -21.05
C1 GAL PA . 15.10 -16.72 -19.45
C2 GAL PA . 14.29 -18.02 -19.53
C3 GAL PA . 13.22 -17.89 -20.59
C4 GAL PA . 12.28 -16.73 -20.24
C5 GAL PA . 13.14 -15.46 -20.11
C6 GAL PA . 12.38 -14.22 -19.71
O2 GAL PA . 15.16 -19.11 -19.84
O3 GAL PA . 12.49 -19.10 -20.73
O4 GAL PA . 11.59 -17.01 -18.99
O5 GAL PA . 14.21 -15.64 -19.13
O6 GAL PA . 13.26 -13.09 -19.67
C1 GLA PA . 10.20 -16.75 -18.94
C2 GLA PA . 9.71 -16.77 -17.49
C3 GLA PA . 9.67 -18.21 -16.93
C4 GLA PA . 8.89 -19.10 -17.88
C5 GLA PA . 9.42 -19.02 -19.30
C6 GLA PA . 8.61 -19.83 -20.29
O2 GLA PA . 10.56 -15.96 -16.68
O3 GLA PA . 9.04 -18.23 -15.65
O4 GLA PA . 7.53 -18.72 -17.83
O5 GLA PA . 9.44 -17.65 -19.76
O6 GLA PA . 7.25 -19.38 -20.37
C1 GAL QA . -1.49 -26.46 -12.87
C2 GAL QA . -1.72 -24.96 -12.74
C3 GAL QA . -1.85 -24.41 -14.15
C4 GAL QA . -0.51 -24.61 -14.85
C5 GAL QA . -0.13 -26.10 -14.85
C6 GAL QA . 1.30 -26.32 -15.36
O1 GAL QA . -1.47 -27.06 -11.62
O2 GAL QA . -2.89 -24.67 -11.99
O3 GAL QA . -2.25 -23.05 -14.10
O4 GAL QA . 0.54 -23.84 -14.20
O5 GAL QA . -0.22 -26.68 -13.51
O6 GAL QA . 1.62 -27.72 -15.44
C1 GLA QA . 1.15 -22.84 -14.98
C2 GLA QA . 2.35 -22.22 -14.21
C3 GLA QA . 1.86 -21.32 -13.06
C4 GLA QA . 0.88 -20.29 -13.61
C5 GLA QA . -0.27 -21.04 -14.27
C6 GLA QA . -1.39 -20.16 -14.81
O2 GLA QA . 3.15 -23.26 -13.68
O3 GLA QA . 2.97 -20.63 -12.47
O4 GLA QA . 1.53 -19.48 -14.58
O5 GLA QA . 0.24 -21.84 -15.37
O6 GLA QA . -0.88 -19.15 -15.69
C2 BGC RA . -5.53 0.73 3.78
C3 BGC RA . -5.16 -0.47 2.90
C4 BGC RA . -4.05 -0.09 1.91
C5 BGC RA . -2.85 0.51 2.67
C6 BGC RA . -1.74 0.98 1.77
C1 BGC RA . -4.28 1.33 4.43
O1 BGC RA . -4.63 2.52 5.07
O2 BGC RA . -6.43 0.31 4.80
O3 BGC RA . -6.30 -0.91 2.18
O4 BGC RA . -3.63 -1.27 1.19
O5 BGC RA . -3.29 1.66 3.44
O6 BGC RA . -2.12 2.11 1.00
C1 GAL RA . -3.74 -1.21 -0.19
C2 GAL RA . -2.98 -2.36 -0.86
C3 GAL RA . -3.16 -2.23 -2.38
C4 GAL RA . -4.66 -2.31 -2.67
C5 GAL RA . -5.34 -1.16 -1.94
C6 GAL RA . -6.82 -1.04 -2.16
O2 GAL RA . -1.59 -2.32 -0.54
O3 GAL RA . -2.46 -3.27 -3.07
O4 GAL RA . -5.17 -3.57 -2.19
O5 GAL RA . -5.14 -1.29 -0.52
O6 GAL RA . -7.29 0.21 -1.70
C1 GLA RA . -5.86 -4.32 -3.15
C2 GLA RA . -6.54 -5.55 -2.51
C3 GLA RA . -5.57 -6.68 -2.25
C4 GLA RA . -4.83 -6.99 -3.54
C5 GLA RA . -4.07 -5.75 -3.96
C6 GLA RA . -3.25 -5.97 -5.23
O2 GLA RA . -7.17 -5.18 -1.29
O3 GLA RA . -6.29 -7.84 -1.84
O4 GLA RA . -5.77 -7.33 -4.53
O5 GLA RA . -5.01 -4.68 -4.24
O6 GLA RA . -4.07 -6.45 -6.29
C2 BGC SA . -1.11 -21.93 -4.55
C3 BGC SA . -2.19 -20.89 -4.88
C4 BGC SA . -3.38 -21.56 -5.56
C5 BGC SA . -3.88 -22.72 -4.72
C6 BGC SA . -4.98 -23.48 -5.42
C1 BGC SA . -1.72 -23.08 -3.75
O1 BGC SA . -0.74 -24.05 -3.57
O2 BGC SA . -0.07 -21.32 -3.81
O3 BGC SA . -1.63 -19.88 -5.72
O4 BGC SA . -4.45 -20.62 -5.76
O5 BGC SA . -2.81 -23.67 -4.47
O6 BGC SA . -4.48 -24.10 -6.61
C1 GAL SA . -4.40 -19.81 -6.89
C2 GAL SA . -5.82 -19.39 -7.29
C3 GAL SA . -5.76 -18.39 -8.43
C4 GAL SA . -4.92 -17.20 -7.98
C5 GAL SA . -3.52 -17.70 -7.65
C6 GAL SA . -2.59 -16.58 -7.22
O2 GAL SA . -6.57 -20.53 -7.69
O3 GAL SA . -7.07 -17.98 -8.80
O4 GAL SA . -5.50 -16.58 -6.81
O5 GAL SA . -3.61 -18.65 -6.57
O6 GAL SA . -1.24 -17.01 -7.16
C1 GLA SA . -5.80 -15.21 -6.94
C2 GLA SA . -6.04 -14.59 -5.56
C3 GLA SA . -7.29 -15.18 -4.91
C4 GLA SA . -8.50 -15.08 -5.86
C5 GLA SA . -8.13 -15.65 -7.24
C6 GLA SA . -9.22 -15.46 -8.28
O2 GLA SA . -4.90 -14.81 -4.72
O3 GLA SA . -7.57 -14.48 -3.71
O4 GLA SA . -8.93 -13.73 -5.98
O5 GLA SA . -6.94 -15.01 -7.75
O6 GLA SA . -9.27 -14.11 -8.71
C2 BGC TA . 5.62 -32.78 1.23
C3 BGC TA . 6.70 -32.48 2.25
C4 BGC TA . 6.61 -31.00 2.68
C5 BGC TA . 5.17 -30.66 3.11
C6 BGC TA . 5.00 -29.18 3.32
C1 BGC TA . 4.26 -32.43 1.81
O1 BGC TA . 3.27 -32.71 0.89
O2 BGC TA . 5.66 -34.16 0.90
O3 BGC TA . 7.96 -32.74 1.68
O4 BGC TA . 7.50 -30.77 3.81
O5 BGC TA . 4.23 -31.03 2.09
O6 BGC TA . 5.11 -28.49 2.08
C1 GAL TA . 8.51 -29.81 3.63
C2 GAL TA . 9.19 -29.52 4.96
C3 GAL TA . 10.31 -28.51 4.71
C4 GAL TA . 11.30 -29.11 3.71
C5 GAL TA . 10.54 -29.40 2.43
C6 GAL TA . 11.39 -30.01 1.35
O2 GAL TA . 8.25 -28.98 5.87
O3 GAL TA . 10.96 -28.18 5.92
O4 GAL TA . 11.86 -30.34 4.25
O5 GAL TA . 9.47 -30.33 2.70
O6 GAL TA . 10.64 -30.21 0.17
C1 GLA TA . 13.26 -30.44 4.23
C2 GLA TA . 13.70 -31.84 4.64
C3 GLA TA . 13.41 -32.06 6.11
C4 GLA TA . 14.14 -31.00 6.89
C5 GLA TA . 13.72 -29.61 6.44
C6 GLA TA . 14.50 -28.49 7.14
O2 GLA TA . 13.02 -32.80 3.85
O3 GLA TA . 13.89 -33.34 6.53
O4 GLA TA . 15.55 -31.17 6.70
O5 GLA TA . 13.90 -29.46 5.03
O6 GLA TA . 15.82 -28.35 6.62
C1 GAL UA . 23.17 -34.40 16.38
C2 GAL UA . 23.94 -34.85 15.14
C3 GAL UA . 24.22 -33.66 14.22
C4 GAL UA . 22.92 -32.88 13.92
C5 GAL UA . 22.23 -32.53 15.23
C6 GAL UA . 20.93 -31.80 15.05
O1 GAL UA . 22.84 -35.49 17.18
O2 GAL UA . 25.16 -35.46 15.54
O3 GAL UA . 24.85 -34.07 13.02
O4 GAL UA . 22.02 -33.66 13.09
O5 GAL UA . 21.96 -33.73 15.99
O6 GAL UA . 20.54 -31.18 16.27
C1 GLA UA . 21.58 -33.05 11.91
C2 GLA UA . 20.36 -33.81 11.39
C3 GLA UA . 20.77 -35.22 10.92
C4 GLA UA . 21.92 -35.12 9.92
C5 GLA UA . 23.06 -34.32 10.53
C6 GLA UA . 24.25 -34.14 9.61
O2 GLA UA . 19.40 -33.91 12.41
O3 GLA UA . 19.65 -35.85 10.30
O4 GLA UA . 21.46 -34.49 8.72
O5 GLA UA . 22.59 -33.01 10.91
O6 GLA UA . 24.12 -32.99 8.80
C2 BGC VA . 29.90 -56.64 -6.39
C3 BGC VA . 29.44 -55.55 -5.41
C4 BGC VA . 28.45 -54.63 -6.13
C5 BGC VA . 27.29 -55.45 -6.70
C6 BGC VA . 26.37 -54.61 -7.58
C1 BGC VA . 28.67 -57.42 -6.84
O1 BGC VA . 29.06 -58.42 -7.71
O2 BGC VA . 30.83 -57.52 -5.78
O3 BGC VA . 30.57 -54.82 -4.96
O4 BGC VA . 27.92 -53.65 -5.20
O5 BGC VA . 27.78 -56.53 -7.53
O6 BGC VA . 27.03 -54.10 -8.73
C1 GAL VA . 28.05 -52.32 -5.57
C2 GAL VA . 27.14 -51.47 -4.70
C3 GAL VA . 27.38 -50.00 -4.98
C4 GAL VA . 28.86 -49.67 -4.76
C5 GAL VA . 29.67 -50.57 -5.68
C6 GAL VA . 31.20 -50.36 -5.60
O2 GAL VA . 25.78 -51.78 -5.00
O3 GAL VA . 26.56 -49.20 -4.15
O4 GAL VA . 29.22 -49.88 -3.36
O5 GAL VA . 29.41 -51.96 -5.37
O6 GAL VA . 31.88 -51.27 -6.45
C1 GLA VA . 29.95 -48.84 -2.75
C2 GLA VA . 30.48 -49.30 -1.40
C3 GLA VA . 29.34 -49.51 -0.42
C4 GLA VA . 28.50 -48.23 -0.32
C5 GLA VA . 28.03 -47.80 -1.70
C6 GLA VA . 27.32 -46.47 -1.67
O2 GLA VA . 31.21 -50.50 -1.53
O3 GLA VA . 29.87 -49.84 0.86
O4 GLA VA . 29.31 -47.19 0.22
O5 GLA VA . 29.17 -47.65 -2.59
O6 GLA VA . 28.23 -45.41 -1.43
C1 GAL WA . 26.84 -41.60 11.61
C2 GAL WA . 28.32 -41.50 11.26
C3 GAL WA . 28.47 -40.66 10.01
C4 GAL WA . 27.67 -41.32 8.86
C5 GAL WA . 26.21 -41.48 9.27
C6 GAL WA . 25.44 -42.26 8.23
O1 GAL WA . 26.67 -42.39 12.74
O2 GAL WA . 29.02 -40.89 12.34
O3 GAL WA . 29.85 -40.49 9.68
O4 GAL WA . 28.20 -42.63 8.52
O5 GAL WA . 26.12 -42.21 10.52
O6 GAL WA . 24.12 -42.54 8.67
C1 GLA WA . 28.59 -42.81 7.19
C2 GLA WA . 28.88 -44.28 6.92
C3 GLA WA . 30.01 -44.74 7.82
C4 GLA WA . 31.25 -43.89 7.52
C5 GLA WA . 30.90 -42.41 7.73
C6 GLA WA . 32.01 -41.44 7.40
O2 GLA WA . 27.73 -45.08 7.16
O3 GLA WA . 30.28 -46.11 7.58
O4 GLA WA . 31.68 -44.11 6.19
O5 GLA WA . 29.77 -42.06 6.91
O6 GLA WA . 32.29 -41.46 6.00
C2 BGC XA . 56.92 -51.43 16.13
C3 BGC XA . 55.54 -51.08 15.58
C4 BGC XA . 55.36 -51.63 14.18
C5 BGC XA . 55.73 -53.13 14.13
C6 BGC XA . 55.70 -53.71 12.72
C1 BGC XA . 57.17 -52.92 16.02
O1 BGC XA . 58.45 -53.20 16.46
O2 BGC XA . 57.01 -51.05 17.50
O3 BGC XA . 55.36 -49.68 15.55
O4 BGC XA . 53.99 -51.45 13.77
O5 BGC XA . 57.06 -53.33 14.66
O6 BGC XA . 56.50 -52.95 11.82
C1 GAL XA . 53.77 -50.67 12.65
C2 GAL XA . 52.30 -50.77 12.25
C3 GAL XA . 52.04 -49.91 11.02
C4 GAL XA . 52.38 -48.46 11.39
C5 GAL XA . 53.84 -48.39 11.87
C6 GAL XA . 54.28 -47.02 12.35
O2 GAL XA . 51.93 -52.11 12.00
O3 GAL XA . 50.68 -50.03 10.63
O4 GAL XA . 51.50 -48.05 12.45
O5 GAL XA . 54.08 -49.31 12.97
O6 GAL XA . 55.62 -47.04 12.80
C1 GLA XA . 50.92 -46.78 12.40
C2 GLA XA . 50.37 -46.44 13.79
C3 GLA XA . 49.22 -47.37 14.12
C4 GLA XA . 48.15 -47.30 13.05
C5 GLA XA . 48.79 -47.64 11.70
C6 GLA XA . 47.84 -47.61 10.50
O2 GLA XA . 51.40 -46.62 14.76
O3 GLA XA . 48.68 -47.01 15.37
O4 GLA XA . 47.62 -45.99 13.02
O5 GLA XA . 49.88 -46.73 11.44
O6 GLA XA . 47.47 -46.28 10.14
C1 GAL YA . 34.90 -43.74 14.76
C2 GAL YA . 35.71 -42.50 15.12
C3 GAL YA . 36.47 -42.05 13.88
C4 GAL YA . 37.33 -43.20 13.35
C5 GAL YA . 36.50 -44.48 13.18
C6 GAL YA . 37.32 -45.70 12.82
O1 GAL YA . 34.14 -44.16 15.84
O2 GAL YA . 34.86 -41.46 15.57
O3 GAL YA . 37.28 -40.92 14.19
O4 GAL YA . 38.42 -43.43 14.24
O5 GAL YA . 35.79 -44.79 14.39
O6 GAL YA . 36.46 -46.79 12.57
C1 GLA YA . 39.70 -43.28 13.72
C2 GLA YA . 40.68 -43.98 14.64
C3 GLA YA . 40.80 -43.21 15.96
C4 GLA YA . 41.15 -41.74 15.71
C5 GLA YA . 40.13 -41.13 14.72
C6 GLA YA . 40.38 -39.66 14.32
O2 GLA YA . 40.17 -45.28 14.92
O3 GLA YA . 41.82 -43.79 16.75
O4 GLA YA . 42.47 -41.64 15.21
O5 GLA YA . 40.06 -41.91 13.52
O6 GLA YA . 41.56 -39.51 13.55
C2 BGC ZA . 42.22 -56.69 5.75
C3 BGC ZA . 43.03 -55.79 4.83
C4 BGC ZA . 44.49 -56.20 4.83
C5 BGC ZA . 44.69 -57.73 4.66
C6 BGC ZA . 46.10 -58.20 5.01
C1 BGC ZA . 42.45 -58.12 5.31
O1 BGC ZA . 41.65 -58.96 6.05
O2 BGC ZA . 40.84 -56.36 5.70
O3 BGC ZA . 42.91 -54.46 5.31
O4 BGC ZA . 45.19 -55.48 3.80
O5 BGC ZA . 43.81 -58.47 5.53
O6 BGC ZA . 47.00 -57.99 3.94
C1 GAL ZA . 45.65 -54.19 4.12
C2 GAL ZA . 46.71 -53.75 3.10
C3 GAL ZA . 47.17 -52.36 3.41
C4 GAL ZA . 45.95 -51.43 3.43
C5 GAL ZA . 44.90 -51.94 4.41
C6 GAL ZA . 43.62 -51.10 4.36
O2 GAL ZA . 47.82 -54.62 3.14
O3 GAL ZA . 48.09 -51.94 2.41
O4 GAL ZA . 45.38 -51.37 2.10
O5 GAL ZA . 44.54 -53.29 4.09
O6 GAL ZA . 42.72 -51.45 5.39
C1 GLA ZA . 45.16 -50.08 1.65
C2 GLA ZA . 44.38 -50.11 0.37
C3 GLA ZA . 45.28 -50.41 -0.84
C4 GLA ZA . 46.45 -49.47 -0.82
C5 GLA ZA . 47.22 -49.62 0.46
C6 GLA ZA . 48.39 -48.64 0.53
O2 GLA ZA . 43.37 -51.10 0.48
O3 GLA ZA . 44.55 -50.21 -2.05
O4 GLA ZA . 45.95 -48.15 -0.91
O5 GLA ZA . 46.36 -49.31 1.56
O6 GLA ZA . 49.29 -48.82 -0.57
C2 BGC AB . 49.53 -25.03 36.58
C3 BGC AB . 48.96 -25.96 35.52
C4 BGC AB . 50.11 -26.47 34.63
C5 BGC AB . 51.24 -27.08 35.49
C6 BGC AB . 52.49 -27.45 34.69
C1 BGC AB . 50.63 -25.74 37.37
O1 BGC AB . 51.14 -24.87 38.32
O2 BGC AB . 48.50 -24.64 37.47
O3 BGC AB . 48.02 -25.25 34.73
O4 BGC AB . 49.60 -27.47 33.69
O5 BGC AB . 51.68 -26.13 36.48
O6 BGC AB . 53.29 -26.30 34.42
C1 GAL AB . 49.82 -27.22 32.34
C2 GAL AB . 49.67 -28.50 31.52
C3 GAL AB . 49.91 -28.16 30.05
C4 GAL AB . 48.90 -27.09 29.59
C5 GAL AB . 49.14 -25.88 30.49
C6 GAL AB . 48.33 -24.64 30.17
O2 GAL AB . 50.63 -29.45 31.95
O3 GAL AB . 49.84 -29.32 29.23
O4 GAL AB . 47.53 -27.55 29.71
O5 GAL AB . 48.89 -26.23 31.88
O6 GAL AB . 48.83 -23.53 30.90
C1 GLA AB . 46.74 -27.34 28.56
C2 GLA AB . 45.25 -27.55 28.87
C3 GLA AB . 44.97 -29.01 29.15
C4 GLA AB . 45.41 -29.84 27.97
C5 GLA AB . 46.88 -29.58 27.66
C6 GLA AB . 47.40 -30.30 26.42
O2 GLA AB . 44.87 -26.75 29.97
O3 GLA AB . 43.58 -29.20 29.36
O4 GLA AB . 44.59 -29.50 26.86
O5 GLA AB . 47.13 -28.17 27.47
O6 GLA AB . 46.64 -29.99 25.26
C1 GAL BB . 37.09 -38.38 21.82
C2 GAL BB . 36.40 -37.07 21.40
C3 GAL BB . 37.33 -36.21 20.55
C4 GAL BB . 38.65 -36.00 21.26
C5 GAL BB . 39.26 -37.34 21.75
C6 GAL BB . 40.48 -37.14 22.63
O1 GAL BB . 36.27 -39.10 22.66
O2 GAL BB . 35.22 -37.35 20.66
O3 GAL BB . 36.72 -34.97 20.28
O4 GAL BB . 38.47 -35.11 22.38
O5 GAL BB . 38.30 -38.10 22.53
O6 GAL BB . 40.77 -38.32 23.35
C1 GLA BB . 39.33 -33.99 22.42
C2 GLA BB . 39.34 -33.36 23.82
C3 GLA BB . 38.01 -32.65 24.14
C4 GLA BB . 37.58 -31.73 22.99
C5 GLA BB . 37.64 -32.48 21.65
C6 GLA BB . 37.32 -31.61 20.44
O2 GLA BB . 39.60 -34.37 24.79
O3 GLA BB . 38.16 -31.86 25.30
O4 GLA BB . 38.46 -30.60 22.96
O5 GLA BB . 38.96 -33.03 21.44
O6 GLA BB . 38.34 -30.63 20.22
C2 BGC CB . 17.03 -12.66 27.48
C3 BGC CB . 18.13 -13.72 27.31
C4 BGC CB . 19.49 -13.12 27.67
C5 BGC CB . 19.43 -12.52 29.08
C6 BGC CB . 20.69 -11.80 29.47
C1 BGC CB . 17.06 -12.13 28.91
O1 BGC CB . 16.10 -11.15 29.08
O2 BGC CB . 15.76 -13.24 27.22
O3 BGC CB . 18.13 -14.19 25.97
O4 BGC CB . 20.53 -14.14 27.61
O5 BGC CB . 18.35 -11.55 29.16
O6 BGC CB . 20.96 -10.72 28.57
C1 GAL CB . 21.66 -13.85 26.82
C2 GAL CB . 22.86 -14.70 27.27
C3 GAL CB . 24.03 -14.58 26.30
C4 GAL CB . 23.58 -14.78 24.84
C5 GAL CB . 22.42 -13.83 24.57
C6 GAL CB . 21.86 -13.84 23.17
O2 GAL CB . 23.29 -14.27 28.54
O3 GAL CB . 25.04 -15.53 26.67
O4 GAL CB . 23.16 -16.15 24.64
O5 GAL CB . 21.34 -14.15 25.46
O6 GAL CB . 20.81 -12.89 23.02
C1 GLA CB . 23.60 -16.76 23.45
C2 GLA CB . 22.79 -18.03 23.20
C3 GLA CB . 23.08 -19.07 24.28
C4 GLA CB . 24.57 -19.34 24.32
C5 GLA CB . 25.35 -18.03 24.51
C6 GLA CB . 26.87 -18.23 24.45
O2 GLA CB . 21.40 -17.73 23.21
O3 GLA CB . 22.38 -20.27 23.98
O4 GLA CB . 24.98 -19.98 23.12
O5 GLA CB . 24.98 -17.06 23.50
O6 GLA CB . 27.30 -18.64 23.15
C1 GAL DB . 29.28 -31.83 22.34
C2 GAL DB . 28.68 -31.40 21.00
C3 GAL DB . 29.54 -30.29 20.40
C4 GAL DB . 29.55 -29.12 21.39
C5 GAL DB . 30.14 -29.62 22.71
C6 GAL DB . 30.16 -28.57 23.80
O1 GAL DB . 28.47 -32.78 22.94
O2 GAL DB . 28.62 -32.49 20.09
O3 GAL DB . 29.02 -29.89 19.14
O4 GAL DB . 28.19 -28.64 21.59
O5 GAL DB . 29.35 -30.71 23.23
O6 GAL DB . 30.53 -29.13 25.05
C1 GLA DB . 27.96 -27.27 21.37
C2 GLA DB . 26.60 -26.91 21.94
C3 GLA DB . 25.46 -27.55 21.12
C4 GLA DB . 25.63 -27.21 19.64
C5 GLA DB . 27.03 -27.61 19.18
C6 GLA DB . 27.32 -27.28 17.72
O2 GLA DB . 26.53 -27.38 23.29
O3 GLA DB . 24.20 -27.04 21.58
O4 GLA DB . 25.43 -25.82 19.44
O5 GLA DB . 28.02 -26.94 19.99
O6 GLA DB . 27.72 -25.93 17.57
C2 BGC EB . 32.57 -19.51 35.22
C3 BGC EB . 33.16 -18.50 34.24
C4 BGC EB . 32.05 -17.84 33.42
C5 BGC EB . 30.92 -17.30 34.32
C6 BGC EB . 29.68 -16.92 33.54
C1 BGC EB . 31.55 -18.77 36.09
O1 BGC EB . 31.01 -19.61 37.05
O2 BGC EB . 33.59 -20.07 36.04
O3 BGC EB . 34.07 -19.15 33.35
O4 BGC EB . 32.63 -16.75 32.67
O5 BGC EB . 30.50 -18.31 35.26
O6 BGC EB . 29.91 -15.79 32.71
C1 GAL EB . 32.37 -16.72 31.30
C2 GAL EB . 32.77 -15.35 30.73
C3 GAL EB . 32.64 -15.32 29.22
C4 GAL EB . 33.44 -16.49 28.62
C5 GAL EB . 32.95 -17.80 29.26
C6 GAL EB . 33.60 -19.08 28.74
O2 GAL EB . 31.98 -14.31 31.27
O3 GAL EB . 33.13 -14.08 28.75
O4 GAL EB . 34.86 -16.30 28.84
O5 GAL EB . 33.16 -17.76 30.69
O6 GAL EB . 32.75 -20.20 28.97
C1 GLA EB . 35.66 -16.50 27.70
C2 GLA EB . 37.14 -16.51 28.08
C3 GLA EB . 37.62 -15.10 28.39
C4 GLA EB . 37.33 -14.20 27.21
C5 GLA EB . 35.83 -14.21 26.97
C6 GLA EB . 35.38 -13.32 25.82
O2 GLA EB . 37.34 -17.35 29.20
O3 GLA EB . 39.03 -15.12 28.65
O4 GLA EB . 37.99 -14.73 26.07
O5 GLA EB . 35.41 -15.55 26.67
O6 GLA EB . 35.79 -11.98 26.03
C2 BGC FB . -6.19 65.30 15.60
C3 BGC FB . -5.13 64.74 14.65
C4 BGC FB . -4.90 65.72 13.48
C5 BGC FB . -4.58 67.11 14.04
C6 BGC FB . -4.39 68.17 12.96
C1 BGC FB . -5.83 66.72 16.04
O1 BGC FB . -6.87 67.24 16.79
O2 BGC FB . -6.31 64.47 16.74
O3 BGC FB . -5.57 63.49 14.16
O4 BGC FB . -3.79 65.27 12.65
O5 BGC FB . -5.65 67.55 14.89
O6 BGC FB . -5.59 68.41 12.23
C1 GAL FB . -4.06 65.01 11.31
C2 GAL FB . -2.74 64.88 10.55
C3 GAL FB . -3.04 64.53 9.09
C4 GAL FB . -3.76 63.19 9.06
C5 GAL FB . -5.06 63.32 9.87
C6 GAL FB . -5.78 61.98 9.99
O2 GAL FB . -1.99 66.10 10.62
O3 GAL FB . -1.83 64.48 8.35
O4 GAL FB . -2.90 62.16 9.62
O5 GAL FB . -4.80 63.77 11.22
O6 GAL FB . -7.11 62.13 10.46
C1 GLA FB . -2.72 60.98 8.85
C2 GLA FB . -1.98 59.93 9.66
C3 GLA FB . -0.53 60.37 9.91
C4 GLA FB . 0.13 60.66 8.58
C5 GLA FB . -0.68 61.70 7.81
C6 GLA FB . -0.13 62.00 6.42
O2 GLA FB . -2.63 59.73 10.89
O3 GLA FB . 0.19 59.33 10.57
O4 GLA FB . 0.23 59.46 7.83
O5 GLA FB . -2.03 61.24 7.64
O6 GLA FB . -0.21 60.86 5.58
C1 GAL GB . 11.21 54.00 4.65
C2 GAL GB . 10.24 52.83 4.57
C3 GAL GB . 9.21 53.05 3.45
C4 GAL GB . 8.53 54.41 3.62
C5 GAL GB . 9.60 55.50 3.76
C6 GAL GB . 9.07 56.89 4.00
O1 GAL GB . 12.07 53.84 5.72
O2 GAL GB . 10.96 51.62 4.33
O3 GAL GB . 8.22 52.01 3.48
O4 GAL GB . 7.66 54.40 4.76
O5 GAL GB . 10.49 55.20 4.85
O6 GAL GB . 10.14 57.84 4.06
C1 GLA GB . 6.34 54.84 4.55
C2 GLA GB . 5.74 55.33 5.87
C3 GLA GB . 5.59 54.16 6.85
C4 GLA GB . 4.76 53.03 6.20
C5 GLA GB . 5.36 52.67 4.82
C6 GLA GB . 4.53 51.67 4.02
O2 GLA GB . 6.57 56.33 6.45
O3 GLA GB . 4.95 54.62 8.05
O4 GLA GB . 3.39 53.41 6.08
O5 GLA GB . 5.53 53.82 3.99
O6 GLA GB . 3.58 52.33 3.22
C2 BGC HB . -7.04 29.62 16.87
C3 BGC HB . -6.50 30.86 16.13
C4 BGC HB . -7.37 32.08 16.37
C5 BGC HB . -7.66 32.26 17.86
C6 BGC HB . -8.69 33.36 18.07
C1 BGC HB . -7.33 29.93 18.34
O1 BGC HB . -7.95 28.84 18.94
O2 BGC HB . -6.09 28.58 16.78
O3 BGC HB . -6.47 30.59 14.74
O4 BGC HB . -6.69 33.25 15.87
O5 BGC HB . -8.21 31.06 18.44
O6 BGC HB . -9.86 33.12 17.29
C1 GAL HB . -7.27 33.99 14.85
C2 GAL HB . -6.71 35.42 14.90
C3 GAL HB . -7.28 36.21 13.71
C4 GAL HB . -6.87 35.52 12.40
C5 GAL HB . -7.40 34.10 12.44
C6 GAL HB . -7.04 33.27 11.23
O2 GAL HB . -7.06 36.04 16.13
O3 GAL HB . -6.80 37.54 13.73
O4 GAL HB . -5.43 35.51 12.24
O5 GAL HB . -6.90 33.38 13.61
O6 GAL HB . -7.64 31.99 11.31
C1 GLA HB . -4.92 35.76 10.95
C2 GLA HB . -3.44 35.41 10.89
C3 GLA HB . -2.62 36.36 11.75
C4 GLA HB . -2.90 37.78 11.32
C5 GLA HB . -4.41 38.05 11.37
C6 GLA HB . -4.75 39.44 10.87
O2 GLA HB . -3.22 34.08 11.33
O3 GLA HB . -1.23 36.09 11.55
O4 GLA HB . -2.42 37.96 10.01
O5 GLA HB . -5.11 37.10 10.55
O6 GLA HB . -4.08 39.72 9.65
C2 BGC IB . 11.06 47.38 10.42
C3 BGC IB . 10.05 46.32 10.04
C4 BGC IB . 10.05 46.10 8.52
C5 BGC IB . 11.48 45.77 8.06
C6 BGC IB . 11.61 45.67 6.55
C1 BGC IB . 12.44 46.97 9.90
O1 BGC IB . 13.37 47.95 10.20
O2 BGC IB . 11.12 47.52 11.84
O3 BGC IB . 8.74 46.73 10.46
O4 BGC IB . 9.15 45.01 8.19
O5 BGC IB . 12.40 46.82 8.48
O6 BGC IB . 11.40 46.93 5.93
C1 GAL IB . 7.96 45.30 7.52
C2 GAL IB . 7.75 44.28 6.41
C3 GAL IB . 6.44 44.58 5.69
C4 GAL IB . 5.29 44.54 6.71
C5 GAL IB . 5.58 45.51 7.85
C6 GAL IB . 4.51 45.38 8.93
O2 GAL IB . 8.83 44.31 5.49
O3 GAL IB . 6.22 43.66 4.62
O4 GAL IB . 5.14 43.21 7.25
O5 GAL IB . 6.88 45.24 8.46
O6 GAL IB . 4.38 46.58 9.67
C1 GLA IB . 3.86 42.61 7.12
C2 GLA IB . 3.77 41.39 8.03
C3 GLA IB . 4.69 40.25 7.56
C4 GLA IB . 4.47 39.96 6.08
C5 GLA IB . 4.53 41.27 5.26
C6 GLA IB . 4.26 41.14 3.76
O2 GLA IB . 4.13 41.77 9.36
O3 GLA IB . 4.40 39.07 8.31
O4 GLA IB . 3.23 39.30 5.92
O5 GLA IB . 3.60 42.23 5.78
O6 GLA IB . 3.01 40.52 3.50
C2 BGC JB . -6.32 48.61 19.12
C3 BGC JB . -7.30 48.31 18.01
C4 BGC JB . -7.60 46.82 17.87
C5 BGC JB . -7.94 46.24 19.24
C6 BGC JB . -8.21 44.74 19.21
C1 BGC JB . -6.63 47.84 20.41
O1 BGC JB . -5.55 47.95 21.27
O2 BGC JB . -6.35 50.00 19.39
O3 BGC JB . -6.75 48.77 16.79
O4 BGC JB . -8.73 46.63 16.99
O5 BGC JB . -6.83 46.45 20.13
O6 BGC JB . -7.10 44.04 18.65
C1 GAL JB . -8.51 45.96 15.79
C2 GAL JB . -9.87 45.73 15.11
C3 GAL JB . -9.64 45.14 13.74
C4 GAL JB . -8.70 46.04 12.93
C5 GAL JB . -7.42 46.20 13.69
C6 GAL JB . -6.43 47.11 12.99
O2 GAL JB . -10.67 44.86 15.87
O3 GAL JB . -10.91 44.99 13.09
O4 GAL JB . -9.29 47.34 12.69
O5 GAL JB . -7.69 46.79 14.97
O6 GAL JB . -5.28 47.31 13.80
C1 GLA JB . -9.43 47.69 11.33
C2 GLA JB . -9.97 49.12 11.16
C3 GLA JB . -11.48 49.12 11.48
C4 GLA JB . -12.22 48.04 10.62
C5 GLA JB . -11.60 46.71 10.90
C6 GLA JB . -12.22 45.59 10.09
O2 GLA JB . -9.28 50.03 12.02
O3 GLA JB . -12.03 50.41 11.28
O4 GLA JB . -12.11 48.32 9.23
O5 GLA JB . -10.19 46.75 10.57
O6 GLA JB . -13.63 45.54 10.26
C2 BGC KB . 16.80 17.64 -5.74
C3 BGC KB . 16.30 18.83 -4.94
C4 BGC KB . 14.81 18.62 -4.65
C5 BGC KB . 14.62 17.29 -3.89
C6 BGC KB . 13.16 16.94 -3.64
C1 BGC KB . 16.60 16.37 -4.93
O1 BGC KB . 17.03 15.28 -5.67
O2 BGC KB . 18.17 17.80 -6.08
O3 BGC KB . 16.49 20.04 -5.68
O4 BGC KB . 14.30 19.71 -3.85
O5 BGC KB . 15.20 16.19 -4.64
O6 BGC KB . 12.46 16.73 -4.87
C1 GAL KB . 13.15 20.34 -4.29
C2 GAL KB . 12.73 21.34 -3.21
C3 GAL KB . 11.47 22.07 -3.69
C4 GAL KB . 11.80 22.80 -4.99
C5 GAL KB . 12.29 21.78 -6.03
C6 GAL KB . 12.74 22.45 -7.31
O2 GAL KB . 12.50 20.66 -1.99
O3 GAL KB . 11.01 22.99 -2.70
O4 GAL KB . 12.82 23.80 -4.73
O5 GAL KB . 13.43 21.03 -5.52
O6 GAL KB . 13.37 21.53 -8.18
C1 GLA KB . 12.48 25.13 -5.05
C2 GLA KB . 13.67 26.06 -4.81
C3 GLA KB . 13.85 26.33 -3.30
C4 GLA KB . 12.55 26.87 -2.74
C5 GLA KB . 11.45 25.85 -2.96
C6 GLA KB . 10.10 26.32 -2.44
O2 GLA KB . 14.87 25.53 -5.35
O3 GLA KB . 14.89 27.27 -3.10
O4 GLA KB . 12.22 28.08 -3.40
O5 GLA KB . 11.30 25.57 -4.38
O6 GLA KB . 9.52 27.29 -3.29
C2 BGC LB . 13.44 37.20 7.81
C3 BGC LB . 13.33 37.25 6.29
C4 BGC LB . 13.32 38.71 5.76
C5 BGC LB . 14.45 39.53 6.41
C6 BGC LB . 14.31 41.01 6.13
C1 BGC LB . 14.62 38.04 8.27
O1 BGC LB . 14.69 38.01 9.65
O2 BGC LB . 13.59 35.87 8.25
O3 BGC LB . 12.12 36.58 5.91
O4 BGC LB . 13.48 38.72 4.31
O5 BGC LB . 14.44 39.38 7.86
O6 BGC LB . 13.21 41.55 6.85
C1 GAL LB . 12.36 38.61 3.49
C2 GAL LB . 12.70 39.05 2.08
C3 GAL LB . 11.52 38.82 1.14
C4 GAL LB . 11.08 37.35 1.21
C5 GAL LB . 10.80 36.98 2.65
C6 GAL LB . 10.45 35.51 2.82
O2 GAL LB . 13.05 40.44 2.07
O3 GAL LB . 11.87 39.16 -0.20
O4 GAL LB . 12.14 36.51 0.69
O5 GAL LB . 11.97 37.23 3.48
O6 GAL LB . 10.09 35.23 4.16
C1 GLA LB . 11.80 35.51 -0.23
C2 GLA LB . 12.95 34.52 -0.32
C3 GLA LB . 14.22 35.24 -0.80
C4 GLA LB . 13.96 35.95 -2.13
C5 GLA LB . 12.68 36.82 -2.05
C6 GLA LB . 12.23 37.44 -3.38
O2 GLA LB . 13.18 33.93 0.96
O3 GLA LB . 15.27 34.31 -0.98
O4 GLA LB . 13.85 34.98 -3.19
O5 GLA LB . 11.57 36.05 -1.52
O6 GLA LB . 11.18 36.69 -3.97
C2 BGC MB . 32.88 45.34 -20.98
C3 BGC MB . 31.79 44.81 -20.02
C4 BGC MB . 31.26 43.46 -20.50
C5 BGC MB . 32.42 42.49 -20.75
C6 BGC MB . 31.98 41.13 -21.28
C1 BGC MB . 33.93 44.28 -21.23
O1 BGC MB . 34.82 44.74 -22.21
O2 BGC MB . 33.47 46.49 -20.40
O3 BGC MB . 30.73 45.74 -19.95
O4 BGC MB . 30.39 42.91 -19.48
O5 BGC MB . 33.34 43.07 -21.72
O6 BGC MB . 31.17 41.25 -22.45
C1 GAL MB . 29.09 42.59 -19.85
C2 GAL MB . 28.47 41.72 -18.77
C3 GAL MB . 27.01 41.45 -19.12
C4 GAL MB . 26.25 42.77 -19.23
C5 GAL MB . 26.96 43.64 -20.30
C6 GAL MB . 26.35 45.02 -20.48
O2 GAL MB . 29.19 40.49 -18.69
O3 GAL MB . 26.42 40.62 -18.12
O4 GAL MB . 26.21 43.46 -17.96
O5 GAL MB . 28.37 43.83 -19.97
O6 GAL MB . 26.93 45.72 -21.57
C1 GLA MB . 24.95 43.94 -17.53
C2 GLA MB . 25.10 44.90 -16.35
C3 GLA MB . 25.45 44.16 -15.06
C4 GLA MB . 24.48 43.00 -14.82
C5 GLA MB . 24.42 42.10 -16.05
C6 GLA MB . 23.41 40.97 -15.91
O2 GLA MB . 26.10 45.88 -16.63
O3 GLA MB . 25.37 45.07 -13.96
O4 GLA MB . 23.20 43.50 -14.52
O5 GLA MB . 24.04 42.89 -17.20
O6 GLA MB . 22.09 41.44 -15.62
C1 GAL NB . 17.97 42.74 -2.71
C2 GAL NB . 17.42 43.93 -3.53
C3 GAL NB . 16.91 43.42 -4.88
C4 GAL NB . 17.99 42.61 -5.60
C5 GAL NB . 18.59 41.54 -4.69
C6 GAL NB . 19.79 40.85 -5.33
O1 GAL NB . 18.45 43.19 -1.48
O2 GAL NB . 16.34 44.53 -2.80
O3 GAL NB . 16.51 44.51 -5.70
O4 GAL NB . 19.04 43.49 -6.06
O5 GAL NB . 19.04 42.11 -3.44
O6 GAL NB . 20.47 40.04 -4.40
C1 GLA NB . 19.20 43.59 -7.46
C2 GLA NB . 20.60 44.17 -7.76
C3 GLA NB . 20.72 45.63 -7.34
C4 GLA NB . 19.55 46.45 -7.91
C5 GLA NB . 18.21 45.77 -7.56
C6 GLA NB . 16.98 46.45 -8.15
O2 GLA NB . 21.59 43.41 -7.08
O3 GLA NB . 21.95 46.16 -7.84
O4 GLA NB . 19.71 46.56 -9.31
O5 GLA NB . 18.19 44.40 -8.04
O6 GLA NB . 16.63 45.87 -9.39
C2 BGC OB . 26.64 30.00 -12.07
C3 BGC OB . 25.79 29.92 -13.34
C4 BGC OB . 26.21 31.00 -14.32
C5 BGC OB . 27.72 30.93 -14.58
C6 BGC OB . 28.20 32.11 -15.41
C1 BGC OB . 28.12 29.90 -12.46
O1 BGC OB . 28.90 30.01 -11.33
O2 BGC OB . 26.31 28.94 -11.19
O3 BGC OB . 24.42 30.12 -13.01
O4 BGC OB . 25.49 30.84 -15.56
O5 BGC OB . 28.46 30.97 -13.34
O6 BGC OB . 29.52 32.51 -15.07
C1 GAL OB . 24.69 31.89 -15.95
C2 GAL OB . 24.31 31.78 -17.41
C3 GAL OB . 23.39 32.94 -17.78
C4 GAL OB . 22.17 32.95 -16.86
C5 GAL OB . 22.68 33.03 -15.42
C6 GAL OB . 21.61 33.07 -14.35
O2 GAL OB . 25.48 31.83 -18.20
O3 GAL OB . 22.96 32.81 -19.13
O4 GAL OB . 21.41 31.75 -17.05
O5 GAL OB . 23.52 31.88 -15.14
O6 GAL OB . 22.20 33.35 -13.09
C1 GLA OB . 20.02 31.91 -17.16
C2 GLA OB . 19.29 30.65 -16.69
C3 GLA OB . 19.38 29.51 -17.72
C4 GLA OB . 19.00 30.02 -19.13
C5 GLA OB . 19.81 31.27 -19.48
C6 GLA OB . 19.40 31.87 -20.81
O2 GLA OB . 19.84 30.20 -15.46
O3 GLA OB . 18.51 28.47 -17.31
O4 GLA OB . 17.60 30.31 -19.21
O5 GLA OB . 19.61 32.28 -18.48
O6 GLA OB . 20.15 33.05 -21.10
C2 BGC PB . 18.51 74.40 -7.68
C3 BGC PB . 18.49 72.88 -7.69
C4 BGC PB . 19.04 72.35 -9.01
C5 BGC PB . 20.40 72.97 -9.31
C6 BGC PB . 20.92 72.57 -10.69
C1 BGC PB . 19.90 74.93 -8.02
O1 BGC PB . 19.86 76.30 -8.12
O2 BGC PB . 18.13 74.87 -6.39
O3 BGC PB . 17.16 72.43 -7.50
O4 BGC PB . 19.19 70.92 -8.92
O5 BGC PB . 20.31 74.41 -9.29
O6 BGC PB . 19.99 72.89 -11.72
C1 GAL PB . 18.51 70.14 -9.85
C2 GAL PB . 19.07 68.73 -9.83
C3 GAL PB . 18.26 67.84 -10.76
C4 GAL PB . 16.78 67.87 -10.35
C5 GAL PB . 16.33 69.33 -10.38
C6 GAL PB . 14.86 69.54 -9.99
O2 GAL PB . 20.43 68.75 -10.25
O3 GAL PB . 18.76 66.51 -10.72
O4 GAL PB . 16.62 67.32 -9.03
O5 GAL PB . 17.13 70.13 -9.48
O6 GAL PB . 14.50 70.92 -10.09
C1 GLA PB . 15.60 66.36 -8.87
C2 GLA PB . 15.36 66.12 -7.38
C3 GLA PB . 16.59 65.47 -6.77
C4 GLA PB . 16.86 64.16 -7.49
C5 GLA PB . 17.02 64.40 -9.00
C6 GLA PB . 17.17 63.12 -9.80
O2 GLA PB . 15.09 67.33 -6.72
O3 GLA PB . 16.32 65.21 -5.39
O4 GLA PB . 15.77 63.27 -7.25
O5 GLA PB . 15.89 65.12 -9.53
O6 GLA PB . 15.98 62.34 -9.76
C1 GAL QB . 17.31 51.64 -1.79
C2 GAL QB . 15.87 52.12 -1.62
C3 GAL QB . 15.24 52.24 -3.00
C4 GAL QB . 16.05 53.23 -3.83
C5 GAL QB . 17.53 52.81 -3.88
C6 GAL QB . 18.41 53.84 -4.55
O1 GAL QB . 17.93 51.51 -0.55
O2 GAL QB . 15.14 51.19 -0.83
O3 GAL QB . 13.87 52.66 -2.90
O4 GAL QB . 15.93 54.57 -3.28
O5 GAL QB . 18.05 52.61 -2.54
O6 GAL QB . 19.79 53.50 -4.40
C1 GLA QB . 15.43 55.56 -4.15
C2 GLA QB . 15.86 56.94 -3.67
C3 GLA QB . 15.08 57.37 -2.40
C4 GLA QB . 13.58 57.18 -2.62
C5 GLA QB . 13.29 55.76 -3.10
C6 GLA QB . 11.82 55.58 -3.45
O2 GLA QB . 17.25 56.92 -3.37
O3 GLA QB . 15.35 58.76 -2.12
O4 GLA QB . 13.09 58.12 -3.55
O5 GLA QB . 14.03 55.49 -4.30
O6 GLA QB . 11.67 55.09 -4.78
C1 GAL RB . -23.07 18.73 10.89
C2 GAL RB . -21.72 18.38 11.52
C3 GAL RB . -20.65 18.33 10.42
C4 GAL RB . -21.09 17.34 9.33
C5 GAL RB . -22.51 17.68 8.82
C6 GAL RB . -23.07 16.67 7.81
O1 GAL RB . -24.02 18.77 11.89
O2 GAL RB . -21.38 19.33 12.51
O3 GAL RB . -19.39 17.93 10.98
O4 GAL RB . -21.04 16.01 9.83
O5 GAL RB . -23.45 17.75 9.93
O6 GAL RB . -22.52 16.89 6.51
C1 GAL SB . -45.86 -12.31 34.61
C2 GAL SB . -46.10 -12.81 33.17
C3 GAL SB . -45.80 -14.30 33.06
C4 GAL SB . -44.41 -14.61 33.62
C5 GAL SB . -44.26 -14.04 35.04
C6 GAL SB . -42.89 -14.24 35.64
O1 GAL SB . -46.01 -10.93 34.67
O2 GAL SB . -47.44 -12.55 32.80
O3 GAL SB . -45.85 -14.70 31.69
O4 GAL SB . -43.41 -14.05 32.76
O5 GAL SB . -44.52 -12.61 35.04
O6 GAL SB . -42.66 -15.62 35.95
C1 GAL TB . -32.73 -30.19 -11.88
C2 GAL TB . -32.57 -28.78 -11.33
C3 GAL TB . -33.87 -28.01 -11.59
C4 GAL TB . -34.19 -28.03 -13.09
C5 GAL TB . -34.12 -29.45 -13.69
C6 GAL TB . -34.16 -29.45 -15.22
O1 GAL TB . -31.59 -30.94 -11.58
O2 GAL TB . -32.29 -28.85 -9.94
O3 GAL TB . -33.72 -26.66 -11.15
O4 GAL TB . -33.33 -27.14 -13.79
O5 GAL TB . -32.89 -30.12 -13.30
O6 GAL TB . -35.44 -29.05 -15.70
C1 GAL UB . 8.23 -25.75 -28.59
C2 GAL UB . 7.41 -26.46 -29.67
C3 GAL UB . 8.02 -26.13 -31.04
C4 GAL UB . 8.06 -24.61 -31.23
C5 GAL UB . 8.76 -23.92 -30.03
C6 GAL UB . 8.67 -22.41 -30.08
O1 GAL UB . 7.70 -26.02 -27.34
O2 GAL UB . 7.42 -27.87 -29.45
O3 GAL UB . 7.22 -26.72 -32.08
O4 GAL UB . 6.74 -24.11 -31.39
O5 GAL UB . 8.17 -24.34 -28.78
O6 GAL UB . 9.48 -21.86 -31.11
C1 GAL VB . 5.24 -4.57 -12.82
C2 GAL VB . 5.41 -4.75 -14.33
C3 GAL VB . 5.66 -3.39 -14.98
C4 GAL VB . 4.54 -2.41 -14.60
C5 GAL VB . 4.35 -2.37 -13.08
C6 GAL VB . 3.19 -1.50 -12.60
O1 GAL VB . 4.98 -5.79 -12.22
O2 GAL VB . 6.51 -5.62 -14.60
O3 GAL VB . 5.72 -3.55 -16.40
O4 GAL VB . 3.33 -2.79 -15.25
O5 GAL VB . 4.12 -3.71 -12.57
O6 GAL VB . 3.57 -0.13 -12.50
C1 GAL WB . 14.50 -19.91 11.39
C2 GAL WB . 15.13 -18.76 12.20
C3 GAL WB . 14.55 -17.43 11.74
C4 GAL WB . 14.80 -17.28 10.25
C5 GAL WB . 14.18 -18.46 9.49
C6 GAL WB . 14.45 -18.44 7.98
O1 GAL WB . 15.10 -21.11 11.73
O2 GAL WB . 14.88 -18.95 13.59
O3 GAL WB . 15.17 -16.37 12.46
O4 GAL WB . 16.21 -17.22 10.01
O5 GAL WB . 14.72 -19.71 9.98
O6 GAL WB . 13.69 -17.41 7.34
C1 GAL XB . 20.25 -40.83 -5.28
C2 GAL XB . 19.25 -39.85 -4.66
C3 GAL XB . 18.33 -39.28 -5.76
C4 GAL XB . 19.18 -38.65 -6.86
C5 GAL XB . 20.20 -39.69 -7.38
C6 GAL XB . 21.13 -39.16 -8.46
O1 GAL XB . 21.11 -41.28 -4.30
O2 GAL XB . 18.48 -40.53 -3.67
O3 GAL XB . 17.45 -38.32 -5.20
O4 GAL XB . 19.86 -37.51 -6.37
O5 GAL XB . 21.02 -40.19 -6.30
O6 GAL XB . 21.89 -40.21 -9.05
C1 GAL YB . 54.80 -35.02 21.76
C2 GAL YB . 55.00 -35.58 20.35
C3 GAL YB . 56.42 -35.26 19.84
C4 GAL YB . 56.74 -33.77 20.01
C5 GAL YB . 56.41 -33.29 21.44
C6 GAL YB . 56.59 -31.79 21.65
O1 GAL YB . 53.49 -35.25 22.16
O2 GAL YB . 54.80 -37.00 20.35
O3 GAL YB . 56.54 -35.61 18.47
O4 GAL YB . 56.00 -33.00 19.05
O5 GAL YB . 55.03 -33.61 21.77
O6 GAL YB . 57.95 -31.48 21.92
C1 GAL ZB . 2.60 69.20 0.21
C2 GAL ZB . 3.19 68.89 -1.17
C3 GAL ZB . 2.43 69.71 -2.22
C4 GAL ZB . 0.91 69.58 -2.07
C5 GAL ZB . 0.40 69.61 -0.61
C6 GAL ZB . -1.02 69.06 -0.51
O1 GAL ZB . 3.28 68.49 1.19
O2 GAL ZB . 4.58 69.21 -1.20
O3 GAL ZB . 2.81 69.27 -3.52
O4 GAL ZB . 0.48 68.37 -2.67
O5 GAL ZB . 1.23 68.80 0.25
O6 GAL ZB . -1.96 69.90 -1.16
C1 GAL AC . 1.45 23.96 1.77
C2 GAL AC . 0.31 24.94 2.10
C3 GAL AC . -1.03 24.23 1.92
C4 GAL AC . -1.12 23.72 0.48
C5 GAL AC . 0.11 22.85 0.10
C6 GAL AC . 0.15 22.53 -1.39
O1 GAL AC . 2.67 24.58 1.96
O2 GAL AC . 0.42 25.42 3.43
O3 GAL AC . -2.10 25.12 2.20
O4 GAL AC . -1.25 24.82 -0.41
O5 GAL AC . 1.35 23.54 0.40
O6 GAL AC . -0.72 21.44 -1.70
C1 GAL BC . 21.61 58.89 -17.63
C2 GAL BC . 21.31 57.56 -18.32
C3 GAL BC . 21.35 57.77 -19.84
C4 GAL BC . 20.37 58.88 -20.25
C5 GAL BC . 20.49 60.15 -19.36
C6 GAL BC . 19.29 61.09 -19.53
O1 GAL BC . 21.66 58.73 -16.25
O2 GAL BC . 22.25 56.56 -17.92
O3 GAL BC . 21.02 56.55 -20.51
O4 GAL BC . 19.04 58.37 -20.22
O5 GAL BC . 20.56 59.82 -17.95
O6 GAL BC . 19.14 61.50 -20.88
#